data_7NDR
#
_entry.id   7NDR
#
_cell.length_a   141.113
_cell.length_b   81.269
_cell.length_c   186.953
_cell.angle_alpha   90.000
_cell.angle_beta   109.547
_cell.angle_gamma   90.000
#
_symmetry.space_group_name_H-M   'C 1 2 1'
#
loop_
_entity.id
_entity.type
_entity.pdbx_description
1 polymer 'Tripartite tricarboxylate transporter substrate binding protein'
2 non-polymer 1,2-ETHANEDIOL
3 water water
#
_entity_poly.entity_id   1
_entity_poly.type   'polypeptide(L)'
_entity_poly.pdbx_seq_one_letter_code
;MGSSHHHHHHGSGENLYFQSNQPLKIVVPFSAGGTADVLPRLVAEKIRADYAGGVIIENKPGAGGNIGADLVFRAPPDGM
TVLASPPGPIAINHNLYQKLSFDPTRWVPVTILATVPNVLVINPKLPVKSLGEFIAYAKANPKKVTVATQGDGSTSHLTA
AMFMQLTGTELTVIPYKGTAPALIDLIGGNVDVFFDNISSSATYHQAGKVRILAVADEQRSQILPQVPTFAEQQWPAMQA
VTFFSVVAPPGTSAEIAQKLQKQMALALSSNDIRKHFQEQGAVPCGWDPSKTAQFIRQETEKWKKVLKAANVKL
;
_entity_poly.pdbx_strand_id   A,B,C,D,E,F
#
# COMPACT_ATOMS: atom_id res chain seq x y z
N ASN A 21 21.59 -54.99 6.55
CA ASN A 21 20.25 -54.48 6.28
C ASN A 21 20.28 -53.24 5.33
N GLN A 22 19.38 -52.26 5.53
CA GLN A 22 19.09 -51.25 4.52
C GLN A 22 20.18 -50.19 4.52
N PRO A 23 20.68 -49.79 3.35
CA PRO A 23 21.65 -48.69 3.32
C PRO A 23 21.00 -47.33 3.61
N LEU A 24 21.76 -46.47 4.28
CA LEU A 24 21.43 -45.05 4.32
C LEU A 24 21.55 -44.44 2.94
N LYS A 25 20.57 -43.63 2.53
CA LYS A 25 20.64 -42.91 1.27
C LYS A 25 20.68 -41.40 1.55
N ILE A 26 21.67 -40.75 0.96
CA ILE A 26 21.88 -39.31 1.04
C ILE A 26 21.64 -38.73 -0.34
N VAL A 27 20.67 -37.84 -0.44
CA VAL A 27 20.34 -37.20 -1.71
C VAL A 27 21.01 -35.82 -1.69
N VAL A 28 21.87 -35.56 -2.66
CA VAL A 28 22.40 -34.23 -2.94
C VAL A 28 21.59 -33.64 -4.09
N PRO A 29 20.81 -32.55 -3.86
CA PRO A 29 19.89 -32.08 -4.91
C PRO A 29 20.58 -31.17 -5.93
N PHE A 30 21.79 -31.59 -6.29
CA PHE A 30 22.61 -30.90 -7.29
C PHE A 30 23.45 -31.94 -8.02
N SER A 31 24.03 -31.50 -9.14
CA SER A 31 24.87 -32.35 -9.96
C SER A 31 26.14 -32.71 -9.22
N ALA A 32 26.76 -33.78 -9.69
CA ALA A 32 28.01 -34.26 -9.11
C ALA A 32 29.17 -33.38 -9.52
N GLY A 33 30.20 -33.39 -8.67
CA GLY A 33 31.42 -32.66 -8.96
C GLY A 33 31.75 -31.50 -8.05
N GLY A 34 30.75 -30.68 -7.75
CA GLY A 34 30.99 -29.48 -6.97
C GLY A 34 31.17 -29.76 -5.47
N THR A 35 31.38 -28.67 -4.73
CA THR A 35 31.49 -28.77 -3.27
C THR A 35 30.25 -29.36 -2.66
N ALA A 36 29.05 -29.01 -3.17
CA ALA A 36 27.81 -29.59 -2.66
C ALA A 36 27.85 -31.11 -2.71
N ASP A 37 28.52 -31.68 -3.72
CA ASP A 37 28.63 -33.13 -3.85
C ASP A 37 29.81 -33.70 -3.10
N VAL A 38 30.95 -32.98 -3.08
CA VAL A 38 32.18 -33.50 -2.46
C VAL A 38 32.01 -33.74 -0.96
N LEU A 39 31.39 -32.78 -0.25
CA LEU A 39 31.40 -32.86 1.21
C LEU A 39 30.56 -34.02 1.73
N PRO A 40 29.33 -34.24 1.25
CA PRO A 40 28.56 -35.40 1.74
C PRO A 40 29.21 -36.73 1.38
N ARG A 41 29.87 -36.82 0.23
CA ARG A 41 30.54 -38.07 -0.14
C ARG A 41 31.76 -38.36 0.75
N LEU A 42 32.50 -37.32 1.10
CA LEU A 42 33.57 -37.47 2.08
C LEU A 42 33.03 -38.04 3.39
N VAL A 43 31.99 -37.40 3.94
CA VAL A 43 31.35 -37.88 5.17
C VAL A 43 30.80 -39.29 4.98
N ALA A 44 30.22 -39.57 3.81
CA ALA A 44 29.64 -40.89 3.57
C ALA A 44 30.69 -41.98 3.77
N GLU A 45 31.88 -41.81 3.18
N GLU A 45 31.88 -41.82 3.18
CA GLU A 45 32.94 -42.80 3.29
CA GLU A 45 32.90 -42.86 3.31
C GLU A 45 33.29 -43.12 4.74
C GLU A 45 33.28 -43.13 4.75
N LYS A 46 33.16 -42.14 5.63
CA LYS A 46 33.47 -42.36 7.04
C LYS A 46 32.33 -43.08 7.76
N ILE A 47 31.07 -42.69 7.55
CA ILE A 47 29.98 -43.37 8.25
C ILE A 47 29.55 -44.69 7.61
N ARG A 48 30.09 -45.05 6.44
CA ARG A 48 29.83 -46.38 5.91
C ARG A 48 30.10 -47.45 6.94
N ALA A 49 31.07 -47.23 7.84
CA ALA A 49 31.39 -48.22 8.87
C ALA A 49 30.27 -48.39 9.88
N ASP A 50 29.37 -47.40 9.98
CA ASP A 50 28.27 -47.46 10.92
C ASP A 50 27.01 -48.10 10.36
N TYR A 51 26.96 -48.42 9.06
CA TYR A 51 25.77 -48.97 8.42
C TYR A 51 26.09 -50.29 7.72
N ALA A 52 25.44 -51.35 8.16
CA ALA A 52 25.70 -52.67 7.59
C ALA A 52 25.33 -52.73 6.12
N GLY A 53 24.32 -52.00 5.70
CA GLY A 53 23.96 -51.97 4.30
C GLY A 53 24.70 -51.01 3.43
N GLY A 54 25.57 -50.14 4.04
CA GLY A 54 26.26 -49.13 3.28
C GLY A 54 25.55 -47.80 3.26
N VAL A 55 26.07 -46.92 2.39
CA VAL A 55 25.59 -45.54 2.24
C VAL A 55 25.54 -45.18 0.76
N ILE A 56 24.35 -44.88 0.26
CA ILE A 56 24.16 -44.49 -1.13
C ILE A 56 24.17 -42.97 -1.19
N ILE A 57 24.93 -42.42 -2.13
CA ILE A 57 24.82 -41.01 -2.45
C ILE A 57 24.17 -40.92 -3.82
N GLU A 58 23.11 -40.09 -3.94
CA GLU A 58 22.47 -39.84 -5.23
C GLU A 58 22.46 -38.36 -5.54
N ASN A 59 22.71 -38.02 -6.79
CA ASN A 59 22.57 -36.64 -7.27
C ASN A 59 21.23 -36.49 -7.98
N LYS A 60 20.44 -35.54 -7.52
CA LYS A 60 19.12 -35.25 -8.11
C LYS A 60 18.99 -33.75 -8.37
N PRO A 61 19.61 -33.25 -9.44
CA PRO A 61 19.57 -31.80 -9.71
C PRO A 61 18.22 -31.35 -10.26
N GLY A 62 17.97 -30.05 -10.10
CA GLY A 62 16.81 -29.44 -10.73
C GLY A 62 16.21 -28.36 -9.88
N ALA A 63 15.88 -27.23 -10.52
CA ALA A 63 15.10 -26.15 -9.93
C ALA A 63 15.66 -25.71 -8.58
N GLY A 64 16.94 -25.33 -8.59
CA GLY A 64 17.53 -24.75 -7.40
C GLY A 64 17.59 -25.71 -6.21
N GLY A 65 17.57 -27.00 -6.46
CA GLY A 65 17.54 -28.00 -5.40
C GLY A 65 16.17 -28.47 -5.01
N ASN A 66 15.10 -27.90 -5.60
CA ASN A 66 13.75 -28.23 -5.16
C ASN A 66 13.30 -29.60 -5.60
N ILE A 67 13.79 -30.10 -6.74
CA ILE A 67 13.38 -31.42 -7.21
C ILE A 67 13.90 -32.50 -6.26
N GLY A 68 15.20 -32.48 -5.99
CA GLY A 68 15.77 -33.46 -5.09
C GLY A 68 15.26 -33.30 -3.66
N ALA A 69 15.09 -32.05 -3.24
CA ALA A 69 14.53 -31.79 -1.92
C ALA A 69 13.16 -32.43 -1.75
N ASP A 70 12.31 -32.36 -2.80
CA ASP A 70 10.96 -32.92 -2.70
C ASP A 70 11.01 -34.41 -2.52
N LEU A 71 12.00 -35.08 -3.14
CA LEU A 71 12.09 -36.54 -3.04
C LEU A 71 12.46 -36.99 -1.62
N VAL A 72 13.26 -36.22 -0.90
CA VAL A 72 13.53 -36.55 0.49
C VAL A 72 12.36 -36.12 1.38
N PHE A 73 11.76 -34.98 1.09
CA PHE A 73 10.70 -34.43 1.94
C PHE A 73 9.56 -35.44 2.12
N ARG A 74 9.31 -36.24 1.09
CA ARG A 74 8.22 -37.22 1.04
C ARG A 74 8.62 -38.62 1.44
N ALA A 75 9.90 -38.87 1.75
CA ALA A 75 10.36 -40.20 2.08
C ALA A 75 10.01 -40.53 3.53
N PRO A 76 10.10 -41.81 3.90
CA PRO A 76 9.72 -42.22 5.29
C PRO A 76 10.62 -41.58 6.33
N PRO A 77 10.04 -41.10 7.47
CA PRO A 77 10.88 -40.39 8.47
C PRO A 77 11.57 -41.36 9.42
N ASP A 78 12.36 -42.28 8.86
CA ASP A 78 13.09 -43.25 9.65
C ASP A 78 14.58 -42.95 9.70
N GLY A 79 15.01 -41.82 9.15
CA GLY A 79 16.42 -41.49 9.16
C GLY A 79 17.28 -42.23 8.17
N MET A 80 16.67 -43.03 7.29
CA MET A 80 17.39 -43.77 6.26
C MET A 80 17.36 -43.08 4.90
N THR A 81 16.69 -41.94 4.82
CA THR A 81 16.74 -41.05 3.65
C THR A 81 16.93 -39.62 4.15
N VAL A 82 18.03 -38.97 3.74
CA VAL A 82 18.32 -37.59 4.17
C VAL A 82 18.77 -36.79 2.96
N LEU A 83 18.67 -35.48 3.10
CA LEU A 83 19.06 -34.52 2.08
C LEU A 83 20.29 -33.76 2.56
N ALA A 84 21.33 -33.71 1.70
CA ALA A 84 22.54 -32.95 2.01
C ALA A 84 22.67 -31.83 0.98
N SER A 85 22.51 -30.58 1.41
CA SER A 85 22.30 -29.49 0.45
C SER A 85 22.87 -28.17 0.96
N PRO A 86 23.39 -27.33 0.06
CA PRO A 86 23.53 -25.91 0.40
C PRO A 86 22.18 -25.26 0.66
N PRO A 87 22.13 -23.94 0.91
CA PRO A 87 20.98 -23.38 1.64
C PRO A 87 19.69 -23.31 0.86
N GLY A 88 19.71 -23.47 -0.46
CA GLY A 88 18.53 -23.25 -1.26
C GLY A 88 17.27 -23.86 -0.73
N PRO A 89 17.16 -25.19 -0.78
CA PRO A 89 15.94 -25.85 -0.29
C PRO A 89 15.83 -25.94 1.22
N ILE A 90 16.84 -25.44 1.94
CA ILE A 90 16.87 -25.50 3.39
C ILE A 90 16.38 -24.20 4.00
N ALA A 91 16.78 -23.06 3.44
CA ALA A 91 16.56 -21.78 4.13
C ALA A 91 16.10 -20.64 3.23
N ILE A 92 16.20 -20.76 1.91
CA ILE A 92 16.00 -19.64 1.01
C ILE A 92 14.73 -19.78 0.20
N ASN A 93 14.50 -20.97 -0.40
CA ASN A 93 13.63 -21.04 -1.56
C ASN A 93 12.17 -20.77 -1.25
N HIS A 94 11.73 -21.02 -0.01
CA HIS A 94 10.34 -20.73 0.32
C HIS A 94 10.07 -19.23 0.40
N ASN A 95 11.11 -18.41 0.43
CA ASN A 95 10.97 -16.96 0.37
C ASN A 95 11.40 -16.40 -0.98
N LEU A 96 11.91 -17.25 -1.85
CA LEU A 96 12.38 -16.86 -3.18
C LEU A 96 11.42 -17.34 -4.26
N TYR A 97 11.01 -18.60 -4.21
CA TYR A 97 10.05 -19.13 -5.16
C TYR A 97 8.63 -18.81 -4.70
N GLN A 98 7.79 -18.38 -5.64
CA GLN A 98 6.44 -17.97 -5.25
C GLN A 98 5.65 -19.13 -4.67
N LYS A 99 5.93 -20.36 -5.11
CA LYS A 99 5.27 -21.54 -4.57
C LYS A 99 6.20 -22.75 -4.63
N LEU A 100 6.26 -23.50 -3.52
CA LEU A 100 7.02 -24.73 -3.42
C LEU A 100 6.12 -25.91 -3.06
N SER A 101 6.55 -27.09 -3.45
CA SER A 101 5.83 -28.32 -3.13
C SER A 101 6.15 -28.85 -1.74
N PHE A 102 6.91 -28.11 -0.94
CA PHE A 102 7.34 -28.57 0.36
C PHE A 102 7.63 -27.36 1.20
N ASP A 103 7.65 -27.54 2.52
CA ASP A 103 7.88 -26.43 3.43
C ASP A 103 9.22 -26.61 4.13
N PRO A 104 10.26 -25.85 3.79
CA PRO A 104 11.56 -26.01 4.49
C PRO A 104 11.47 -25.84 5.99
N THR A 105 10.48 -25.08 6.50
CA THR A 105 10.38 -24.90 7.95
C THR A 105 9.98 -26.19 8.65
N ARG A 106 9.55 -27.20 7.91
CA ARG A 106 9.21 -28.47 8.51
C ARG A 106 10.33 -29.51 8.45
N TRP A 107 11.47 -29.19 7.84
CA TRP A 107 12.60 -30.11 7.87
C TRP A 107 12.96 -30.47 9.29
N VAL A 108 13.42 -31.70 9.52
CA VAL A 108 14.03 -32.08 10.78
C VAL A 108 15.55 -31.88 10.67
N PRO A 109 16.12 -30.88 11.33
CA PRO A 109 17.56 -30.66 11.15
C PRO A 109 18.36 -31.77 11.77
N VAL A 110 19.45 -32.13 11.10
CA VAL A 110 20.45 -33.08 11.63
C VAL A 110 21.74 -32.37 12.02
N THR A 111 22.44 -31.78 11.05
CA THR A 111 23.67 -31.07 11.36
C THR A 111 23.98 -30.11 10.23
N ILE A 112 24.93 -29.24 10.51
CA ILE A 112 25.61 -28.44 9.51
C ILE A 112 26.97 -29.09 9.27
N LEU A 113 27.21 -29.52 8.03
CA LEU A 113 28.48 -30.17 7.74
C LEU A 113 29.61 -29.15 7.74
N ALA A 114 29.40 -28.01 7.08
CA ALA A 114 30.49 -27.05 6.88
C ALA A 114 29.94 -25.72 6.40
N THR A 115 30.82 -24.74 6.37
CA THR A 115 30.55 -23.43 5.79
C THR A 115 31.70 -23.07 4.86
N VAL A 116 31.38 -22.30 3.82
CA VAL A 116 32.31 -21.75 2.84
C VAL A 116 32.01 -20.26 2.73
N PRO A 117 32.98 -19.37 2.92
CA PRO A 117 32.69 -17.93 2.89
C PRO A 117 32.62 -17.36 1.48
N ASN A 118 31.74 -16.39 1.34
CA ASN A 118 31.79 -15.53 0.17
C ASN A 118 32.66 -14.32 0.43
N VAL A 119 33.09 -13.68 -0.66
CA VAL A 119 34.10 -12.63 -0.65
C VAL A 119 33.72 -11.56 -1.66
N LEU A 120 34.22 -10.36 -1.41
CA LEU A 120 34.09 -9.24 -2.33
C LEU A 120 35.30 -9.21 -3.27
N VAL A 121 35.04 -9.41 -4.56
CA VAL A 121 36.07 -9.45 -5.58
C VAL A 121 35.86 -8.30 -6.54
N ILE A 122 36.96 -7.61 -6.93
CA ILE A 122 36.86 -6.47 -7.86
C ILE A 122 37.83 -6.66 -9.02
N ASN A 123 37.49 -6.04 -10.14
CA ASN A 123 38.44 -5.90 -11.22
C ASN A 123 39.58 -4.97 -10.78
N PRO A 124 40.83 -5.28 -11.12
CA PRO A 124 41.95 -4.51 -10.56
C PRO A 124 42.02 -3.07 -11.05
N LYS A 125 41.34 -2.74 -12.14
CA LYS A 125 41.42 -1.38 -12.67
C LYS A 125 40.50 -0.40 -11.96
N LEU A 126 39.68 -0.84 -11.01
CA LEU A 126 38.90 0.12 -10.23
C LEU A 126 39.85 1.01 -9.44
N PRO A 127 39.67 2.34 -9.46
CA PRO A 127 40.61 3.26 -8.78
C PRO A 127 40.41 3.29 -7.26
N VAL A 128 40.52 2.12 -6.64
CA VAL A 128 40.35 1.94 -5.19
C VAL A 128 41.34 0.89 -4.74
N LYS A 129 41.80 1.02 -3.50
CA LYS A 129 42.77 0.08 -2.96
C LYS A 129 42.31 -0.58 -1.66
N SER A 130 41.08 -0.32 -1.22
CA SER A 130 40.60 -0.88 0.03
C SER A 130 39.09 -0.99 -0.01
N LEU A 131 38.54 -1.71 0.97
CA LEU A 131 37.10 -1.81 1.10
C LEU A 131 36.48 -0.43 1.31
N GLY A 132 37.05 0.36 2.22
CA GLY A 132 36.47 1.66 2.50
C GLY A 132 36.42 2.56 1.29
N GLU A 133 37.53 2.61 0.53
CA GLU A 133 37.58 3.40 -0.69
C GLU A 133 36.58 2.89 -1.72
N PHE A 134 36.42 1.57 -1.82
CA PHE A 134 35.44 1.03 -2.76
C PHE A 134 34.02 1.44 -2.37
N ILE A 135 33.70 1.45 -1.07
CA ILE A 135 32.37 1.88 -0.65
C ILE A 135 32.16 3.37 -0.99
N ALA A 136 33.17 4.20 -0.70
CA ALA A 136 33.06 5.62 -1.04
C ALA A 136 32.91 5.82 -2.55
N TYR A 137 33.62 5.01 -3.33
CA TYR A 137 33.55 5.12 -4.79
C TYR A 137 32.16 4.78 -5.31
N ALA A 138 31.54 3.73 -4.74
CA ALA A 138 30.18 3.36 -5.15
C ALA A 138 29.17 4.39 -4.69
N LYS A 139 29.34 4.93 -3.47
CA LYS A 139 28.41 5.94 -2.98
C LYS A 139 28.43 7.20 -3.85
N ALA A 140 29.60 7.57 -4.36
CA ALA A 140 29.73 8.75 -5.21
C ALA A 140 29.28 8.53 -6.64
N ASN A 141 29.05 7.30 -7.07
CA ASN A 141 28.60 7.00 -8.43
C ASN A 141 27.49 5.96 -8.39
N PRO A 142 26.33 6.33 -7.86
CA PRO A 142 25.25 5.33 -7.70
C PRO A 142 24.90 4.70 -9.03
N LYS A 143 24.81 3.37 -9.02
CA LYS A 143 24.39 2.53 -10.13
C LYS A 143 25.42 2.50 -11.26
N LYS A 144 26.56 3.16 -11.12
CA LYS A 144 27.57 3.12 -12.16
C LYS A 144 28.49 1.91 -12.03
N VAL A 145 28.73 1.42 -10.83
CA VAL A 145 29.54 0.21 -10.63
C VAL A 145 28.63 -1.00 -10.83
N THR A 146 29.09 -1.95 -11.65
CA THR A 146 28.34 -3.15 -11.95
C THR A 146 28.83 -4.33 -11.13
N VAL A 147 27.87 -5.20 -10.77
CA VAL A 147 28.16 -6.39 -9.98
C VAL A 147 27.61 -7.62 -10.70
N ALA A 148 28.43 -8.66 -10.80
CA ALA A 148 28.01 -9.91 -11.45
C ALA A 148 27.30 -10.81 -10.47
N THR A 149 26.26 -11.46 -10.95
CA THR A 149 25.55 -12.49 -10.19
C THR A 149 25.32 -13.74 -11.05
N GLN A 150 24.80 -14.79 -10.42
CA GLN A 150 24.36 -15.98 -11.12
C GLN A 150 22.84 -16.03 -11.26
N GLY A 151 22.20 -14.85 -11.30
CA GLY A 151 20.77 -14.75 -11.41
C GLY A 151 20.09 -14.44 -10.09
N ASP A 152 18.83 -14.02 -10.19
CA ASP A 152 18.07 -13.65 -9.00
C ASP A 152 17.99 -14.82 -8.04
N GLY A 153 18.23 -14.57 -6.76
CA GLY A 153 18.23 -15.59 -5.76
C GLY A 153 19.55 -16.30 -5.56
N SER A 154 20.48 -16.20 -6.52
CA SER A 154 21.75 -16.90 -6.38
C SER A 154 22.50 -16.37 -5.16
N THR A 155 23.38 -17.22 -4.62
CA THR A 155 24.17 -16.78 -3.48
C THR A 155 24.88 -15.47 -3.79
N SER A 156 25.43 -15.32 -5.00
CA SER A 156 26.20 -14.11 -5.30
C SER A 156 25.29 -12.89 -5.43
N HIS A 157 24.07 -13.10 -5.88
CA HIS A 157 23.09 -12.02 -5.91
C HIS A 157 22.67 -11.61 -4.51
N LEU A 158 22.32 -12.59 -3.68
CA LEU A 158 21.89 -12.28 -2.32
C LEU A 158 22.99 -11.62 -1.51
N THR A 159 24.24 -12.03 -1.74
CA THR A 159 25.35 -11.42 -0.99
C THR A 159 25.58 -9.98 -1.43
N ALA A 160 25.43 -9.73 -2.73
CA ALA A 160 25.55 -8.35 -3.21
C ALA A 160 24.41 -7.50 -2.65
N ALA A 161 23.21 -8.06 -2.55
CA ALA A 161 22.09 -7.31 -2.01
C ALA A 161 22.29 -7.00 -0.50
N MET A 162 22.77 -7.99 0.25
CA MET A 162 23.11 -7.72 1.64
C MET A 162 24.15 -6.60 1.73
N PHE A 163 25.18 -6.67 0.89
CA PHE A 163 26.22 -5.67 0.92
C PHE A 163 25.66 -4.29 0.60
N MET A 164 24.83 -4.22 -0.45
CA MET A 164 24.22 -2.95 -0.82
C MET A 164 23.38 -2.38 0.33
N GLN A 165 22.61 -3.23 0.99
CA GLN A 165 21.70 -2.79 2.04
C GLN A 165 22.49 -2.30 3.24
N LEU A 166 23.56 -3.00 3.61
CA LEU A 166 24.33 -2.61 4.79
C LEU A 166 25.05 -1.29 4.57
N THR A 167 25.65 -1.10 3.37
CA THR A 167 26.57 0.00 3.13
C THR A 167 25.91 1.21 2.49
N GLY A 168 24.61 1.13 2.22
CA GLY A 168 23.93 2.16 1.48
C GLY A 168 24.56 2.44 0.13
N THR A 169 24.80 1.39 -0.66
CA THR A 169 25.32 1.55 -2.02
C THR A 169 24.34 0.97 -3.02
N GLU A 170 24.52 1.35 -4.27
CA GLU A 170 23.67 0.86 -5.36
C GLU A 170 24.58 0.38 -6.49
N LEU A 171 24.63 -0.94 -6.67
CA LEU A 171 25.41 -1.57 -7.72
C LEU A 171 24.45 -2.08 -8.78
N THR A 172 24.85 -2.00 -10.04
CA THR A 172 24.00 -2.42 -11.15
C THR A 172 24.31 -3.87 -11.49
N VAL A 173 23.31 -4.73 -11.40
CA VAL A 173 23.51 -6.17 -11.52
C VAL A 173 23.68 -6.55 -12.98
N ILE A 174 24.58 -7.50 -13.20
CA ILE A 174 24.69 -8.18 -14.50
C ILE A 174 24.60 -9.68 -14.25
N PRO A 175 23.51 -10.35 -14.67
CA PRO A 175 23.40 -11.79 -14.44
C PRO A 175 24.19 -12.60 -15.45
N TYR A 176 24.76 -13.72 -14.96
CA TYR A 176 25.57 -14.63 -15.76
C TYR A 176 24.99 -16.03 -15.61
N LYS A 177 25.27 -16.89 -16.60
CA LYS A 177 24.76 -18.25 -16.56
C LYS A 177 25.57 -19.14 -15.62
N GLY A 178 26.84 -18.83 -15.42
CA GLY A 178 27.69 -19.60 -14.55
C GLY A 178 28.80 -18.74 -13.97
N THR A 179 29.60 -19.35 -13.08
CA THR A 179 30.74 -18.63 -12.51
C THR A 179 31.79 -18.32 -13.57
N ALA A 180 32.02 -19.25 -14.49
CA ALA A 180 33.09 -19.04 -15.46
C ALA A 180 32.86 -17.83 -16.34
N PRO A 181 31.66 -17.60 -16.91
CA PRO A 181 31.47 -16.39 -17.71
C PRO A 181 31.54 -15.10 -16.89
N ALA A 182 31.19 -15.16 -15.60
CA ALA A 182 31.29 -13.98 -14.75
C ALA A 182 32.75 -13.56 -14.55
N LEU A 183 33.62 -14.54 -14.27
CA LEU A 183 35.02 -14.23 -14.03
C LEU A 183 35.72 -13.73 -15.28
N ILE A 184 35.35 -14.28 -16.44
CA ILE A 184 35.92 -13.80 -17.69
C ILE A 184 35.68 -12.31 -17.84
N ASP A 185 34.44 -11.87 -17.57
CA ASP A 185 34.14 -10.44 -17.62
C ASP A 185 34.81 -9.68 -16.47
N LEU A 186 34.81 -10.26 -15.27
CA LEU A 186 35.43 -9.55 -14.15
C LEU A 186 36.90 -9.30 -14.44
N ILE A 187 37.59 -10.29 -15.02
CA ILE A 187 39.00 -10.15 -15.30
C ILE A 187 39.21 -9.15 -16.42
N GLY A 188 38.33 -9.15 -17.41
CA GLY A 188 38.42 -8.26 -18.54
C GLY A 188 37.98 -6.85 -18.28
N GLY A 189 37.35 -6.59 -17.14
CA GLY A 189 36.89 -5.26 -16.82
C GLY A 189 35.50 -4.90 -17.31
N ASN A 190 34.76 -5.87 -17.86
CA ASN A 190 33.42 -5.61 -18.37
C ASN A 190 32.36 -5.68 -17.29
N VAL A 191 32.73 -6.16 -16.09
CA VAL A 191 31.93 -6.04 -14.88
C VAL A 191 32.92 -5.72 -13.75
N ASP A 192 32.47 -4.92 -12.78
CA ASP A 192 33.44 -4.33 -11.86
C ASP A 192 33.62 -5.13 -10.56
N VAL A 193 32.57 -5.78 -10.08
N VAL A 193 32.57 -5.82 -10.11
CA VAL A 193 32.65 -6.49 -8.82
CA VAL A 193 32.54 -6.45 -8.81
C VAL A 193 31.88 -7.79 -8.91
C VAL A 193 31.88 -7.81 -8.93
N PHE A 194 32.23 -8.72 -8.02
CA PHE A 194 31.62 -10.04 -7.99
C PHE A 194 31.75 -10.55 -6.58
N PHE A 195 30.64 -11.00 -5.98
CA PHE A 195 30.65 -11.60 -4.65
C PHE A 195 30.71 -13.12 -4.81
N ASP A 196 31.91 -13.61 -5.00
CA ASP A 196 32.20 -15.00 -5.27
C ASP A 196 32.46 -15.75 -3.98
N ASN A 197 32.55 -17.08 -4.06
CA ASN A 197 33.05 -17.84 -2.91
C ASN A 197 34.56 -17.84 -2.98
N ILE A 198 35.20 -17.97 -1.82
CA ILE A 198 36.66 -17.84 -1.74
C ILE A 198 37.36 -18.90 -2.59
N SER A 199 36.81 -20.10 -2.67
CA SER A 199 37.51 -21.15 -3.39
C SER A 199 37.57 -20.86 -4.89
N SER A 200 36.55 -20.23 -5.45
CA SER A 200 36.52 -19.95 -6.87
C SER A 200 37.51 -18.84 -7.26
N SER A 201 37.63 -17.81 -6.44
CA SER A 201 38.39 -16.64 -6.84
C SER A 201 39.84 -16.68 -6.40
N ALA A 202 40.23 -17.56 -5.49
CA ALA A 202 41.56 -17.47 -4.87
C ALA A 202 42.67 -17.44 -5.93
N THR A 203 42.62 -18.37 -6.89
CA THR A 203 43.70 -18.49 -7.86
C THR A 203 43.80 -17.22 -8.70
N TYR A 204 42.68 -16.61 -9.07
CA TYR A 204 42.78 -15.40 -9.87
C TYR A 204 43.25 -14.21 -9.04
N HIS A 205 42.93 -14.20 -7.75
CA HIS A 205 43.47 -13.18 -6.85
C HIS A 205 44.99 -13.34 -6.70
N GLN A 206 45.46 -14.56 -6.55
CA GLN A 206 46.90 -14.77 -6.39
C GLN A 206 47.68 -14.39 -7.65
N ALA A 207 47.06 -14.52 -8.81
CA ALA A 207 47.73 -14.17 -10.04
C ALA A 207 47.53 -12.71 -10.42
N GLY A 208 46.91 -11.92 -9.55
CA GLY A 208 46.62 -10.53 -9.83
C GLY A 208 45.53 -10.22 -10.83
N LYS A 209 44.78 -11.22 -11.31
CA LYS A 209 43.75 -10.98 -12.32
C LYS A 209 42.50 -10.30 -11.72
N VAL A 210 42.28 -10.49 -10.42
CA VAL A 210 41.22 -9.85 -9.65
C VAL A 210 41.78 -9.52 -8.28
N ARG A 211 41.03 -8.75 -7.50
CA ARG A 211 41.42 -8.40 -6.13
C ARG A 211 40.29 -8.71 -5.15
N ILE A 212 40.57 -9.58 -4.19
CA ILE A 212 39.62 -9.86 -3.13
C ILE A 212 39.87 -8.84 -2.02
N LEU A 213 38.86 -8.03 -1.74
CA LEU A 213 39.01 -6.98 -0.71
C LEU A 213 38.62 -7.43 0.69
N ALA A 214 37.72 -8.41 0.84
CA ALA A 214 37.23 -8.79 2.17
C ALA A 214 36.47 -10.10 2.09
N VAL A 215 36.51 -10.84 3.21
CA VAL A 215 35.82 -12.12 3.38
C VAL A 215 34.65 -11.89 4.32
N ALA A 216 33.46 -12.32 3.89
CA ALA A 216 32.24 -12.12 4.68
C ALA A 216 32.03 -13.26 5.68
N ASP A 217 32.96 -13.33 6.64
CA ASP A 217 32.92 -14.36 7.66
C ASP A 217 33.50 -13.82 8.98
N GLU A 218 33.46 -14.67 10.02
CA GLU A 218 33.94 -14.24 11.34
C GLU A 218 35.44 -14.39 11.47
N GLN A 219 36.04 -15.27 10.69
CA GLN A 219 37.49 -15.45 10.66
C GLN A 219 37.95 -15.47 9.21
N ARG A 220 39.23 -15.26 9.01
CA ARG A 220 39.82 -15.32 7.69
C ARG A 220 39.85 -16.76 7.17
N SER A 221 40.08 -16.88 5.87
CA SER A 221 40.16 -18.19 5.23
C SER A 221 41.60 -18.58 5.05
N GLN A 222 41.95 -19.80 5.47
CA GLN A 222 43.33 -20.28 5.31
C GLN A 222 43.75 -20.47 3.86
N ILE A 223 42.81 -20.44 2.92
CA ILE A 223 43.25 -20.43 1.52
C ILE A 223 44.02 -19.15 1.22
N LEU A 224 43.59 -18.04 1.81
CA LEU A 224 44.24 -16.72 1.61
C LEU A 224 44.39 -16.05 2.97
N PRO A 225 45.35 -16.52 3.78
CA PRO A 225 45.45 -16.05 5.19
C PRO A 225 45.64 -14.53 5.32
N GLN A 226 46.10 -13.86 4.26
CA GLN A 226 46.35 -12.43 4.32
C GLN A 226 45.12 -11.60 3.96
N VAL A 227 44.06 -12.22 3.43
CA VAL A 227 42.89 -11.44 3.04
C VAL A 227 42.01 -11.21 4.29
N PRO A 228 41.77 -9.97 4.68
CA PRO A 228 41.00 -9.74 5.91
C PRO A 228 39.49 -9.93 5.73
N THR A 229 38.81 -10.10 6.85
CA THR A 229 37.37 -10.14 6.88
C THR A 229 36.76 -8.75 6.79
N PHE A 230 35.48 -8.74 6.47
CA PHE A 230 34.70 -7.50 6.60
C PHE A 230 34.73 -6.99 8.04
N ALA A 231 34.66 -7.90 9.00
CA ALA A 231 34.56 -7.54 10.41
C ALA A 231 35.80 -6.82 10.89
N GLU A 232 36.99 -7.23 10.43
CA GLU A 232 38.21 -6.52 10.77
C GLU A 232 38.26 -5.13 10.16
N GLN A 233 37.47 -4.88 9.13
CA GLN A 233 37.46 -3.62 8.41
C GLN A 233 36.19 -2.84 8.68
N GLN A 234 35.70 -2.88 9.92
CA GLN A 234 34.61 -2.03 10.43
C GLN A 234 33.23 -2.47 9.97
N TRP A 235 33.09 -3.68 9.40
CA TRP A 235 31.82 -4.16 8.87
C TRP A 235 31.47 -5.56 9.37
N PRO A 236 31.29 -5.71 10.67
CA PRO A 236 31.03 -7.04 11.23
C PRO A 236 29.66 -7.59 10.88
N ALA A 237 28.69 -6.74 10.54
CA ALA A 237 27.40 -7.27 10.12
C ALA A 237 27.45 -7.99 8.78
N MET A 238 28.53 -7.84 8.00
CA MET A 238 28.62 -8.48 6.68
C MET A 238 29.06 -9.93 6.86
N GLN A 239 28.07 -10.81 7.04
CA GLN A 239 28.29 -12.24 7.28
C GLN A 239 27.48 -13.01 6.25
N ALA A 240 28.17 -13.67 5.32
CA ALA A 240 27.51 -14.31 4.19
C ALA A 240 28.34 -15.53 3.79
N VAL A 241 27.97 -16.67 4.33
CA VAL A 241 28.63 -17.93 4.01
C VAL A 241 27.61 -18.86 3.41
N THR A 242 28.12 -19.79 2.61
CA THR A 242 27.32 -20.90 2.11
C THR A 242 27.48 -22.04 3.10
N PHE A 243 26.36 -22.53 3.69
CA PHE A 243 26.41 -23.58 4.72
C PHE A 243 25.75 -24.82 4.16
N PHE A 244 26.37 -25.97 4.44
CA PHE A 244 25.95 -27.25 3.88
C PHE A 244 25.34 -28.05 5.02
N SER A 245 24.05 -28.41 4.86
CA SER A 245 23.22 -28.99 5.91
C SER A 245 22.82 -30.41 5.59
N VAL A 246 22.43 -31.16 6.62
CA VAL A 246 21.78 -32.45 6.49
C VAL A 246 20.45 -32.35 7.23
N VAL A 247 19.37 -32.61 6.53
CA VAL A 247 18.02 -32.58 7.09
C VAL A 247 17.33 -33.91 6.82
N ALA A 248 16.38 -34.26 7.71
CA ALA A 248 15.58 -35.45 7.62
C ALA A 248 14.12 -35.11 7.37
N PRO A 249 13.34 -36.03 6.83
CA PRO A 249 11.93 -35.72 6.49
C PRO A 249 11.12 -35.31 7.70
N PRO A 250 10.03 -34.58 7.49
CA PRO A 250 9.15 -34.25 8.61
C PRO A 250 8.68 -35.50 9.35
N GLY A 251 8.65 -35.39 10.67
CA GLY A 251 8.26 -36.54 11.47
C GLY A 251 9.40 -37.42 11.96
N THR A 252 10.63 -37.15 11.51
CA THR A 252 11.78 -37.93 11.97
C THR A 252 12.02 -37.59 13.44
N SER A 253 12.14 -38.61 14.26
CA SER A 253 12.28 -38.38 15.70
C SER A 253 13.59 -37.67 16.02
N ALA A 254 13.54 -36.86 17.09
CA ALA A 254 14.73 -36.19 17.57
C ALA A 254 15.82 -37.17 17.91
N GLU A 255 15.46 -38.37 18.34
N GLU A 255 15.47 -38.37 18.36
CA GLU A 255 16.46 -39.38 18.68
CA GLU A 255 16.46 -39.38 18.68
C GLU A 255 17.18 -39.88 17.43
C GLU A 255 17.18 -39.85 17.41
N ILE A 256 16.41 -40.17 16.38
CA ILE A 256 17.01 -40.67 15.14
C ILE A 256 17.96 -39.61 14.56
N ALA A 257 17.54 -38.34 14.63
CA ALA A 257 18.35 -37.26 14.08
C ALA A 257 19.62 -37.05 14.89
N GLN A 258 19.52 -37.16 16.21
CA GLN A 258 20.70 -37.10 17.06
C GLN A 258 21.69 -38.21 16.74
N LYS A 259 21.20 -39.44 16.60
CA LYS A 259 22.11 -40.57 16.32
C LYS A 259 22.92 -40.31 15.04
N LEU A 260 22.25 -39.80 14.00
CA LEU A 260 22.94 -39.54 12.73
C LEU A 260 23.92 -38.38 12.84
N GLN A 261 23.53 -37.29 13.50
CA GLN A 261 24.44 -36.17 13.68
C GLN A 261 25.70 -36.58 14.43
N LYS A 262 25.57 -37.48 15.39
CA LYS A 262 26.75 -37.91 16.16
C LYS A 262 27.64 -38.83 15.35
N GLN A 263 27.05 -39.61 14.44
CA GLN A 263 27.85 -40.36 13.47
C GLN A 263 28.62 -39.41 12.59
N MET A 264 27.97 -38.35 12.11
CA MET A 264 28.62 -37.41 11.20
C MET A 264 29.63 -36.53 11.91
N ALA A 265 29.34 -36.15 13.15
CA ALA A 265 30.29 -35.35 13.92
C ALA A 265 31.58 -36.12 14.17
N LEU A 266 31.46 -37.41 14.45
CA LEU A 266 32.66 -38.26 14.56
C LEU A 266 33.36 -38.39 13.22
N ALA A 267 32.60 -38.47 12.13
CA ALA A 267 33.25 -38.53 10.83
C ALA A 267 34.02 -37.24 10.54
N LEU A 268 33.45 -36.10 10.95
CA LEU A 268 34.05 -34.80 10.68
C LEU A 268 35.26 -34.50 11.55
N SER A 269 35.63 -35.40 12.49
CA SER A 269 36.66 -35.09 13.47
C SER A 269 38.04 -35.53 13.01
N SER A 270 38.12 -36.53 12.13
CA SER A 270 39.41 -36.98 11.63
C SER A 270 40.15 -35.83 10.95
N ASN A 271 41.45 -36.02 10.76
CA ASN A 271 42.28 -34.98 10.20
C ASN A 271 42.25 -34.95 8.68
N ASP A 272 42.26 -36.11 8.02
CA ASP A 272 42.19 -36.14 6.57
C ASP A 272 40.90 -35.50 6.07
N ILE A 273 39.78 -35.74 6.76
CA ILE A 273 38.51 -35.15 6.36
C ILE A 273 38.58 -33.63 6.48
N ARG A 274 39.16 -33.13 7.55
CA ARG A 274 39.23 -31.69 7.71
C ARG A 274 40.09 -31.06 6.63
N LYS A 275 41.17 -31.73 6.22
CA LYS A 275 42.01 -31.23 5.13
C LYS A 275 41.22 -31.17 3.83
N HIS A 276 40.52 -32.28 3.49
CA HIS A 276 39.75 -32.34 2.26
C HIS A 276 38.65 -31.30 2.23
N PHE A 277 38.09 -30.95 3.41
CA PHE A 277 37.16 -29.82 3.50
C PHE A 277 37.87 -28.49 3.22
N GLN A 278 39.00 -28.26 3.89
CA GLN A 278 39.71 -27.02 3.68
C GLN A 278 40.06 -26.85 2.23
N GLU A 279 40.37 -27.96 1.53
CA GLU A 279 40.72 -27.89 0.11
C GLU A 279 39.54 -27.43 -0.75
N GLN A 280 38.32 -27.60 -0.29
CA GLN A 280 37.14 -26.95 -0.89
C GLN A 280 36.85 -25.54 -0.35
N GLY A 281 37.73 -24.99 0.48
CA GLY A 281 37.46 -23.76 1.17
C GLY A 281 36.45 -23.87 2.27
N ALA A 282 36.22 -25.06 2.82
CA ALA A 282 35.16 -25.30 3.78
C ALA A 282 35.73 -25.64 5.15
N VAL A 283 35.08 -25.15 6.18
CA VAL A 283 35.43 -25.43 7.58
C VAL A 283 34.39 -26.40 8.15
N PRO A 284 34.81 -27.50 8.77
CA PRO A 284 33.84 -28.43 9.34
C PRO A 284 33.11 -27.82 10.54
N CYS A 285 31.85 -28.23 10.68
CA CYS A 285 31.03 -27.78 11.81
C CYS A 285 30.58 -28.95 12.67
N GLY A 286 29.60 -29.71 12.20
CA GLY A 286 29.15 -30.85 12.94
C GLY A 286 28.37 -30.53 14.19
N TRP A 287 27.73 -29.37 14.23
CA TRP A 287 26.92 -28.96 15.37
C TRP A 287 25.80 -29.96 15.64
N ASP A 288 25.34 -29.96 16.89
CA ASP A 288 24.25 -30.83 17.30
C ASP A 288 22.94 -30.37 16.65
N PRO A 289 21.88 -31.17 16.73
CA PRO A 289 20.64 -30.80 16.03
C PRO A 289 20.02 -29.51 16.55
N SER A 290 20.22 -29.18 17.81
CA SER A 290 19.63 -27.94 18.34
C SER A 290 20.36 -26.69 17.85
N LYS A 291 21.70 -26.68 17.91
CA LYS A 291 22.42 -25.56 17.34
C LYS A 291 22.17 -25.46 15.84
N THR A 292 22.10 -26.60 15.15
CA THR A 292 21.83 -26.59 13.71
C THR A 292 20.50 -25.91 13.42
N ALA A 293 19.46 -26.28 14.17
CA ALA A 293 18.13 -25.70 13.96
C ALA A 293 18.14 -24.20 14.24
N GLN A 294 18.84 -23.78 15.29
CA GLN A 294 18.89 -22.35 15.59
C GLN A 294 19.64 -21.58 14.49
N PHE A 295 20.72 -22.18 13.95
CA PHE A 295 21.49 -21.54 12.91
C PHE A 295 20.66 -21.39 11.65
N ILE A 296 19.98 -22.47 11.24
CA ILE A 296 19.16 -22.39 10.04
C ILE A 296 18.06 -21.34 10.24
N ARG A 297 17.47 -21.31 11.44
CA ARG A 297 16.43 -20.33 11.77
C ARG A 297 16.95 -18.90 11.62
N GLN A 298 18.15 -18.63 12.15
CA GLN A 298 18.76 -17.31 12.01
C GLN A 298 19.10 -17.00 10.56
N GLU A 299 19.71 -17.95 9.85
CA GLU A 299 20.06 -17.68 8.45
C GLU A 299 18.80 -17.49 7.61
N THR A 300 17.74 -18.26 7.89
CA THR A 300 16.50 -18.10 7.15
C THR A 300 15.95 -16.68 7.32
N GLU A 301 15.92 -16.20 8.54
CA GLU A 301 15.41 -14.86 8.82
C GLU A 301 16.31 -13.78 8.17
N LYS A 302 17.62 -13.91 8.29
CA LYS A 302 18.54 -12.99 7.63
C LYS A 302 18.25 -12.86 6.14
N TRP A 303 18.21 -13.98 5.39
CA TRP A 303 18.05 -13.83 3.95
C TRP A 303 16.63 -13.42 3.56
N LYS A 304 15.64 -13.71 4.39
CA LYS A 304 14.30 -13.22 4.13
C LYS A 304 14.26 -11.70 4.12
N LYS A 305 14.85 -11.07 5.13
CA LYS A 305 15.01 -9.62 5.14
C LYS A 305 15.66 -9.13 3.86
N VAL A 306 16.77 -9.78 3.45
CA VAL A 306 17.50 -9.31 2.29
C VAL A 306 16.64 -9.41 1.05
N LEU A 307 16.00 -10.58 0.86
CA LEU A 307 15.14 -10.76 -0.32
C LEU A 307 14.01 -9.73 -0.35
N LYS A 308 13.36 -9.48 0.79
CA LYS A 308 12.24 -8.53 0.81
C LYS A 308 12.72 -7.12 0.48
N ALA A 309 13.78 -6.67 1.14
CA ALA A 309 14.30 -5.33 0.87
C ALA A 309 14.77 -5.17 -0.56
N ALA A 310 15.14 -6.25 -1.22
CA ALA A 310 15.54 -6.18 -2.62
C ALA A 310 14.37 -6.42 -3.57
N ASN A 311 13.21 -6.84 -3.07
CA ASN A 311 12.04 -7.12 -3.90
C ASN A 311 12.37 -8.16 -4.97
N VAL A 312 12.72 -9.35 -4.49
CA VAL A 312 13.11 -10.48 -5.33
C VAL A 312 12.24 -11.66 -4.95
N LYS A 313 11.40 -12.11 -5.88
CA LYS A 313 10.61 -13.33 -5.67
C LYS A 313 10.30 -13.91 -7.06
N LEU A 314 11.07 -14.92 -7.45
CA LEU A 314 10.84 -15.62 -8.71
C LEU A 314 10.02 -16.88 -8.47
N SER B 20 -28.28 -4.36 -36.78
CA SER B 20 -28.69 -5.41 -35.87
C SER B 20 -29.06 -4.83 -34.50
N ASN B 21 -28.67 -3.56 -34.29
CA ASN B 21 -28.77 -2.86 -33.02
C ASN B 21 -27.82 -3.41 -31.97
N GLN B 22 -27.09 -4.47 -32.24
CA GLN B 22 -26.01 -4.91 -31.33
C GLN B 22 -24.79 -3.99 -31.50
N PRO B 23 -24.28 -3.39 -30.44
CA PRO B 23 -23.11 -2.53 -30.61
C PRO B 23 -21.87 -3.32 -31.02
N LEU B 24 -20.98 -2.66 -31.73
CA LEU B 24 -19.62 -3.15 -31.83
C LEU B 24 -18.91 -2.99 -30.48
N LYS B 25 -18.15 -4.00 -30.10
CA LYS B 25 -17.33 -3.95 -28.92
C LYS B 25 -15.86 -3.99 -29.32
N ILE B 26 -15.10 -2.99 -28.84
CA ILE B 26 -13.64 -2.93 -29.00
C ILE B 26 -13.00 -3.12 -27.62
N VAL B 27 -12.18 -4.16 -27.49
CA VAL B 27 -11.44 -4.42 -26.27
C VAL B 27 -10.02 -3.89 -26.47
N VAL B 28 -9.60 -3.00 -25.57
CA VAL B 28 -8.23 -2.56 -25.45
C VAL B 28 -7.61 -3.33 -24.29
N PRO B 29 -6.64 -4.21 -24.52
CA PRO B 29 -6.16 -5.10 -23.43
C PRO B 29 -5.15 -4.41 -22.53
N PHE B 30 -5.42 -3.13 -22.24
CA PHE B 30 -4.58 -2.33 -21.38
C PHE B 30 -5.50 -1.37 -20.64
N SER B 31 -4.97 -0.76 -19.58
CA SER B 31 -5.73 0.18 -18.75
C SER B 31 -6.09 1.40 -19.57
N ALA B 32 -7.13 2.10 -19.10
CA ALA B 32 -7.59 3.33 -19.72
C ALA B 32 -6.54 4.44 -19.61
N GLY B 33 -6.62 5.40 -20.51
CA GLY B 33 -5.62 6.43 -20.59
C GLY B 33 -4.38 5.86 -21.23
N GLY B 34 -3.57 6.70 -21.83
CA GLY B 34 -2.46 6.21 -22.62
C GLY B 34 -2.88 6.02 -24.07
N THR B 35 -1.86 6.00 -24.93
CA THR B 35 -2.09 5.96 -26.36
C THR B 35 -2.87 4.73 -26.79
N ALA B 36 -2.60 3.56 -26.18
CA ALA B 36 -3.31 2.35 -26.57
C ALA B 36 -4.81 2.49 -26.36
N ASP B 37 -5.21 3.32 -25.42
CA ASP B 37 -6.63 3.60 -25.16
C ASP B 37 -7.16 4.80 -25.98
N VAL B 38 -6.31 5.81 -26.20
CA VAL B 38 -6.76 7.04 -26.85
C VAL B 38 -7.10 6.78 -28.32
N LEU B 39 -6.26 6.04 -29.02
CA LEU B 39 -6.43 6.00 -30.47
C LEU B 39 -7.68 5.24 -30.89
N PRO B 40 -8.00 4.12 -30.25
CA PRO B 40 -9.26 3.43 -30.60
C PRO B 40 -10.51 4.18 -30.18
N ARG B 41 -10.47 4.92 -29.08
CA ARG B 41 -11.64 5.67 -28.67
C ARG B 41 -11.88 6.86 -29.60
N LEU B 42 -10.82 7.45 -30.12
CA LEU B 42 -10.96 8.46 -31.16
C LEU B 42 -11.64 7.87 -32.39
N VAL B 43 -11.19 6.70 -32.85
CA VAL B 43 -11.77 6.08 -34.02
C VAL B 43 -13.22 5.68 -33.76
N ALA B 44 -13.51 5.24 -32.54
CA ALA B 44 -14.87 4.84 -32.17
C ALA B 44 -15.85 5.99 -32.34
N GLU B 45 -15.45 7.21 -31.97
CA GLU B 45 -16.37 8.34 -32.10
C GLU B 45 -16.86 8.47 -33.54
N LYS B 46 -15.98 8.24 -34.51
CA LYS B 46 -16.35 8.36 -35.93
C LYS B 46 -17.19 7.20 -36.42
N ILE B 47 -16.80 5.96 -36.12
CA ILE B 47 -17.54 4.85 -36.68
C ILE B 47 -18.84 4.57 -35.96
N ARG B 48 -19.10 5.24 -34.83
CA ARG B 48 -20.43 5.20 -34.22
C ARG B 48 -21.52 5.49 -35.24
N ALA B 49 -21.25 6.34 -36.24
CA ALA B 49 -22.26 6.61 -37.28
C ALA B 49 -22.63 5.35 -38.05
N ASP B 50 -21.74 4.37 -38.10
CA ASP B 50 -21.96 3.12 -38.81
C ASP B 50 -22.70 2.04 -38.01
N TYR B 51 -22.99 2.27 -36.74
CA TYR B 51 -23.56 1.24 -35.88
C TYR B 51 -24.74 1.84 -35.13
N ALA B 52 -25.93 1.39 -35.50
CA ALA B 52 -27.14 1.82 -34.84
C ALA B 52 -27.12 1.56 -33.34
N GLY B 53 -26.47 0.47 -32.91
CA GLY B 53 -26.36 0.13 -31.51
C GLY B 53 -25.17 0.77 -30.83
N GLY B 54 -24.28 1.43 -31.58
CA GLY B 54 -23.16 2.12 -31.02
C GLY B 54 -21.89 1.29 -30.99
N VAL B 55 -20.94 1.79 -30.21
CA VAL B 55 -19.59 1.22 -30.10
C VAL B 55 -19.20 1.25 -28.61
N ILE B 56 -18.90 0.12 -28.07
CA ILE B 56 -18.46 -0.05 -26.69
C ILE B 56 -16.94 -0.22 -26.72
N ILE B 57 -16.26 0.49 -25.84
CA ILE B 57 -14.84 0.32 -25.64
C ILE B 57 -14.67 -0.20 -24.22
N GLU B 58 -13.96 -1.29 -24.08
CA GLU B 58 -13.64 -1.87 -22.78
C GLU B 58 -12.13 -1.98 -22.62
N ASN B 59 -11.67 -1.70 -21.40
CA ASN B 59 -10.28 -1.88 -21.01
C ASN B 59 -10.16 -3.16 -20.18
N LYS B 60 -9.38 -4.12 -20.68
CA LYS B 60 -9.18 -5.40 -20.02
C LYS B 60 -7.69 -5.62 -19.85
N PRO B 61 -7.07 -4.95 -18.89
CA PRO B 61 -5.63 -5.10 -18.65
C PRO B 61 -5.25 -6.45 -18.06
N GLY B 62 -3.96 -6.77 -18.17
CA GLY B 62 -3.43 -7.97 -17.56
C GLY B 62 -2.46 -8.74 -18.44
N ALA B 63 -1.32 -9.12 -17.86
CA ALA B 63 -0.39 -10.06 -18.47
C ALA B 63 0.00 -9.62 -19.88
N GLY B 64 0.51 -8.40 -19.95
CA GLY B 64 1.04 -7.93 -21.24
C GLY B 64 0.02 -7.88 -22.36
N GLY B 65 -1.26 -7.78 -22.04
CA GLY B 65 -2.28 -7.81 -23.07
C GLY B 65 -2.89 -9.16 -23.31
N ASN B 66 -2.37 -10.22 -22.68
CA ASN B 66 -2.82 -11.57 -22.99
C ASN B 66 -4.21 -11.87 -22.45
N ILE B 67 -4.58 -11.25 -21.32
CA ILE B 67 -5.88 -11.51 -20.72
C ILE B 67 -6.97 -10.96 -21.60
N GLY B 68 -6.81 -9.70 -22.05
CA GLY B 68 -7.80 -9.11 -22.91
C GLY B 68 -7.82 -9.75 -24.29
N ALA B 69 -6.64 -10.05 -24.81
CA ALA B 69 -6.54 -10.74 -26.09
C ALA B 69 -7.38 -12.02 -26.08
N ASP B 70 -7.22 -12.80 -25.02
CA ASP B 70 -7.87 -14.10 -24.95
C ASP B 70 -9.39 -13.95 -24.97
N LEU B 71 -9.91 -12.91 -24.29
CA LEU B 71 -11.35 -12.66 -24.32
C LEU B 71 -11.86 -12.36 -25.73
N VAL B 72 -11.06 -11.69 -26.56
CA VAL B 72 -11.47 -11.44 -27.94
C VAL B 72 -11.22 -12.68 -28.80
N PHE B 73 -10.11 -13.38 -28.53
CA PHE B 73 -9.71 -14.50 -29.37
C PHE B 73 -10.83 -15.54 -29.41
N ARG B 74 -11.55 -15.70 -28.30
CA ARG B 74 -12.59 -16.71 -28.15
C ARG B 74 -13.97 -16.21 -28.49
N ALA B 75 -14.10 -14.97 -28.94
CA ALA B 75 -15.41 -14.41 -29.21
C ALA B 75 -15.92 -14.85 -30.59
N PRO B 76 -17.22 -14.72 -30.83
CA PRO B 76 -17.79 -15.13 -32.14
C PRO B 76 -17.15 -14.37 -33.28
N PRO B 77 -16.75 -15.07 -34.38
CA PRO B 77 -16.11 -14.42 -35.53
C PRO B 77 -17.09 -13.66 -36.43
N ASP B 78 -17.89 -12.80 -35.83
CA ASP B 78 -18.85 -12.04 -36.62
C ASP B 78 -18.43 -10.58 -36.81
N GLY B 79 -17.20 -10.22 -36.40
CA GLY B 79 -16.78 -8.83 -36.51
C GLY B 79 -17.44 -7.86 -35.56
N MET B 80 -18.22 -8.34 -34.59
CA MET B 80 -18.83 -7.46 -33.59
C MET B 80 -18.02 -7.41 -32.28
N THR B 81 -16.92 -8.16 -32.21
CA THR B 81 -15.99 -8.09 -31.09
C THR B 81 -14.59 -8.10 -31.68
N VAL B 82 -13.83 -7.01 -31.50
CA VAL B 82 -12.47 -6.91 -32.00
C VAL B 82 -11.53 -6.39 -30.92
N LEU B 83 -10.23 -6.60 -31.15
CA LEU B 83 -9.18 -6.21 -30.23
C LEU B 83 -8.41 -5.08 -30.89
N ALA B 84 -8.26 -3.97 -30.18
CA ALA B 84 -7.38 -2.86 -30.59
C ALA B 84 -6.20 -2.82 -29.62
N SER B 85 -5.00 -3.13 -30.11
CA SER B 85 -3.89 -3.35 -29.21
C SER B 85 -2.54 -2.95 -29.84
N PRO B 86 -1.58 -2.53 -29.02
CA PRO B 86 -0.19 -2.49 -29.46
C PRO B 86 0.36 -3.90 -29.67
N PRO B 87 1.66 -4.03 -30.03
CA PRO B 87 2.08 -5.28 -30.70
C PRO B 87 2.18 -6.50 -29.80
N GLY B 88 2.13 -6.34 -28.49
CA GLY B 88 2.32 -7.45 -27.57
C GLY B 88 1.56 -8.72 -27.96
N PRO B 89 0.23 -8.74 -27.78
CA PRO B 89 -0.53 -9.95 -28.13
C PRO B 89 -0.82 -10.09 -29.62
N ILE B 90 -0.21 -9.26 -30.45
CA ILE B 90 -0.42 -9.30 -31.88
C ILE B 90 0.75 -9.95 -32.60
N ALA B 91 1.98 -9.64 -32.19
CA ALA B 91 3.15 -10.07 -32.95
C ALA B 91 4.37 -10.43 -32.11
N ILE B 92 4.27 -10.44 -30.77
CA ILE B 92 5.43 -10.61 -29.93
C ILE B 92 5.30 -11.71 -28.89
N ASN B 93 4.15 -11.78 -28.22
CA ASN B 93 4.11 -12.53 -26.97
C ASN B 93 4.19 -14.03 -27.18
N HIS B 94 3.89 -14.54 -28.38
CA HIS B 94 4.00 -15.96 -28.64
C HIS B 94 5.44 -16.37 -28.86
N ASN B 95 6.33 -15.40 -29.12
CA ASN B 95 7.76 -15.64 -29.13
C ASN B 95 8.41 -15.19 -27.85
N LEU B 96 7.66 -14.55 -26.95
CA LEU B 96 8.19 -14.01 -25.71
C LEU B 96 7.78 -14.84 -24.50
N TYR B 97 6.50 -15.21 -24.43
CA TYR B 97 5.98 -15.98 -23.31
C TYR B 97 6.20 -17.48 -23.55
N GLN B 98 6.35 -18.20 -22.44
CA GLN B 98 6.50 -19.65 -22.53
C GLN B 98 5.30 -20.28 -23.23
N LYS B 99 4.10 -19.90 -22.82
CA LYS B 99 2.88 -20.55 -23.28
C LYS B 99 1.74 -19.54 -23.22
N LEU B 100 0.95 -19.48 -24.31
CA LEU B 100 -0.21 -18.62 -24.37
C LEU B 100 -1.47 -19.44 -24.53
N SER B 101 -2.58 -18.90 -24.08
CA SER B 101 -3.90 -19.48 -24.29
C SER B 101 -4.50 -19.17 -25.66
N PHE B 102 -3.70 -18.59 -26.56
CA PHE B 102 -4.17 -18.24 -27.90
C PHE B 102 -2.96 -18.14 -28.82
N ASP B 103 -3.21 -18.19 -30.11
CA ASP B 103 -2.12 -18.13 -31.09
C ASP B 103 -2.27 -16.85 -31.91
N PRO B 104 -1.39 -15.87 -31.72
CA PRO B 104 -1.47 -14.64 -32.53
C PRO B 104 -1.42 -14.88 -34.02
N THR B 105 -0.82 -15.99 -34.50
CA THR B 105 -0.74 -16.18 -35.95
C THR B 105 -2.09 -16.50 -36.57
N ARG B 106 -3.11 -16.72 -35.76
CA ARG B 106 -4.47 -16.99 -36.25
C ARG B 106 -5.42 -15.79 -36.13
N TRP B 107 -4.96 -14.63 -35.64
CA TRP B 107 -5.80 -13.43 -35.69
C TRP B 107 -6.21 -13.15 -37.13
N VAL B 108 -7.41 -12.62 -37.32
CA VAL B 108 -7.84 -12.09 -38.62
C VAL B 108 -7.53 -10.59 -38.64
N PRO B 109 -6.54 -10.14 -39.39
CA PRO B 109 -6.17 -8.73 -39.36
C PRO B 109 -7.26 -7.86 -39.96
N VAL B 110 -7.50 -6.71 -39.30
CA VAL B 110 -8.42 -5.70 -39.82
C VAL B 110 -7.66 -4.51 -40.37
N THR B 111 -6.91 -3.81 -39.52
CA THR B 111 -6.16 -2.65 -40.00
C THR B 111 -5.08 -2.30 -38.99
N ILE B 112 -4.13 -1.45 -39.44
CA ILE B 112 -3.19 -0.80 -38.56
C ILE B 112 -3.70 0.61 -38.32
N LEU B 113 -3.95 0.98 -37.07
CA LEU B 113 -4.45 2.32 -36.79
C LEU B 113 -3.35 3.36 -36.95
N ALA B 114 -2.19 3.15 -36.34
CA ALA B 114 -1.12 4.14 -36.35
C ALA B 114 0.17 3.50 -35.89
N THR B 115 1.27 4.21 -36.12
CA THR B 115 2.56 3.91 -35.54
C THR B 115 3.07 5.10 -34.73
N VAL B 116 3.83 4.79 -33.69
CA VAL B 116 4.56 5.78 -32.88
C VAL B 116 6.03 5.34 -32.80
N PRO B 117 6.99 6.21 -33.12
CA PRO B 117 8.39 5.77 -33.18
C PRO B 117 9.08 5.78 -31.84
N ASN B 118 9.96 4.83 -31.66
CA ASN B 118 10.87 4.88 -30.53
C ASN B 118 12.13 5.61 -30.95
N VAL B 119 12.89 6.09 -29.96
CA VAL B 119 14.04 6.96 -30.22
C VAL B 119 15.17 6.54 -29.30
N LEU B 120 16.39 6.92 -29.66
CA LEU B 120 17.55 6.78 -28.78
C LEU B 120 17.73 8.04 -27.92
N VAL B 121 17.61 7.89 -26.61
CA VAL B 121 17.72 9.00 -25.67
C VAL B 121 18.91 8.76 -24.76
N ILE B 122 19.74 9.75 -24.55
CA ILE B 122 20.91 9.59 -23.69
C ILE B 122 20.91 10.65 -22.59
N ASN B 123 21.52 10.30 -21.47
CA ASN B 123 21.81 11.30 -20.45
C ASN B 123 22.79 12.34 -21.02
N PRO B 124 22.59 13.63 -20.75
CA PRO B 124 23.43 14.66 -21.39
C PRO B 124 24.86 14.68 -20.95
N LYS B 125 25.23 14.03 -19.84
CA LYS B 125 26.62 14.05 -19.40
C LYS B 125 27.53 13.16 -20.25
N LEU B 126 26.98 12.22 -21.00
CA LEU B 126 27.80 11.32 -21.80
C LEU B 126 28.71 12.13 -22.71
N PRO B 127 30.01 11.84 -22.74
CA PRO B 127 30.94 12.62 -23.59
C PRO B 127 30.81 12.22 -25.06
N VAL B 128 29.64 12.48 -25.63
CA VAL B 128 29.36 12.14 -27.03
C VAL B 128 28.40 13.18 -27.58
N LYS B 129 28.64 13.59 -28.82
CA LYS B 129 27.83 14.61 -29.45
C LYS B 129 26.86 14.04 -30.49
N SER B 130 27.17 12.91 -31.09
CA SER B 130 26.35 12.36 -32.17
C SER B 130 26.11 10.88 -31.95
N LEU B 131 25.19 10.33 -32.75
CA LEU B 131 25.00 8.89 -32.79
C LEU B 131 26.29 8.14 -33.12
N GLY B 132 27.05 8.64 -34.09
CA GLY B 132 28.30 7.98 -34.41
C GLY B 132 29.26 7.92 -33.24
N GLU B 133 29.35 9.01 -32.48
CA GLU B 133 30.26 9.04 -31.34
C GLU B 133 29.74 8.15 -30.21
N PHE B 134 28.41 8.11 -30.03
CA PHE B 134 27.84 7.23 -29.02
C PHE B 134 28.17 5.77 -29.33
N ILE B 135 27.97 5.36 -30.59
CA ILE B 135 28.25 3.98 -30.97
C ILE B 135 29.71 3.65 -30.73
N ALA B 136 30.63 4.56 -31.08
CA ALA B 136 32.04 4.29 -30.86
C ALA B 136 32.36 4.24 -29.37
N TYR B 137 31.77 5.16 -28.59
CA TYR B 137 31.97 5.17 -27.14
C TYR B 137 31.56 3.83 -26.53
N ALA B 138 30.39 3.34 -26.92
CA ALA B 138 29.95 2.05 -26.42
C ALA B 138 30.90 0.92 -26.85
N LYS B 139 31.37 0.98 -28.09
CA LYS B 139 32.31 -0.05 -28.56
C LYS B 139 33.62 -0.03 -27.76
N ALA B 140 34.16 1.15 -27.48
CA ALA B 140 35.37 1.23 -26.67
C ALA B 140 35.18 0.80 -25.21
N ASN B 141 33.93 0.60 -24.76
CA ASN B 141 33.64 0.34 -23.34
C ASN B 141 32.55 -0.69 -23.23
N PRO B 142 32.82 -1.92 -23.62
CA PRO B 142 31.76 -2.94 -23.63
C PRO B 142 31.14 -3.12 -22.25
N LYS B 143 29.81 -3.07 -22.20
CA LYS B 143 29.00 -3.30 -21.01
C LYS B 143 29.16 -2.22 -19.96
N LYS B 144 29.88 -1.15 -20.26
CA LYS B 144 30.05 -0.04 -19.32
C LYS B 144 28.93 0.99 -19.41
N VAL B 145 28.30 1.13 -20.55
CA VAL B 145 27.16 2.04 -20.74
C VAL B 145 25.88 1.27 -20.40
N THR B 146 25.05 1.87 -19.57
CA THR B 146 23.83 1.24 -19.09
C THR B 146 22.59 1.73 -19.85
N VAL B 147 21.64 0.82 -20.05
CA VAL B 147 20.42 1.15 -20.80
C VAL B 147 19.20 0.79 -19.97
N ALA B 148 18.28 1.73 -19.84
CA ALA B 148 17.03 1.50 -19.12
C ALA B 148 16.02 0.79 -19.98
N THR B 149 15.32 -0.15 -19.36
CA THR B 149 14.24 -0.87 -20.01
C THR B 149 13.04 -0.91 -19.07
N GLN B 150 11.92 -1.41 -19.58
CA GLN B 150 10.72 -1.67 -18.79
C GLN B 150 10.53 -3.17 -18.54
N GLY B 151 11.63 -3.92 -18.45
CA GLY B 151 11.57 -5.35 -18.23
C GLY B 151 11.76 -6.13 -19.52
N ASP B 152 12.12 -7.40 -19.36
CA ASP B 152 12.35 -8.27 -20.50
C ASP B 152 11.11 -8.36 -21.37
N GLY B 153 11.26 -8.09 -22.66
CA GLY B 153 10.18 -8.16 -23.60
C GLY B 153 9.48 -6.84 -23.89
N SER B 154 9.65 -5.85 -23.02
CA SER B 154 9.05 -4.55 -23.25
C SER B 154 9.65 -3.91 -24.50
N THR B 155 8.88 -3.01 -25.10
CA THR B 155 9.31 -2.35 -26.34
C THR B 155 10.69 -1.72 -26.18
N SER B 156 10.97 -1.13 -25.02
CA SER B 156 12.25 -0.48 -24.85
C SER B 156 13.39 -1.47 -24.74
N HIS B 157 13.15 -2.64 -24.15
CA HIS B 157 14.16 -3.71 -24.16
C HIS B 157 14.38 -4.23 -25.57
N LEU B 158 13.30 -4.52 -26.29
CA LEU B 158 13.46 -5.07 -27.64
C LEU B 158 14.15 -4.08 -28.56
N THR B 159 13.85 -2.79 -28.38
CA THR B 159 14.47 -1.79 -29.22
C THR B 159 15.96 -1.69 -28.89
N ALA B 160 16.30 -1.78 -27.61
CA ALA B 160 17.71 -1.70 -27.24
C ALA B 160 18.48 -2.91 -27.74
N ALA B 161 17.83 -4.08 -27.74
CA ALA B 161 18.46 -5.31 -28.24
C ALA B 161 18.69 -5.22 -29.75
N MET B 162 17.67 -4.77 -30.51
CA MET B 162 17.85 -4.53 -31.93
C MET B 162 19.06 -3.64 -32.20
N PHE B 163 19.12 -2.50 -31.49
CA PHE B 163 20.23 -1.58 -31.62
C PHE B 163 21.54 -2.28 -31.33
N MET B 164 21.60 -3.01 -30.21
CA MET B 164 22.86 -3.68 -29.88
C MET B 164 23.27 -4.65 -30.99
N GLN B 165 22.31 -5.40 -31.53
CA GLN B 165 22.61 -6.39 -32.55
C GLN B 165 23.03 -5.74 -33.85
N LEU B 166 22.38 -4.65 -34.23
CA LEU B 166 22.73 -3.98 -35.49
C LEU B 166 24.09 -3.34 -35.41
N THR B 167 24.41 -2.67 -34.28
CA THR B 167 25.59 -1.83 -34.20
C THR B 167 26.82 -2.53 -33.62
N GLY B 168 26.66 -3.76 -33.12
CA GLY B 168 27.75 -4.49 -32.52
C GLY B 168 28.17 -3.99 -31.16
N THR B 169 27.24 -3.45 -30.38
CA THR B 169 27.53 -2.85 -29.09
C THR B 169 26.87 -3.65 -27.98
N GLU B 170 27.39 -3.46 -26.77
CA GLU B 170 26.95 -4.22 -25.61
C GLU B 170 26.63 -3.21 -24.53
N LEU B 171 25.34 -3.05 -24.23
CA LEU B 171 24.83 -2.15 -23.21
C LEU B 171 24.30 -2.98 -22.05
N THR B 172 24.52 -2.51 -20.83
CA THR B 172 24.12 -3.24 -19.63
C THR B 172 22.71 -2.82 -19.24
N VAL B 173 21.78 -3.76 -19.17
CA VAL B 173 20.37 -3.47 -18.94
C VAL B 173 20.09 -3.17 -17.46
N ILE B 174 19.34 -2.08 -17.23
CA ILE B 174 18.74 -1.82 -15.94
C ILE B 174 17.23 -1.77 -16.11
N PRO B 175 16.46 -2.76 -15.60
CA PRO B 175 15.00 -2.73 -15.74
C PRO B 175 14.36 -1.81 -14.72
N TYR B 176 13.24 -1.21 -15.17
CA TYR B 176 12.47 -0.28 -14.34
C TYR B 176 10.99 -0.71 -14.39
N LYS B 177 10.25 -0.35 -13.34
CA LYS B 177 8.84 -0.73 -13.29
C LYS B 177 8.01 0.08 -14.30
N GLY B 178 8.23 1.39 -14.37
CA GLY B 178 7.55 2.23 -15.33
C GLY B 178 8.49 3.14 -16.08
N THR B 179 7.87 4.00 -16.89
CA THR B 179 8.65 5.01 -17.63
C THR B 179 9.16 6.12 -16.69
N ALA B 180 8.30 6.58 -15.79
CA ALA B 180 8.70 7.65 -14.88
C ALA B 180 9.99 7.34 -14.12
N PRO B 181 10.12 6.22 -13.42
CA PRO B 181 11.38 5.99 -12.67
C PRO B 181 12.59 5.90 -13.59
N ALA B 182 12.42 5.36 -14.82
CA ALA B 182 13.52 5.29 -15.77
C ALA B 182 13.95 6.69 -16.19
N LEU B 183 12.99 7.57 -16.49
CA LEU B 183 13.41 8.92 -16.86
C LEU B 183 14.08 9.65 -15.69
N ILE B 184 13.61 9.42 -14.48
CA ILE B 184 14.25 10.03 -13.33
C ILE B 184 15.74 9.69 -13.33
N ASP B 185 16.06 8.38 -13.44
CA ASP B 185 17.46 7.96 -13.40
C ASP B 185 18.22 8.45 -14.63
N LEU B 186 17.57 8.53 -15.79
CA LEU B 186 18.26 9.03 -16.97
C LEU B 186 18.65 10.50 -16.81
N ILE B 187 17.70 11.31 -16.34
CA ILE B 187 17.99 12.73 -16.14
C ILE B 187 19.08 12.89 -15.09
N GLY B 188 19.06 12.05 -14.07
CA GLY B 188 20.01 12.12 -12.98
C GLY B 188 21.36 11.56 -13.29
N GLY B 189 21.47 10.81 -14.36
CA GLY B 189 22.76 10.24 -14.73
C GLY B 189 23.05 8.88 -14.14
N ASN B 190 22.07 8.26 -13.46
CA ASN B 190 22.26 6.93 -12.90
C ASN B 190 22.10 5.83 -13.93
N VAL B 191 21.46 6.14 -15.06
CA VAL B 191 21.47 5.27 -16.22
C VAL B 191 21.86 6.15 -17.41
N ASP B 192 22.47 5.52 -18.41
CA ASP B 192 23.08 6.28 -19.50
C ASP B 192 22.16 6.45 -20.72
N VAL B 193 21.36 5.44 -21.06
CA VAL B 193 20.60 5.45 -22.31
C VAL B 193 19.22 4.85 -22.05
N PHE B 194 18.26 5.21 -22.92
CA PHE B 194 16.89 4.70 -22.85
C PHE B 194 16.31 4.77 -24.26
N PHE B 195 15.82 3.64 -24.76
CA PHE B 195 15.08 3.66 -26.04
C PHE B 195 13.58 3.87 -25.78
N ASP B 196 13.23 5.15 -25.59
CA ASP B 196 11.87 5.60 -25.27
C ASP B 196 11.04 5.86 -26.53
N ASN B 197 9.75 6.12 -26.35
CA ASN B 197 8.93 6.55 -27.46
C ASN B 197 9.00 8.07 -27.52
N ILE B 198 8.91 8.61 -28.75
CA ILE B 198 9.18 10.02 -28.96
C ILE B 198 8.27 10.87 -28.06
N SER B 199 7.03 10.45 -27.84
CA SER B 199 6.09 11.31 -27.10
C SER B 199 6.49 11.47 -25.63
N SER B 200 7.00 10.41 -25.04
CA SER B 200 7.38 10.43 -23.64
C SER B 200 8.57 11.35 -23.39
N SER B 201 9.56 11.32 -24.28
CA SER B 201 10.83 12.01 -24.04
C SER B 201 10.89 13.41 -24.59
N ALA B 202 9.96 13.81 -25.47
CA ALA B 202 10.09 15.09 -26.17
C ALA B 202 10.27 16.28 -25.20
N THR B 203 9.42 16.37 -24.20
CA THR B 203 9.48 17.52 -23.30
C THR B 203 10.83 17.61 -22.58
N TYR B 204 11.37 16.47 -22.16
CA TYR B 204 12.66 16.49 -21.48
C TYR B 204 13.79 16.83 -22.45
N HIS B 205 13.66 16.45 -23.73
CA HIS B 205 14.65 16.80 -24.73
C HIS B 205 14.66 18.30 -24.96
N GLN B 206 13.48 18.89 -25.09
CA GLN B 206 13.38 20.33 -25.31
C GLN B 206 13.88 21.12 -24.11
N ALA B 207 13.89 20.52 -22.93
CA ALA B 207 14.34 21.22 -21.73
C ALA B 207 15.82 21.00 -21.45
N GLY B 208 16.51 20.25 -22.29
CA GLY B 208 17.90 19.94 -22.04
C GLY B 208 18.17 18.88 -21.01
N LYS B 209 17.14 18.19 -20.49
CA LYS B 209 17.36 17.20 -19.45
C LYS B 209 17.89 15.89 -20.01
N VAL B 210 17.64 15.65 -21.29
CA VAL B 210 18.10 14.46 -22.00
C VAL B 210 18.43 14.92 -23.40
N ARG B 211 19.03 14.01 -24.17
CA ARG B 211 19.34 14.23 -25.59
C ARG B 211 18.86 13.04 -26.42
N ILE B 212 17.90 13.32 -27.30
CA ILE B 212 17.42 12.36 -28.30
C ILE B 212 18.36 12.44 -29.50
N LEU B 213 19.00 11.33 -29.84
CA LEU B 213 20.00 11.34 -30.90
C LEU B 213 19.44 10.87 -32.23
N ALA B 214 18.36 10.07 -32.24
CA ALA B 214 17.89 9.46 -33.47
C ALA B 214 16.51 8.84 -33.28
N VAL B 215 15.66 9.03 -34.28
CA VAL B 215 14.34 8.41 -34.35
C VAL B 215 14.43 7.17 -35.23
N ALA B 216 13.97 6.04 -34.71
CA ALA B 216 14.07 4.77 -35.42
C ALA B 216 12.84 4.57 -36.29
N ASP B 217 12.74 5.39 -37.33
CA ASP B 217 11.58 5.37 -38.21
C ASP B 217 12.04 5.80 -39.59
N GLU B 218 11.10 5.77 -40.55
CA GLU B 218 11.40 6.14 -41.92
C GLU B 218 11.44 7.66 -42.10
N GLN B 219 10.64 8.39 -41.32
CA GLN B 219 10.57 9.83 -41.40
C GLN B 219 10.79 10.42 -40.01
N ARG B 220 11.10 11.71 -39.97
CA ARG B 220 11.16 12.41 -38.70
C ARG B 220 9.77 12.56 -38.09
N SER B 221 9.73 12.70 -36.79
CA SER B 221 8.50 13.02 -36.08
C SER B 221 8.28 14.52 -36.03
N GLN B 222 7.04 14.94 -36.25
CA GLN B 222 6.70 16.35 -36.20
C GLN B 222 6.68 16.89 -34.77
N ILE B 223 6.66 15.98 -33.79
CA ILE B 223 6.85 16.41 -32.40
C ILE B 223 8.17 17.15 -32.26
N LEU B 224 9.23 16.63 -32.88
CA LEU B 224 10.57 17.24 -32.85
C LEU B 224 11.13 17.25 -34.27
N PRO B 225 10.70 18.21 -35.08
CA PRO B 225 11.10 18.20 -36.50
C PRO B 225 12.59 18.22 -36.74
N GLN B 226 13.40 18.62 -35.75
CA GLN B 226 14.84 18.77 -35.91
C GLN B 226 15.63 17.50 -35.58
N VAL B 227 14.99 16.49 -35.00
CA VAL B 227 15.69 15.27 -34.57
C VAL B 227 15.74 14.30 -35.75
N PRO B 228 16.93 13.91 -36.22
CA PRO B 228 17.00 13.08 -37.42
C PRO B 228 16.71 11.62 -37.10
N THR B 229 16.39 10.87 -38.13
CA THR B 229 16.20 9.44 -37.99
C THR B 229 17.55 8.72 -37.96
N PHE B 230 17.51 7.44 -37.59
CA PHE B 230 18.68 6.59 -37.75
C PHE B 230 19.06 6.49 -39.22
N ALA B 231 18.05 6.35 -40.10
CA ALA B 231 18.30 6.17 -41.51
C ALA B 231 19.06 7.35 -42.13
N GLU B 232 18.85 8.58 -41.63
CA GLU B 232 19.59 9.74 -42.10
C GLU B 232 21.02 9.73 -41.62
N GLN B 233 21.36 8.89 -40.66
CA GLN B 233 22.65 8.89 -39.98
C GLN B 233 23.36 7.56 -40.18
N GLN B 234 23.16 6.96 -41.36
CA GLN B 234 23.87 5.78 -41.84
C GLN B 234 23.38 4.47 -41.20
N TRP B 235 22.15 4.45 -40.67
CA TRP B 235 21.62 3.24 -40.03
C TRP B 235 20.17 3.01 -40.43
N PRO B 236 19.91 2.80 -41.73
CA PRO B 236 18.52 2.57 -42.18
C PRO B 236 17.88 1.33 -41.62
N ALA B 237 18.67 0.37 -41.15
CA ALA B 237 18.07 -0.85 -40.59
C ALA B 237 17.40 -0.63 -39.23
N MET B 238 17.78 0.42 -38.51
CA MET B 238 17.20 0.68 -37.19
C MET B 238 15.80 1.24 -37.39
N GLN B 239 14.80 0.35 -37.39
CA GLN B 239 13.38 0.66 -37.59
C GLN B 239 12.58 -0.01 -36.49
N ALA B 240 12.02 0.79 -35.57
CA ALA B 240 11.44 0.26 -34.33
C ALA B 240 10.30 1.19 -33.90
N VAL B 241 9.12 0.88 -34.39
CA VAL B 241 7.94 1.64 -34.03
C VAL B 241 7.04 0.76 -33.18
N THR B 242 6.16 1.41 -32.41
CA THR B 242 5.03 0.75 -31.77
C THR B 242 3.83 0.94 -32.69
N PHE B 243 3.27 -0.15 -33.19
CA PHE B 243 2.13 -0.08 -34.10
C PHE B 243 0.88 -0.57 -33.37
N PHE B 244 -0.22 0.15 -33.60
CA PHE B 244 -1.51 -0.14 -32.97
C PHE B 244 -2.45 -0.79 -33.98
N SER B 245 -2.82 -2.06 -33.73
CA SER B 245 -3.59 -2.87 -34.67
C SER B 245 -5.02 -3.12 -34.22
N VAL B 246 -5.87 -3.45 -35.19
CA VAL B 246 -7.19 -4.00 -34.93
C VAL B 246 -7.21 -5.40 -35.55
N VAL B 247 -7.63 -6.39 -34.74
CA VAL B 247 -7.75 -7.78 -35.16
C VAL B 247 -9.08 -8.37 -34.72
N ALA B 248 -9.55 -9.35 -35.47
CA ALA B 248 -10.81 -10.02 -35.22
C ALA B 248 -10.56 -11.51 -34.91
N PRO B 249 -11.52 -12.18 -34.27
CA PRO B 249 -11.28 -13.57 -33.86
C PRO B 249 -11.07 -14.49 -35.05
N PRO B 250 -10.38 -15.61 -34.85
CA PRO B 250 -10.19 -16.57 -35.93
C PRO B 250 -11.51 -16.95 -36.58
N GLY B 251 -11.48 -17.06 -37.93
CA GLY B 251 -12.70 -17.42 -38.66
C GLY B 251 -13.59 -16.26 -39.05
N THR B 252 -13.20 -15.05 -38.72
CA THR B 252 -13.90 -13.88 -39.26
C THR B 252 -13.63 -13.79 -40.75
N SER B 253 -14.69 -13.68 -41.54
CA SER B 253 -14.54 -13.66 -42.99
C SER B 253 -13.79 -12.43 -43.43
N ALA B 254 -13.11 -12.55 -44.57
CA ALA B 254 -12.40 -11.43 -45.15
C ALA B 254 -13.34 -10.29 -45.46
N GLU B 255 -14.58 -10.60 -45.84
CA GLU B 255 -15.54 -9.55 -46.14
C GLU B 255 -15.87 -8.71 -44.92
N ILE B 256 -16.09 -9.36 -43.77
CA ILE B 256 -16.39 -8.64 -42.54
C ILE B 256 -15.21 -7.81 -42.11
N ALA B 257 -13.99 -8.38 -42.20
CA ALA B 257 -12.79 -7.62 -41.84
C ALA B 257 -12.60 -6.39 -42.72
N GLN B 258 -12.86 -6.51 -44.03
CA GLN B 258 -12.66 -5.37 -44.92
C GLN B 258 -13.72 -4.30 -44.72
N LYS B 259 -14.95 -4.69 -44.44
CA LYS B 259 -15.99 -3.70 -44.14
C LYS B 259 -15.58 -2.84 -42.93
N LEU B 260 -15.04 -3.47 -41.89
CA LEU B 260 -14.66 -2.73 -40.69
C LEU B 260 -13.43 -1.88 -40.98
N GLN B 261 -12.48 -2.41 -41.75
CA GLN B 261 -11.30 -1.63 -42.11
C GLN B 261 -11.66 -0.38 -42.93
N LYS B 262 -12.68 -0.50 -43.79
CA LYS B 262 -13.06 0.66 -44.59
C LYS B 262 -13.74 1.72 -43.72
N GLN B 263 -14.56 1.28 -42.76
CA GLN B 263 -15.13 2.22 -41.80
C GLN B 263 -14.04 2.94 -41.04
N MET B 264 -13.07 2.19 -40.53
CA MET B 264 -11.99 2.77 -39.76
C MET B 264 -11.09 3.64 -40.62
N ALA B 265 -10.82 3.21 -41.85
CA ALA B 265 -10.07 4.04 -42.78
C ALA B 265 -10.74 5.39 -43.01
N LEU B 266 -12.05 5.39 -43.26
CA LEU B 266 -12.76 6.66 -43.40
C LEU B 266 -12.63 7.50 -42.13
N ALA B 267 -12.73 6.84 -40.97
CA ALA B 267 -12.55 7.57 -39.71
C ALA B 267 -11.20 8.26 -39.66
N LEU B 268 -10.15 7.53 -40.07
CA LEU B 268 -8.79 7.99 -39.97
C LEU B 268 -8.43 9.06 -40.98
N SER B 269 -9.34 9.44 -41.89
CA SER B 269 -9.02 10.40 -42.93
C SER B 269 -9.43 11.81 -42.54
N SER B 270 -10.32 11.96 -41.55
CA SER B 270 -10.65 13.28 -41.03
C SER B 270 -9.39 14.02 -40.61
N ASN B 271 -9.41 15.35 -40.78
CA ASN B 271 -8.24 16.13 -40.39
C ASN B 271 -8.10 16.21 -38.87
N ASP B 272 -9.21 16.37 -38.15
CA ASP B 272 -9.15 16.50 -36.70
C ASP B 272 -8.73 15.19 -36.03
N ILE B 273 -9.05 14.06 -36.63
CA ILE B 273 -8.61 12.79 -36.06
C ILE B 273 -7.10 12.66 -36.23
N ARG B 274 -6.58 13.13 -37.37
CA ARG B 274 -5.16 13.01 -37.60
C ARG B 274 -4.39 13.93 -36.69
N LYS B 275 -4.95 15.12 -36.41
CA LYS B 275 -4.29 15.99 -35.43
C LYS B 275 -4.23 15.33 -34.06
N HIS B 276 -5.37 14.77 -33.60
CA HIS B 276 -5.36 14.15 -32.27
C HIS B 276 -4.40 12.98 -32.22
N PHE B 277 -4.21 12.29 -33.34
CA PHE B 277 -3.17 11.26 -33.43
C PHE B 277 -1.78 11.87 -33.28
N GLN B 278 -1.51 12.94 -34.03
CA GLN B 278 -0.19 13.56 -33.95
C GLN B 278 0.11 14.02 -32.52
N GLU B 279 -0.92 14.46 -31.81
CA GLU B 279 -0.71 14.89 -30.44
C GLU B 279 -0.28 13.74 -29.53
N GLN B 280 -0.55 12.50 -29.93
CA GLN B 280 -0.06 11.30 -29.25
C GLN B 280 1.30 10.85 -29.78
N GLY B 281 1.88 11.57 -30.74
CA GLY B 281 3.08 11.10 -31.41
C GLY B 281 2.82 10.05 -32.46
N ALA B 282 1.54 9.88 -32.88
CA ALA B 282 1.13 8.78 -33.74
C ALA B 282 0.83 9.30 -35.14
N VAL B 283 1.13 8.46 -36.12
CA VAL B 283 0.84 8.73 -37.53
C VAL B 283 -0.26 7.78 -37.99
N PRO B 284 -1.40 8.27 -38.46
CA PRO B 284 -2.45 7.37 -38.93
C PRO B 284 -1.98 6.50 -40.09
N CYS B 285 -2.55 5.31 -40.18
CA CYS B 285 -2.22 4.39 -41.27
C CYS B 285 -3.47 3.95 -42.01
N GLY B 286 -4.22 3.03 -41.42
CA GLY B 286 -5.47 2.62 -42.01
C GLY B 286 -5.33 1.71 -43.21
N TRP B 287 -4.21 0.99 -43.31
CA TRP B 287 -3.96 0.09 -44.44
C TRP B 287 -5.04 -0.99 -44.53
N ASP B 288 -5.17 -1.58 -45.72
CA ASP B 288 -6.19 -2.61 -45.93
C ASP B 288 -5.74 -3.90 -45.26
N PRO B 289 -6.66 -4.87 -45.11
CA PRO B 289 -6.31 -6.09 -44.38
C PRO B 289 -5.13 -6.84 -44.94
N SER B 290 -4.93 -6.81 -46.26
CA SER B 290 -3.82 -7.53 -46.88
C SER B 290 -2.49 -6.91 -46.49
N LYS B 291 -2.35 -5.59 -46.69
CA LYS B 291 -1.14 -4.91 -46.25
C LYS B 291 -1.00 -4.95 -44.73
N THR B 292 -2.13 -4.95 -44.00
CA THR B 292 -2.04 -5.09 -42.54
C THR B 292 -1.48 -6.45 -42.16
N ALA B 293 -1.97 -7.50 -42.79
CA ALA B 293 -1.44 -8.84 -42.51
C ALA B 293 0.03 -8.94 -42.86
N GLN B 294 0.43 -8.37 -44.00
CA GLN B 294 1.84 -8.45 -44.38
C GLN B 294 2.73 -7.71 -43.39
N PHE B 295 2.33 -6.48 -43.02
CA PHE B 295 3.06 -5.72 -41.99
C PHE B 295 3.21 -6.54 -40.70
N ILE B 296 2.12 -7.11 -40.21
CA ILE B 296 2.18 -7.88 -38.98
C ILE B 296 3.13 -9.07 -39.09
N ARG B 297 3.20 -9.71 -40.27
CA ARG B 297 4.13 -10.83 -40.41
C ARG B 297 5.57 -10.35 -40.39
N GLN B 298 5.84 -9.28 -41.14
CA GLN B 298 7.19 -8.72 -41.14
C GLN B 298 7.64 -8.37 -39.74
N GLU B 299 6.78 -7.67 -38.97
CA GLU B 299 7.19 -7.23 -37.64
C GLU B 299 7.35 -8.41 -36.69
N THR B 300 6.45 -9.38 -36.79
CA THR B 300 6.57 -10.58 -35.98
C THR B 300 7.94 -11.26 -36.17
N GLU B 301 8.34 -11.48 -37.44
CA GLU B 301 9.59 -12.16 -37.70
C GLU B 301 10.79 -11.28 -37.32
N LYS B 302 10.70 -9.98 -37.59
CA LYS B 302 11.74 -9.05 -37.14
C LYS B 302 12.03 -9.23 -35.65
N TRP B 303 11.01 -9.07 -34.81
CA TRP B 303 11.22 -9.13 -33.38
C TRP B 303 11.50 -10.56 -32.90
N LYS B 304 11.00 -11.57 -33.61
CA LYS B 304 11.37 -12.94 -33.28
C LYS B 304 12.89 -13.12 -33.37
N LYS B 305 13.48 -12.64 -34.45
CA LYS B 305 14.94 -12.75 -34.58
C LYS B 305 15.66 -11.99 -33.48
N VAL B 306 15.16 -10.81 -33.13
CA VAL B 306 15.77 -10.00 -32.06
C VAL B 306 15.71 -10.74 -30.72
N LEU B 307 14.53 -11.27 -30.38
CA LEU B 307 14.37 -12.04 -29.14
C LEU B 307 15.29 -13.26 -29.12
N LYS B 308 15.38 -13.97 -30.26
CA LYS B 308 16.26 -15.13 -30.36
C LYS B 308 17.72 -14.75 -30.12
N ALA B 309 18.21 -13.75 -30.84
CA ALA B 309 19.60 -13.34 -30.70
C ALA B 309 19.92 -12.92 -29.26
N ALA B 310 18.96 -12.27 -28.59
CA ALA B 310 19.15 -11.89 -27.19
C ALA B 310 18.85 -13.02 -26.22
N ASN B 311 18.23 -14.12 -26.67
CA ASN B 311 17.90 -15.27 -25.82
C ASN B 311 17.08 -14.83 -24.59
N VAL B 312 15.89 -14.30 -24.86
CA VAL B 312 15.05 -13.74 -23.80
C VAL B 312 13.80 -14.59 -23.59
N ASN C 21 50.61 13.54 25.72
CA ASN C 21 49.57 12.53 25.47
C ASN C 21 48.30 13.22 24.85
N GLN C 22 47.60 12.50 24.02
CA GLN C 22 46.52 13.10 23.27
C GLN C 22 45.28 13.23 24.16
N PRO C 23 44.61 14.38 24.13
CA PRO C 23 43.36 14.49 24.89
C PRO C 23 42.23 13.66 24.30
N LEU C 24 41.33 13.25 25.17
CA LEU C 24 40.01 12.80 24.74
C LEU C 24 39.17 13.95 24.20
N LYS C 25 38.53 13.73 23.07
CA LYS C 25 37.66 14.74 22.49
C LYS C 25 36.23 14.25 22.56
N ILE C 26 35.35 15.06 23.15
CA ILE C 26 33.91 14.82 23.23
C ILE C 26 33.24 15.89 22.38
N VAL C 27 32.57 15.48 21.30
CA VAL C 27 31.83 16.39 20.43
C VAL C 27 30.36 16.34 20.86
N VAL C 28 29.81 17.50 21.21
CA VAL C 28 28.40 17.64 21.52
C VAL C 28 27.76 18.29 20.29
N PRO C 29 26.88 17.62 19.60
CA PRO C 29 26.45 18.14 18.27
C PRO C 29 25.31 19.15 18.40
N PHE C 30 25.41 19.98 19.44
CA PHE C 30 24.43 21.01 19.72
C PHE C 30 25.19 22.17 20.32
N SER C 31 24.51 23.32 20.41
CA SER C 31 25.10 24.55 20.91
C SER C 31 25.34 24.47 22.41
N ALA C 32 26.33 25.23 22.88
CA ALA C 32 26.68 25.27 24.30
C ALA C 32 25.50 25.78 25.13
N GLY C 33 25.47 25.38 26.40
CA GLY C 33 24.61 25.99 27.41
C GLY C 33 23.39 25.19 27.82
N GLY C 34 22.90 24.32 26.96
CA GLY C 34 21.74 23.52 27.30
C GLY C 34 22.12 22.25 28.00
N THR C 35 21.10 21.45 28.30
CA THR C 35 21.32 20.19 29.01
C THR C 35 22.21 19.23 28.24
N ALA C 36 22.09 19.22 26.89
CA ALA C 36 22.93 18.37 26.07
C ALA C 36 24.41 18.68 26.24
N ASP C 37 24.74 19.95 26.52
CA ASP C 37 26.10 20.42 26.72
C ASP C 37 26.52 20.32 28.17
N VAL C 38 25.61 20.62 29.10
CA VAL C 38 25.92 20.60 30.53
C VAL C 38 26.35 19.21 30.99
N LEU C 39 25.57 18.19 30.65
CA LEU C 39 25.85 16.87 31.24
C LEU C 39 27.21 16.33 30.80
N PRO C 40 27.56 16.30 29.51
CA PRO C 40 28.89 15.79 29.16
C PRO C 40 30.01 16.60 29.79
N ARG C 41 29.88 17.95 29.84
CA ARG C 41 30.94 18.73 30.48
C ARG C 41 31.13 18.37 31.98
N LEU C 42 30.02 18.14 32.71
CA LEU C 42 30.13 17.72 34.11
C LEU C 42 30.89 16.41 34.22
N VAL C 43 30.62 15.47 33.31
CA VAL C 43 31.34 14.19 33.33
C VAL C 43 32.81 14.39 32.97
N ALA C 44 33.07 15.23 31.97
CA ALA C 44 34.44 15.45 31.52
C ALA C 44 35.36 15.85 32.68
N GLU C 45 34.90 16.80 33.51
CA GLU C 45 35.76 17.23 34.62
C GLU C 45 36.07 16.08 35.56
N LYS C 46 35.16 15.12 35.70
CA LYS C 46 35.42 13.98 36.57
C LYS C 46 36.34 12.96 35.93
N ILE C 47 36.38 12.84 34.59
CA ILE C 47 37.29 11.87 33.98
C ILE C 47 38.61 12.49 33.50
N ARG C 48 38.81 13.78 33.70
CA ARG C 48 40.09 14.38 33.35
C ARG C 48 41.28 13.70 34.04
N ALA C 49 41.08 13.11 35.22
CA ALA C 49 42.18 12.43 35.89
C ALA C 49 42.64 11.15 35.16
N ASP C 50 41.80 10.61 34.27
CA ASP C 50 42.12 9.42 33.52
C ASP C 50 42.84 9.74 32.23
N TYR C 51 42.93 11.02 31.83
CA TYR C 51 43.57 11.40 30.57
C TYR C 51 44.68 12.41 30.82
N ALA C 52 45.91 11.99 30.57
CA ALA C 52 47.05 12.86 30.80
C ALA C 52 47.00 14.09 29.91
N GLY C 53 46.45 13.96 28.70
CA GLY C 53 46.27 15.09 27.80
C GLY C 53 45.06 15.98 28.04
N GLY C 54 44.20 15.63 28.99
CA GLY C 54 42.98 16.36 29.24
C GLY C 54 41.79 15.85 28.49
N VAL C 55 40.73 16.65 28.55
CA VAL C 55 39.48 16.35 27.89
C VAL C 55 38.97 17.62 27.23
N ILE C 56 38.75 17.57 25.92
CA ILE C 56 38.20 18.68 25.15
C ILE C 56 36.73 18.41 24.91
N ILE C 57 35.89 19.44 25.13
CA ILE C 57 34.49 19.40 24.70
C ILE C 57 34.27 20.42 23.58
N GLU C 58 33.74 19.98 22.45
CA GLU C 58 33.44 20.88 21.34
C GLU C 58 31.94 20.84 21.09
N ASN C 59 31.38 21.99 20.76
CA ASN C 59 30.00 22.08 20.32
C ASN C 59 29.99 22.24 18.80
N LYS C 60 29.35 21.29 18.11
CA LYS C 60 29.26 21.34 16.66
C LYS C 60 27.77 21.26 16.30
N PRO C 61 27.04 22.35 16.44
CA PRO C 61 25.60 22.31 16.14
C PRO C 61 25.33 22.30 14.66
N GLY C 62 24.10 21.90 14.31
CA GLY C 62 23.63 21.95 12.95
C GLY C 62 22.83 20.73 12.48
N ALA C 63 21.69 20.99 11.88
CA ALA C 63 20.91 19.93 11.24
C ALA C 63 20.54 18.83 12.24
N GLY C 64 19.96 19.23 13.35
CA GLY C 64 19.48 18.26 14.32
C GLY C 64 20.52 17.34 14.89
N GLY C 65 21.77 17.78 14.96
CA GLY C 65 22.85 16.94 15.45
C GLY C 65 23.57 16.14 14.37
N ASN C 66 23.11 16.22 13.12
CA ASN C 66 23.72 15.41 12.07
C ASN C 66 25.11 15.92 11.67
N ILE C 67 25.33 17.23 11.69
CA ILE C 67 26.62 17.78 11.27
C ILE C 67 27.71 17.35 12.24
N GLY C 68 27.46 17.50 13.55
CA GLY C 68 28.45 17.09 14.53
C GLY C 68 28.62 15.59 14.58
N ALA C 69 27.52 14.86 14.45
CA ALA C 69 27.60 13.39 14.39
C ALA C 69 28.50 12.92 13.26
N ASP C 70 28.30 13.48 12.06
CA ASP C 70 29.12 13.10 10.91
C ASP C 70 30.61 13.25 11.20
N LEU C 71 30.99 14.28 11.97
CA LEU C 71 32.39 14.54 12.26
C LEU C 71 33.01 13.47 13.17
N VAL C 72 32.22 12.87 14.05
CA VAL C 72 32.70 11.76 14.87
C VAL C 72 32.61 10.44 14.11
N PHE C 73 31.50 10.20 13.38
CA PHE C 73 31.36 8.96 12.62
C PHE C 73 32.55 8.74 11.72
N ARG C 74 33.21 9.80 11.28
CA ARG C 74 34.38 9.71 10.41
C ARG C 74 35.69 9.73 11.14
N ALA C 75 35.68 9.81 12.46
CA ALA C 75 36.92 9.90 13.22
C ALA C 75 37.57 8.55 13.46
N PRO C 76 38.88 8.53 13.72
CA PRO C 76 39.59 7.27 13.97
C PRO C 76 38.94 6.49 15.09
N PRO C 77 38.71 5.19 14.92
CA PRO C 77 38.00 4.43 15.96
C PRO C 77 38.91 3.95 17.08
N ASP C 78 39.58 4.91 17.71
CA ASP C 78 40.55 4.59 18.77
C ASP C 78 40.10 5.04 20.15
N GLY C 79 38.83 5.35 20.32
CA GLY C 79 38.33 5.83 21.61
C GLY C 79 38.68 7.26 22.00
N MET C 80 39.42 7.99 21.16
CA MET C 80 39.85 9.34 21.54
C MET C 80 38.95 10.42 20.98
N THR C 81 38.01 10.07 20.13
CA THR C 81 36.96 10.97 19.69
C THR C 81 35.63 10.25 19.88
N VAL C 82 34.73 10.86 20.67
CA VAL C 82 33.39 10.32 20.95
C VAL C 82 32.31 11.39 20.83
N LEU C 83 31.08 10.91 20.62
CA LEU C 83 29.91 11.77 20.46
C LEU C 83 29.06 11.64 21.71
N ALA C 84 28.70 12.77 22.30
CA ALA C 84 27.79 12.84 23.44
C ALA C 84 26.55 13.62 22.96
N SER C 85 25.43 12.91 22.81
CA SER C 85 24.28 13.52 22.14
C SER C 85 22.95 13.06 22.74
N PRO C 86 21.91 13.90 22.69
CA PRO C 86 20.53 13.40 22.81
C PRO C 86 20.16 12.53 21.61
N PRO C 87 18.94 12.00 21.56
CA PRO C 87 18.69 10.83 20.72
C PRO C 87 18.71 11.08 19.23
N GLY C 88 18.56 12.31 18.76
CA GLY C 88 18.43 12.58 17.35
C GLY C 88 19.36 11.77 16.47
N PRO C 89 20.66 12.06 16.48
CA PRO C 89 21.59 11.29 15.64
C PRO C 89 21.94 9.92 16.19
N ILE C 90 21.36 9.51 17.32
CA ILE C 90 21.67 8.23 17.92
C ILE C 90 20.64 7.19 17.56
N ALA C 91 19.36 7.55 17.55
CA ALA C 91 18.28 6.60 17.43
C ALA C 91 17.10 7.03 16.61
N ILE C 92 17.06 8.27 16.10
CA ILE C 92 15.85 8.82 15.50
C ILE C 92 16.06 9.21 14.04
N ASN C 93 17.16 9.93 13.75
CA ASN C 93 17.23 10.76 12.53
C ASN C 93 17.30 9.95 11.23
N HIS C 94 17.76 8.71 11.29
CA HIS C 94 17.77 7.88 10.09
C HIS C 94 16.36 7.45 9.68
N ASN C 95 15.38 7.50 10.60
CA ASN C 95 13.98 7.23 10.30
C ASN C 95 13.17 8.50 10.09
N LEU C 96 13.81 9.64 9.95
CA LEU C 96 13.17 10.95 9.90
C LEU C 96 13.70 11.82 8.78
N TYR C 97 15.01 11.81 8.56
CA TYR C 97 15.62 12.49 7.42
C TYR C 97 15.67 11.52 6.22
N GLN C 98 15.63 12.09 5.03
CA GLN C 98 15.61 11.27 3.82
C GLN C 98 16.94 10.55 3.63
N LYS C 99 18.05 11.28 3.74
CA LYS C 99 19.37 10.66 3.70
C LYS C 99 20.29 11.29 4.74
N LEU C 100 21.09 10.45 5.39
CA LEU C 100 22.13 10.88 6.31
C LEU C 100 23.48 10.47 5.75
N SER C 101 24.51 11.25 6.05
CA SER C 101 25.89 10.90 5.70
C SER C 101 26.46 9.79 6.56
N PHE C 102 25.72 9.31 7.55
CA PHE C 102 26.19 8.27 8.48
C PHE C 102 25.01 7.35 8.77
N ASP C 103 25.33 6.18 9.33
CA ASP C 103 24.34 5.17 9.70
C ASP C 103 24.38 4.97 11.21
N PRO C 104 23.39 5.47 11.94
CA PRO C 104 23.42 5.34 13.40
C PRO C 104 23.47 3.90 13.88
N THR C 105 23.07 2.93 13.06
CA THR C 105 23.11 1.55 13.50
C THR C 105 24.53 1.03 13.66
N ARG C 106 25.50 1.74 13.11
CA ARG C 106 26.90 1.37 13.20
C ARG C 106 27.67 2.04 14.34
N TRP C 107 27.08 3.03 15.04
CA TRP C 107 27.70 3.56 16.26
C TRP C 107 28.09 2.43 17.19
N VAL C 108 29.24 2.58 17.83
CA VAL C 108 29.66 1.65 18.88
C VAL C 108 29.23 2.26 20.21
N PRO C 109 28.20 1.73 20.88
CA PRO C 109 27.71 2.39 22.09
C PRO C 109 28.75 2.31 23.19
N VAL C 110 28.80 3.37 24.01
CA VAL C 110 29.65 3.39 25.21
C VAL C 110 28.78 3.33 26.46
N THR C 111 27.94 4.33 26.67
CA THR C 111 27.07 4.34 27.83
C THR C 111 25.91 5.30 27.59
N ILE C 112 24.95 5.25 28.49
CA ILE C 112 23.90 6.24 28.61
C ILE C 112 24.26 7.09 29.81
N LEU C 113 24.50 8.39 29.60
CA LEU C 113 24.84 9.27 30.73
C LEU C 113 23.64 9.46 31.66
N ALA C 114 22.48 9.73 31.08
CA ALA C 114 21.36 10.23 31.88
C ALA C 114 20.10 10.23 31.04
N THR C 115 18.95 10.31 31.75
CA THR C 115 17.66 10.50 31.10
C THR C 115 16.94 11.68 31.74
N VAL C 116 16.14 12.38 30.95
CA VAL C 116 15.24 13.44 31.36
C VAL C 116 13.84 13.11 30.85
N PRO C 117 12.82 13.07 31.70
CA PRO C 117 11.51 12.61 31.24
C PRO C 117 10.65 13.71 30.64
N ASN C 118 9.81 13.29 29.69
CA ASN C 118 8.74 14.14 29.20
C ASN C 118 7.46 13.95 30.02
N VAL C 119 6.57 14.92 29.93
CA VAL C 119 5.41 14.98 30.82
C VAL C 119 4.21 15.46 30.03
N LEU C 120 3.01 15.19 30.56
CA LEU C 120 1.76 15.70 30.00
C LEU C 120 1.36 17.01 30.67
N VAL C 121 1.38 18.10 29.91
CA VAL C 121 1.08 19.43 30.44
C VAL C 121 -0.18 19.92 29.76
N ILE C 122 -1.13 20.44 30.56
CA ILE C 122 -2.39 20.96 30.02
C ILE C 122 -2.64 22.37 30.51
N ASN C 123 -3.41 23.10 29.73
CA ASN C 123 -3.94 24.38 30.18
C ASN C 123 -4.88 24.18 31.37
N PRO C 124 -4.76 24.98 32.42
CA PRO C 124 -5.54 24.70 33.64
C PRO C 124 -7.06 24.78 33.44
N LYS C 125 -7.55 25.33 32.33
CA LYS C 125 -9.00 25.48 32.15
C LYS C 125 -9.68 24.20 31.65
N LEU C 126 -8.95 23.22 31.15
CA LEU C 126 -9.59 21.98 30.80
C LEU C 126 -10.31 21.43 32.03
N PRO C 127 -11.52 20.90 31.87
CA PRO C 127 -12.29 20.46 33.05
C PRO C 127 -11.90 19.05 33.50
N VAL C 128 -10.61 18.86 33.76
CA VAL C 128 -10.06 17.57 34.17
C VAL C 128 -9.04 17.83 35.27
N LYS C 129 -8.96 16.90 36.22
CA LYS C 129 -8.00 17.02 37.32
C LYS C 129 -6.96 15.92 37.36
N SER C 130 -7.06 14.90 36.50
CA SER C 130 -6.16 13.77 36.55
C SER C 130 -5.93 13.26 35.15
N LEU C 131 -4.90 12.44 35.01
CA LEU C 131 -4.66 11.77 33.74
C LEU C 131 -5.87 10.95 33.34
N GLY C 132 -6.51 10.30 34.33
CA GLY C 132 -7.65 9.47 34.00
C GLY C 132 -8.75 10.28 33.33
N GLU C 133 -9.11 11.40 33.96
CA GLU C 133 -10.17 12.24 33.43
C GLU C 133 -9.76 12.84 32.09
N PHE C 134 -8.47 13.15 31.91
CA PHE C 134 -8.03 13.67 30.63
C PHE C 134 -8.24 12.66 29.50
N ILE C 135 -7.81 11.42 29.72
CA ILE C 135 -7.97 10.38 28.70
C ILE C 135 -9.45 10.16 28.41
N ALA C 136 -10.29 10.16 29.44
CA ALA C 136 -11.72 10.02 29.20
C ALA C 136 -12.27 11.24 28.49
N TYR C 137 -11.85 12.45 28.89
CA TYR C 137 -12.39 13.67 28.28
C TYR C 137 -12.07 13.72 26.80
N ALA C 138 -10.88 13.24 26.41
CA ALA C 138 -10.50 13.22 25.00
C ALA C 138 -11.19 12.09 24.23
N LYS C 139 -11.42 10.95 24.87
CA LYS C 139 -12.12 9.86 24.20
C LYS C 139 -13.53 10.26 23.85
N ALA C 140 -14.18 11.02 24.72
CA ALA C 140 -15.55 11.44 24.50
C ALA C 140 -15.68 12.61 23.53
N ASN C 141 -14.57 13.30 23.23
CA ASN C 141 -14.58 14.46 22.33
C ASN C 141 -13.37 14.33 21.42
N PRO C 142 -13.37 13.34 20.54
CA PRO C 142 -12.23 13.18 19.65
C PRO C 142 -11.99 14.42 18.81
N LYS C 143 -10.72 14.82 18.72
CA LYS C 143 -10.21 15.90 17.88
C LYS C 143 -10.48 17.26 18.53
N LYS C 144 -11.23 17.33 19.63
CA LYS C 144 -11.56 18.64 20.20
C LYS C 144 -10.40 19.19 21.04
N VAL C 145 -9.60 18.32 21.65
CA VAL C 145 -8.44 18.73 22.42
C VAL C 145 -7.25 18.92 21.48
N THR C 146 -6.62 20.09 21.55
CA THR C 146 -5.52 20.43 20.67
C THR C 146 -4.19 20.24 21.40
N VAL C 147 -3.14 19.93 20.66
CA VAL C 147 -1.86 19.55 21.25
C VAL C 147 -0.75 20.29 20.52
N ALA C 148 0.08 20.97 21.27
CA ALA C 148 1.19 21.72 20.70
C ALA C 148 2.38 20.83 20.44
N THR C 149 3.07 21.08 19.32
CA THR C 149 4.29 20.38 18.99
C THR C 149 5.34 21.36 18.45
N GLN C 150 6.56 20.87 18.28
CA GLN C 150 7.60 21.64 17.60
C GLN C 150 7.79 21.19 16.14
N GLY C 151 6.76 20.59 15.56
CA GLY C 151 6.86 20.10 14.20
C GLY C 151 7.05 18.61 14.17
N ASP C 152 6.72 18.03 13.00
CA ASP C 152 6.87 16.59 12.81
C ASP C 152 8.32 16.17 13.03
N GLY C 153 8.50 15.15 13.88
CA GLY C 153 9.80 14.65 14.26
C GLY C 153 10.29 15.13 15.61
N SER C 154 9.81 16.29 16.07
CA SER C 154 10.26 16.81 17.37
C SER C 154 9.82 15.90 18.51
N THR C 155 10.54 15.99 19.63
CA THR C 155 10.24 15.10 20.75
C THR C 155 8.84 15.33 21.27
N SER C 156 8.36 16.58 21.26
CA SER C 156 7.01 16.83 21.71
C SER C 156 5.99 16.21 20.75
N HIS C 157 6.28 16.20 19.46
CA HIS C 157 5.41 15.55 18.49
C HIS C 157 5.42 14.02 18.66
N LEU C 158 6.61 13.43 18.71
CA LEU C 158 6.74 11.99 18.89
C LEU C 158 6.10 11.51 20.19
N THR C 159 6.30 12.26 21.30
CA THR C 159 5.67 11.86 22.56
C THR C 159 4.15 11.98 22.50
N ALA C 160 3.62 13.03 21.86
CA ALA C 160 2.18 13.17 21.71
C ALA C 160 1.59 12.03 20.89
N ALA C 161 2.27 11.64 19.83
CA ALA C 161 1.76 10.56 18.98
C ALA C 161 1.78 9.23 19.73
N MET C 162 2.84 8.95 20.50
CA MET C 162 2.88 7.72 21.28
C MET C 162 1.73 7.66 22.25
N PHE C 163 1.45 8.80 22.91
CA PHE C 163 0.31 8.86 23.80
C PHE C 163 -0.96 8.51 23.06
N MET C 164 -1.18 9.14 21.88
CA MET C 164 -2.42 8.94 21.14
C MET C 164 -2.56 7.48 20.77
N GLN C 165 -1.47 6.88 20.27
CA GLN C 165 -1.49 5.48 19.86
C GLN C 165 -1.72 4.55 21.04
N LEU C 166 -1.08 4.81 22.18
CA LEU C 166 -1.27 3.90 23.32
C LEU C 166 -2.67 4.01 23.90
N THR C 167 -3.25 5.21 23.93
CA THR C 167 -4.53 5.44 24.59
C THR C 167 -5.71 5.46 23.61
N GLY C 168 -5.44 5.36 22.31
CA GLY C 168 -6.50 5.47 21.33
C GLY C 168 -7.29 6.76 21.43
N THR C 169 -6.62 7.86 21.76
CA THR C 169 -7.24 9.18 21.74
C THR C 169 -6.80 9.93 20.48
N GLU C 170 -7.58 10.95 20.13
CA GLU C 170 -7.35 11.75 18.94
C GLU C 170 -7.22 13.21 19.36
N LEU C 171 -6.05 13.78 19.11
CA LEU C 171 -5.76 15.17 19.43
C LEU C 171 -5.38 15.92 18.15
N THR C 172 -5.77 17.19 18.08
CA THR C 172 -5.52 17.99 16.90
C THR C 172 -4.21 18.74 17.08
N VAL C 173 -3.27 18.54 16.15
CA VAL C 173 -1.90 18.99 16.29
C VAL C 173 -1.77 20.44 15.83
N ILE C 174 -1.20 21.28 16.70
CA ILE C 174 -0.87 22.67 16.40
C ILE C 174 0.65 22.78 16.50
N PRO C 175 1.38 23.04 15.42
CA PRO C 175 2.85 23.14 15.50
C PRO C 175 3.31 24.55 15.78
N TYR C 176 4.46 24.62 16.47
CA TYR C 176 5.12 25.85 16.90
C TYR C 176 6.59 25.81 16.52
N LYS C 177 7.16 26.99 16.37
CA LYS C 177 8.57 27.09 15.99
C LYS C 177 9.52 26.76 17.14
N GLY C 178 9.03 26.73 18.38
CA GLY C 178 9.87 26.44 19.52
C GLY C 178 9.06 26.22 20.77
N THR C 179 9.77 25.94 21.86
CA THR C 179 9.10 25.69 23.12
C THR C 179 8.43 26.96 23.66
N ALA C 180 9.09 28.12 23.52
CA ALA C 180 8.54 29.30 24.20
C ALA C 180 7.20 29.71 23.62
N PRO C 181 7.05 29.80 22.29
CA PRO C 181 5.73 30.14 21.73
C PRO C 181 4.64 29.15 22.15
N ALA C 182 4.97 27.85 22.21
CA ALA C 182 4.00 26.85 22.62
C ALA C 182 3.51 27.12 24.03
N LEU C 183 4.44 27.37 24.97
CA LEU C 183 4.03 27.60 26.36
C LEU C 183 3.17 28.84 26.48
N ILE C 184 3.49 29.87 25.71
CA ILE C 184 2.65 31.08 25.69
C ILE C 184 1.20 30.72 25.39
N ASP C 185 0.98 29.93 24.32
CA ASP C 185 -0.41 29.57 23.97
C ASP C 185 -1.02 28.58 24.95
N LEU C 186 -0.23 27.63 25.45
CA LEU C 186 -0.73 26.71 26.48
C LEU C 186 -1.23 27.50 27.70
N ILE C 187 -0.40 28.42 28.19
CA ILE C 187 -0.79 29.24 29.33
C ILE C 187 -1.97 30.10 28.95
N GLY C 188 -1.98 30.59 27.73
CA GLY C 188 -3.06 31.45 27.25
C GLY C 188 -4.33 30.77 26.81
N GLY C 189 -4.35 29.43 26.81
CA GLY C 189 -5.55 28.71 26.45
C GLY C 189 -5.81 28.67 24.97
N ASN C 190 -4.82 28.94 24.14
CA ASN C 190 -4.98 28.82 22.70
C ASN C 190 -4.63 27.43 22.18
N VAL C 191 -3.97 26.59 22.99
CA VAL C 191 -3.73 25.18 22.73
C VAL C 191 -3.91 24.51 24.10
N ASP C 192 -4.36 23.24 24.08
CA ASP C 192 -4.87 22.58 25.28
C ASP C 192 -3.86 21.71 26.02
N VAL C 193 -2.95 21.07 25.31
CA VAL C 193 -1.99 20.16 25.90
C VAL C 193 -0.65 20.27 25.19
N PHE C 194 0.40 19.86 25.89
CA PHE C 194 1.77 19.92 25.39
C PHE C 194 2.56 18.85 26.12
N PHE C 195 3.33 18.05 25.39
CA PHE C 195 4.22 17.04 25.98
C PHE C 195 5.62 17.65 26.03
N ASP C 196 5.93 18.31 27.14
CA ASP C 196 7.20 19.00 27.38
C ASP C 196 8.11 18.12 28.24
N ASN C 197 9.38 18.51 28.30
CA ASN C 197 10.23 17.90 29.29
C ASN C 197 9.98 18.55 30.65
N ILE C 198 10.27 17.78 31.70
CA ILE C 198 9.93 18.22 33.06
C ILE C 198 10.61 19.54 33.40
N SER C 199 11.83 19.72 32.98
CA SER C 199 12.61 20.87 33.43
C SER C 199 12.05 22.18 32.90
N SER C 200 11.51 22.15 31.68
CA SER C 200 10.95 23.33 31.06
C SER C 200 9.63 23.74 31.70
N SER C 201 8.72 22.81 31.95
CA SER C 201 7.40 23.16 32.45
C SER C 201 7.30 23.27 33.96
N ALA C 202 8.28 22.80 34.72
CA ALA C 202 8.11 22.71 36.17
C ALA C 202 7.74 24.05 36.78
N THR C 203 8.47 25.11 36.42
CA THR C 203 8.22 26.43 37.04
C THR C 203 6.81 26.94 36.76
N TYR C 204 6.31 26.73 35.54
CA TYR C 204 4.95 27.15 35.21
C TYR C 204 3.91 26.31 35.92
N HIS C 205 4.17 25.03 36.13
CA HIS C 205 3.28 24.19 36.92
C HIS C 205 3.20 24.70 38.34
N GLN C 206 4.35 25.02 38.95
CA GLN C 206 4.33 25.48 40.34
C GLN C 206 3.63 26.83 40.45
N ALA C 207 3.64 27.64 39.41
CA ALA C 207 2.98 28.93 39.41
C ALA C 207 1.50 28.83 39.07
N GLY C 208 0.99 27.63 38.77
CA GLY C 208 -0.40 27.43 38.44
C GLY C 208 -0.78 27.84 37.04
N LYS C 209 0.20 28.13 36.18
CA LYS C 209 -0.08 28.56 34.82
C LYS C 209 -0.34 27.39 33.87
N VAL C 210 0.14 26.21 34.23
CA VAL C 210 -0.15 24.97 33.53
C VAL C 210 -0.39 23.93 34.62
N ARG C 211 -0.84 22.75 34.21
CA ARG C 211 -0.93 21.59 35.10
C ARG C 211 -0.28 20.39 34.43
N ILE C 212 0.77 19.86 35.08
CA ILE C 212 1.37 18.60 34.68
C ILE C 212 0.57 17.44 35.29
N LEU C 213 0.09 16.52 34.45
CA LEU C 213 -0.76 15.43 34.92
C LEU C 213 -0.02 14.11 35.13
N ALA C 214 1.11 13.88 34.46
CA ALA C 214 1.82 12.62 34.54
C ALA C 214 3.20 12.74 33.91
N VAL C 215 4.14 12.02 34.51
CA VAL C 215 5.52 11.96 34.02
C VAL C 215 5.70 10.64 33.33
N ALA C 216 6.25 10.67 32.11
CA ALA C 216 6.38 9.47 31.28
C ALA C 216 7.69 8.73 31.58
N ASP C 217 7.80 8.24 32.82
CA ASP C 217 9.02 7.62 33.27
C ASP C 217 8.68 6.50 34.24
N GLU C 218 9.73 5.74 34.63
CA GLU C 218 9.54 4.67 35.59
C GLU C 218 9.37 5.15 37.01
N GLN C 219 9.93 6.30 37.37
CA GLN C 219 9.77 6.84 38.72
C GLN C 219 9.44 8.32 38.63
N ARG C 220 8.94 8.87 39.73
CA ARG C 220 8.63 10.28 39.81
C ARG C 220 9.91 11.13 39.73
N SER C 221 9.73 12.38 39.35
CA SER C 221 10.82 13.33 39.27
C SER C 221 10.87 14.11 40.56
N GLN C 222 12.05 14.19 41.17
CA GLN C 222 12.19 14.92 42.42
C GLN C 222 12.00 16.42 42.26
N ILE C 223 12.06 16.93 41.04
CA ILE C 223 11.68 18.34 40.86
C ILE C 223 10.22 18.57 41.25
N LEU C 224 9.34 17.58 41.01
CA LEU C 224 7.92 17.69 41.35
C LEU C 224 7.51 16.39 42.01
N PRO C 225 7.90 16.20 43.27
CA PRO C 225 7.69 14.91 43.92
C PRO C 225 6.26 14.45 43.94
N GLN C 226 5.30 15.37 43.93
CA GLN C 226 3.87 15.06 44.04
C GLN C 226 3.20 14.73 42.71
N VAL C 227 3.91 14.82 41.61
CA VAL C 227 3.35 14.59 40.28
C VAL C 227 3.57 13.12 39.92
N PRO C 228 2.51 12.34 39.66
CA PRO C 228 2.68 10.90 39.48
C PRO C 228 3.13 10.55 38.08
N THR C 229 3.65 9.35 37.97
CA THR C 229 4.04 8.83 36.66
C THR C 229 2.81 8.32 35.92
N PHE C 230 2.94 8.18 34.60
CA PHE C 230 1.97 7.40 33.83
C PHE C 230 1.84 5.98 34.40
N ALA C 231 2.98 5.38 34.74
CA ALA C 231 3.00 3.98 35.14
C ALA C 231 2.13 3.70 36.36
N GLU C 232 2.19 4.57 37.38
CA GLU C 232 1.39 4.39 38.58
C GLU C 232 -0.07 4.78 38.38
N GLN C 233 -0.43 5.38 37.25
CA GLN C 233 -1.82 5.62 36.85
C GLN C 233 -2.30 4.62 35.79
N GLN C 234 -1.71 3.43 35.77
CA GLN C 234 -2.09 2.29 34.92
C GLN C 234 -1.70 2.46 33.46
N TRP C 235 -0.66 3.25 33.16
CA TRP C 235 -0.13 3.39 31.81
C TRP C 235 1.39 3.27 31.84
N PRO C 236 1.91 2.12 32.30
CA PRO C 236 3.38 1.95 32.33
C PRO C 236 4.02 1.86 30.95
N ALA C 237 3.25 1.52 29.92
CA ALA C 237 3.82 1.48 28.57
C ALA C 237 4.21 2.88 28.06
N MET C 238 3.74 3.93 28.73
CA MET C 238 4.00 5.30 28.29
C MET C 238 5.33 5.73 28.92
N GLN C 239 6.41 5.43 28.21
CA GLN C 239 7.76 5.74 28.67
C GLN C 239 8.40 6.59 27.59
N ALA C 240 8.62 7.86 27.88
CA ALA C 240 9.12 8.82 26.88
C ALA C 240 10.08 9.75 27.58
N VAL C 241 11.38 9.45 27.46
CA VAL C 241 12.43 10.27 28.04
C VAL C 241 13.41 10.68 26.95
N THR C 242 14.07 11.83 27.15
CA THR C 242 15.26 12.20 26.40
C THR C 242 16.46 11.56 27.07
N PHE C 243 17.14 10.64 26.38
CA PHE C 243 18.33 9.99 26.91
C PHE C 243 19.58 10.53 26.23
N PHE C 244 20.64 10.72 27.04
CA PHE C 244 21.89 11.33 26.59
C PHE C 244 22.96 10.27 26.53
N SER C 245 23.41 9.97 25.31
CA SER C 245 24.27 8.83 25.06
C SER C 245 25.71 9.27 24.76
N VAL C 246 26.65 8.34 24.94
CA VAL C 246 28.00 8.45 24.41
C VAL C 246 28.23 7.29 23.46
N VAL C 247 28.58 7.60 22.19
CA VAL C 247 28.90 6.62 21.17
C VAL C 247 30.27 6.91 20.56
N ALA C 248 30.93 5.84 20.09
CA ALA C 248 32.25 5.88 19.45
C ALA C 248 32.14 5.50 17.97
N PRO C 249 33.14 5.83 17.17
CA PRO C 249 33.04 5.63 15.72
C PRO C 249 32.98 4.15 15.36
N PRO C 250 32.40 3.83 14.20
CA PRO C 250 32.33 2.42 13.77
C PRO C 250 33.69 1.76 13.81
N GLY C 251 33.71 0.53 14.31
CA GLY C 251 34.95 -0.21 14.39
C GLY C 251 35.69 -0.04 15.68
N THR C 252 35.19 0.79 16.60
CA THR C 252 35.86 0.92 17.89
C THR C 252 35.72 -0.36 18.65
N SER C 253 36.84 -0.90 19.12
CA SER C 253 36.79 -2.19 19.81
C SER C 253 35.91 -2.10 21.05
N ALA C 254 35.31 -3.24 21.38
CA ALA C 254 34.48 -3.31 22.58
C ALA C 254 35.31 -3.03 23.83
N GLU C 255 36.58 -3.41 23.81
CA GLU C 255 37.45 -3.16 24.96
C GLU C 255 37.65 -1.66 25.19
N ILE C 256 37.85 -0.90 24.12
CA ILE C 256 38.00 0.54 24.23
C ILE C 256 36.72 1.18 24.72
N ALA C 257 35.57 0.71 24.22
CA ALA C 257 34.27 1.22 24.66
C ALA C 257 34.01 0.88 26.13
N GLN C 258 34.46 -0.29 26.56
CA GLN C 258 34.29 -0.70 27.95
C GLN C 258 35.17 0.15 28.87
N LYS C 259 36.39 0.40 28.49
CA LYS C 259 37.28 1.22 29.31
C LYS C 259 36.70 2.61 29.52
N LEU C 260 36.17 3.22 28.44
CA LEU C 260 35.60 4.56 28.57
C LEU C 260 34.32 4.52 29.39
N GLN C 261 33.48 3.50 29.15
CA GLN C 261 32.26 3.38 29.93
C GLN C 261 32.57 3.26 31.43
N LYS C 262 33.56 2.44 31.79
CA LYS C 262 33.92 2.27 33.20
C LYS C 262 34.41 3.58 33.79
N GLN C 263 35.12 4.39 33.02
CA GLN C 263 35.54 5.71 33.50
C GLN C 263 34.33 6.60 33.74
N MET C 264 33.39 6.63 32.81
CA MET C 264 32.24 7.51 32.99
C MET C 264 31.29 7.00 34.08
N ALA C 265 31.21 5.69 34.25
CA ALA C 265 30.35 5.17 35.31
C ALA C 265 30.86 5.62 36.65
N LEU C 266 32.18 5.61 36.85
CA LEU C 266 32.71 6.12 38.11
C LEU C 266 32.38 7.60 38.31
N ALA C 267 32.59 8.41 37.27
CA ALA C 267 32.23 9.82 37.36
C ALA C 267 30.75 10.00 37.72
N LEU C 268 29.90 9.15 37.16
CA LEU C 268 28.45 9.30 37.36
C LEU C 268 27.99 8.89 38.75
N SER C 269 28.85 8.25 39.54
CA SER C 269 28.47 7.71 40.83
C SER C 269 28.60 8.71 41.96
N SER C 270 29.25 9.85 41.75
CA SER C 270 29.42 10.81 42.83
C SER C 270 28.11 11.50 43.17
N ASN C 271 27.96 11.84 44.45
CA ASN C 271 26.74 12.52 44.88
C ASN C 271 26.64 13.93 44.29
N ASP C 272 27.78 14.61 44.11
CA ASP C 272 27.71 15.96 43.55
C ASP C 272 27.28 15.93 42.09
N ILE C 273 27.64 14.89 41.34
CA ILE C 273 27.16 14.72 39.97
C ILE C 273 25.66 14.42 39.98
N ARG C 274 25.20 13.59 40.92
CA ARG C 274 23.78 13.32 41.01
C ARG C 274 23.00 14.61 41.16
N LYS C 275 23.46 15.50 42.05
CA LYS C 275 22.75 16.75 42.30
C LYS C 275 22.75 17.65 41.06
N HIS C 276 23.94 17.88 40.47
CA HIS C 276 23.99 18.72 39.27
C HIS C 276 23.11 18.15 38.15
N PHE C 277 23.07 16.81 38.04
CA PHE C 277 22.19 16.20 37.02
C PHE C 277 20.72 16.48 37.36
N GLN C 278 20.36 16.28 38.64
CA GLN C 278 18.98 16.48 39.05
C GLN C 278 18.53 17.91 38.80
N GLU C 279 19.43 18.88 38.94
CA GLU C 279 19.10 20.27 38.70
C GLU C 279 18.72 20.52 37.26
N GLN C 280 19.15 19.63 36.34
CA GLN C 280 18.71 19.67 34.95
C GLN C 280 17.47 18.81 34.71
N GLY C 281 16.90 18.22 35.76
CA GLY C 281 15.86 17.21 35.61
C GLY C 281 16.36 15.87 35.17
N ALA C 282 17.67 15.63 35.27
CA ALA C 282 18.29 14.42 34.78
C ALA C 282 18.63 13.45 35.90
N VAL C 283 18.53 12.18 35.60
CA VAL C 283 18.95 11.09 36.49
C VAL C 283 20.14 10.39 35.86
N PRO C 284 21.25 10.19 36.59
CA PRO C 284 22.38 9.47 36.00
C PRO C 284 22.07 8.01 35.70
N CYS C 285 22.72 7.50 34.66
CA CYS C 285 22.54 6.08 34.30
C CYS C 285 23.87 5.34 34.39
N GLY C 286 24.67 5.44 33.35
CA GLY C 286 26.01 4.89 33.42
C GLY C 286 26.08 3.41 33.13
N TRP C 287 25.09 2.88 32.41
CA TRP C 287 25.00 1.45 32.16
C TRP C 287 26.16 0.96 31.31
N ASP C 288 26.42 -0.34 31.38
CA ASP C 288 27.49 -0.92 30.60
C ASP C 288 27.14 -0.87 29.10
N PRO C 289 28.15 -1.11 28.24
CA PRO C 289 27.91 -0.97 26.79
C PRO C 289 26.89 -1.94 26.21
N SER C 290 26.67 -3.09 26.85
CA SER C 290 25.70 -4.06 26.33
C SER C 290 24.27 -3.61 26.61
N LYS C 291 23.98 -3.30 27.87
CA LYS C 291 22.70 -2.71 28.20
C LYS C 291 22.47 -1.41 27.43
N THR C 292 23.50 -0.58 27.28
CA THR C 292 23.37 0.64 26.50
C THR C 292 22.96 0.34 25.07
N ALA C 293 23.61 -0.64 24.46
CA ALA C 293 23.29 -1.01 23.09
C ALA C 293 21.86 -1.54 22.98
N GLN C 294 21.45 -2.37 23.94
CA GLN C 294 20.07 -2.86 23.98
C GLN C 294 19.08 -1.71 24.09
N PHE C 295 19.31 -0.80 25.03
CA PHE C 295 18.43 0.33 25.21
C PHE C 295 18.27 1.12 23.92
N ILE C 296 19.37 1.38 23.22
CA ILE C 296 19.28 2.20 22.01
C ILE C 296 18.45 1.48 20.94
N ARG C 297 18.62 0.16 20.80
CA ARG C 297 17.80 -0.57 19.83
C ARG C 297 16.31 -0.52 20.20
N GLN C 298 16.00 -0.68 21.48
CA GLN C 298 14.60 -0.62 21.90
C GLN C 298 13.99 0.74 21.59
N GLU C 299 14.72 1.82 21.92
CA GLU C 299 14.24 3.17 21.65
C GLU C 299 14.18 3.47 20.16
N THR C 300 15.15 2.99 19.41
CA THR C 300 15.08 3.15 17.96
C THR C 300 13.79 2.51 17.39
N GLU C 301 13.54 1.25 17.73
CA GLU C 301 12.35 0.57 17.21
C GLU C 301 11.07 1.23 17.72
N LYS C 302 11.06 1.59 19.00
CA LYS C 302 9.92 2.30 19.57
C LYS C 302 9.56 3.50 18.73
N TRP C 303 10.52 4.41 18.51
CA TRP C 303 10.19 5.67 17.85
C TRP C 303 10.02 5.51 16.34
N LYS C 304 10.64 4.49 15.75
CA LYS C 304 10.35 4.16 14.36
C LYS C 304 8.87 3.78 14.18
N LYS C 305 8.32 2.97 15.09
CA LYS C 305 6.93 2.59 15.01
C LYS C 305 6.05 3.79 15.17
N VAL C 306 6.36 4.65 16.14
CA VAL C 306 5.53 5.83 16.38
C VAL C 306 5.47 6.70 15.14
N LEU C 307 6.63 6.90 14.49
CA LEU C 307 6.69 7.71 13.28
C LEU C 307 5.81 7.12 12.17
N LYS C 308 6.00 5.82 11.89
CA LYS C 308 5.20 5.13 10.88
C LYS C 308 3.71 5.37 11.09
N ALA C 309 3.18 4.94 12.24
CA ALA C 309 1.76 5.06 12.50
C ALA C 309 1.31 6.52 12.51
N ALA C 310 2.21 7.44 12.86
CA ALA C 310 1.84 8.85 12.90
C ALA C 310 1.64 9.40 11.49
N ASN C 311 2.58 9.12 10.58
CA ASN C 311 2.51 9.65 9.22
C ASN C 311 1.37 9.06 8.41
N VAL C 312 0.65 8.07 8.95
CA VAL C 312 -0.48 7.45 8.26
C VAL C 312 -1.78 8.03 8.83
N SER D 20 -14.05 -7.22 52.36
CA SER D 20 -13.89 -8.66 52.56
C SER D 20 -15.24 -9.32 52.79
N ASN D 21 -16.27 -8.52 53.09
CA ASN D 21 -17.64 -9.01 53.09
C ASN D 21 -18.32 -8.79 51.75
N GLN D 22 -17.65 -8.12 50.82
CA GLN D 22 -18.17 -7.93 49.47
C GLN D 22 -17.94 -9.20 48.65
N PRO D 23 -18.93 -9.68 47.92
CA PRO D 23 -18.71 -10.89 47.11
C PRO D 23 -17.75 -10.59 45.97
N LEU D 24 -17.03 -11.63 45.56
CA LEU D 24 -16.31 -11.59 44.30
C LEU D 24 -17.32 -11.65 43.17
N LYS D 25 -17.10 -10.86 42.13
CA LYS D 25 -17.97 -10.87 40.96
C LYS D 25 -17.18 -11.33 39.73
N ILE D 26 -17.69 -12.36 39.08
CA ILE D 26 -17.14 -12.87 37.85
C ILE D 26 -18.14 -12.55 36.75
N VAL D 27 -17.69 -11.82 35.73
CA VAL D 27 -18.52 -11.55 34.57
C VAL D 27 -18.08 -12.49 33.44
N VAL D 28 -19.03 -13.27 32.92
CA VAL D 28 -18.86 -14.07 31.72
C VAL D 28 -19.50 -13.29 30.57
N PRO D 29 -18.72 -12.79 29.57
CA PRO D 29 -19.31 -11.90 28.55
C PRO D 29 -20.04 -12.69 27.44
N PHE D 30 -20.74 -13.76 27.84
CA PHE D 30 -21.52 -14.57 26.92
C PHE D 30 -22.75 -15.07 27.64
N SER D 31 -23.63 -15.75 26.89
CA SER D 31 -24.89 -16.21 27.46
C SER D 31 -24.64 -17.44 28.33
N ALA D 32 -25.54 -17.65 29.28
CA ALA D 32 -25.49 -18.82 30.13
C ALA D 32 -25.68 -20.10 29.33
N GLY D 33 -25.24 -21.21 29.89
CA GLY D 33 -25.44 -22.51 29.27
C GLY D 33 -24.24 -23.18 28.62
N GLY D 34 -23.43 -22.44 27.87
CA GLY D 34 -22.31 -23.02 27.14
C GLY D 34 -21.06 -23.20 28.00
N THR D 35 -20.02 -23.73 27.37
CA THR D 35 -18.78 -24.02 28.08
C THR D 35 -18.21 -22.77 28.75
N ALA D 36 -18.34 -21.63 28.09
CA ALA D 36 -17.82 -20.38 28.62
C ALA D 36 -18.47 -20.02 29.94
N ASP D 37 -19.72 -20.42 30.15
CA ASP D 37 -20.46 -20.23 31.38
C ASP D 37 -20.25 -21.36 32.39
N VAL D 38 -20.19 -22.61 31.90
CA VAL D 38 -20.04 -23.77 32.80
C VAL D 38 -18.71 -23.72 33.56
N LEU D 39 -17.60 -23.49 32.84
CA LEU D 39 -16.31 -23.64 33.53
C LEU D 39 -16.07 -22.64 34.66
N PRO D 40 -16.34 -21.33 34.51
CA PRO D 40 -16.17 -20.42 35.65
C PRO D 40 -17.17 -20.69 36.76
N ARG D 41 -18.37 -21.17 36.43
CA ARG D 41 -19.35 -21.47 37.50
C ARG D 41 -18.95 -22.69 38.33
N LEU D 42 -18.32 -23.67 37.70
CA LEU D 42 -17.74 -24.78 38.46
C LEU D 42 -16.65 -24.29 39.40
N VAL D 43 -15.80 -23.38 38.92
CA VAL D 43 -14.69 -22.90 39.73
C VAL D 43 -15.22 -22.04 40.85
N ALA D 44 -16.27 -21.27 40.56
CA ALA D 44 -16.89 -20.42 41.58
C ALA D 44 -17.34 -21.22 42.80
N GLU D 45 -17.85 -22.43 42.58
CA GLU D 45 -18.36 -23.23 43.69
C GLU D 45 -17.25 -23.60 44.66
N LYS D 46 -16.03 -23.83 44.15
CA LYS D 46 -14.92 -24.17 45.04
C LYS D 46 -14.33 -22.95 45.75
N ILE D 47 -14.21 -21.81 45.08
CA ILE D 47 -13.52 -20.69 45.69
C ILE D 47 -14.43 -19.83 46.58
N ARG D 48 -15.74 -20.11 46.60
CA ARG D 48 -16.61 -19.46 47.57
C ARG D 48 -16.05 -19.52 48.99
N ALA D 49 -15.33 -20.60 49.33
CA ALA D 49 -14.76 -20.73 50.67
C ALA D 49 -13.83 -19.59 51.00
N ASP D 50 -13.30 -18.91 50.00
CA ASP D 50 -12.34 -17.84 50.22
C ASP D 50 -12.98 -16.47 50.30
N TYR D 51 -14.30 -16.35 50.11
CA TYR D 51 -14.99 -15.07 50.10
C TYR D 51 -16.18 -15.13 51.05
N ALA D 52 -16.10 -14.40 52.16
CA ALA D 52 -17.20 -14.36 53.12
C ALA D 52 -18.50 -13.89 52.49
N GLY D 53 -18.42 -13.04 51.48
CA GLY D 53 -19.61 -12.57 50.81
C GLY D 53 -20.10 -13.39 49.68
N GLY D 54 -19.34 -14.41 49.29
CA GLY D 54 -19.72 -15.26 48.20
C GLY D 54 -19.13 -14.86 46.86
N VAL D 55 -19.66 -15.48 45.80
CA VAL D 55 -19.16 -15.28 44.45
C VAL D 55 -20.38 -15.16 43.54
N ILE D 56 -20.49 -14.02 42.88
CA ILE D 56 -21.54 -13.76 41.90
C ILE D 56 -20.99 -14.10 40.52
N ILE D 57 -21.79 -14.77 39.70
CA ILE D 57 -21.46 -14.91 38.29
C ILE D 57 -22.55 -14.21 37.48
N GLU D 58 -22.17 -13.30 36.59
CA GLU D 58 -23.11 -12.61 35.72
C GLU D 58 -22.79 -12.90 34.28
N ASN D 59 -23.82 -13.04 33.47
CA ASN D 59 -23.69 -13.22 32.03
C ASN D 59 -24.06 -11.91 31.36
N LYS D 60 -23.11 -11.35 30.57
CA LYS D 60 -23.31 -10.05 29.94
C LYS D 60 -22.93 -10.19 28.48
N PRO D 61 -23.78 -10.82 27.67
CA PRO D 61 -23.44 -11.07 26.26
C PRO D 61 -23.51 -9.81 25.45
N GLY D 62 -22.89 -9.84 24.28
CA GLY D 62 -22.92 -8.71 23.36
C GLY D 62 -21.60 -8.43 22.65
N ALA D 63 -21.67 -8.29 21.33
CA ALA D 63 -20.58 -7.85 20.51
C ALA D 63 -19.34 -8.70 20.76
N GLY D 64 -19.49 -10.02 20.55
CA GLY D 64 -18.35 -10.94 20.62
C GLY D 64 -17.56 -10.89 21.91
N GLY D 65 -18.24 -10.51 23.00
CA GLY D 65 -17.62 -10.40 24.31
C GLY D 65 -17.22 -9.00 24.73
N ASN D 66 -17.31 -8.02 23.82
CA ASN D 66 -16.75 -6.70 24.13
C ASN D 66 -17.62 -5.90 25.09
N ILE D 67 -18.94 -6.12 25.08
CA ILE D 67 -19.82 -5.42 26.01
C ILE D 67 -19.50 -5.82 27.44
N GLY D 68 -19.46 -7.13 27.72
CA GLY D 68 -19.16 -7.59 29.07
C GLY D 68 -17.73 -7.28 29.46
N ALA D 69 -16.82 -7.41 28.51
CA ALA D 69 -15.42 -7.08 28.79
C ALA D 69 -15.27 -5.62 29.22
N ASP D 70 -15.93 -4.71 28.51
CA ASP D 70 -15.86 -3.29 28.87
C ASP D 70 -16.31 -3.04 30.30
N LEU D 71 -17.29 -3.79 30.78
CA LEU D 71 -17.83 -3.58 32.12
C LEU D 71 -16.83 -3.96 33.18
N VAL D 72 -16.01 -4.99 32.91
CA VAL D 72 -14.95 -5.37 33.84
C VAL D 72 -13.74 -4.44 33.68
N PHE D 73 -13.39 -4.11 32.43
CA PHE D 73 -12.23 -3.28 32.19
C PHE D 73 -12.33 -1.95 32.95
N ARG D 74 -13.54 -1.46 33.20
CA ARG D 74 -13.78 -0.19 33.84
C ARG D 74 -14.01 -0.33 35.33
N ALA D 75 -14.04 -1.55 35.86
CA ALA D 75 -14.32 -1.75 37.28
C ALA D 75 -13.10 -1.44 38.15
N PRO D 76 -13.30 -1.26 39.46
CA PRO D 76 -12.13 -0.97 40.36
C PRO D 76 -11.10 -2.09 40.33
N PRO D 77 -9.79 -1.78 40.24
CA PRO D 77 -8.76 -2.81 40.15
C PRO D 77 -8.40 -3.38 41.52
N ASP D 78 -9.41 -3.85 42.25
CA ASP D 78 -9.18 -4.41 43.57
C ASP D 78 -9.29 -5.93 43.60
N GLY D 79 -9.39 -6.58 42.45
CA GLY D 79 -9.56 -8.01 42.37
C GLY D 79 -10.94 -8.55 42.78
N MET D 80 -11.91 -7.66 43.03
CA MET D 80 -13.26 -8.09 43.40
C MET D 80 -14.19 -8.17 42.20
N THR D 81 -13.72 -7.77 41.03
CA THR D 81 -14.43 -7.88 39.77
C THR D 81 -13.46 -8.43 38.73
N VAL D 82 -13.74 -9.62 38.20
CA VAL D 82 -12.91 -10.23 37.17
C VAL D 82 -13.75 -10.67 35.99
N LEU D 83 -13.10 -10.81 34.83
CA LEU D 83 -13.72 -11.31 33.61
C LEU D 83 -13.23 -12.75 33.37
N ALA D 84 -14.17 -13.66 33.08
CA ALA D 84 -13.86 -15.04 32.68
C ALA D 84 -14.38 -15.25 31.27
N SER D 85 -13.46 -15.39 30.30
CA SER D 85 -13.88 -15.34 28.91
C SER D 85 -13.02 -16.18 27.99
N PRO D 86 -13.60 -16.69 26.89
CA PRO D 86 -12.80 -17.23 25.81
C PRO D 86 -12.04 -16.11 25.10
N PRO D 87 -11.27 -16.42 24.05
CA PRO D 87 -10.19 -15.50 23.64
C PRO D 87 -10.65 -14.18 23.04
N GLY D 88 -11.89 -14.04 22.61
CA GLY D 88 -12.31 -12.86 21.87
C GLY D 88 -11.81 -11.57 22.46
N PRO D 89 -12.31 -11.21 23.64
CA PRO D 89 -11.89 -9.93 24.25
C PRO D 89 -10.59 -10.01 25.04
N ILE D 90 -9.90 -11.14 24.96
CA ILE D 90 -8.63 -11.32 25.68
C ILE D 90 -7.43 -11.20 24.74
N ALA D 91 -7.54 -11.79 23.55
CA ALA D 91 -6.40 -11.84 22.64
C ALA D 91 -6.67 -11.54 21.18
N ILE D 92 -7.92 -11.36 20.76
CA ILE D 92 -8.27 -11.35 19.34
C ILE D 92 -8.91 -10.03 18.92
N ASN D 93 -9.90 -9.56 19.66
CA ASN D 93 -10.82 -8.57 19.11
C ASN D 93 -10.14 -7.24 18.79
N HIS D 94 -9.04 -6.89 19.47
CA HIS D 94 -8.39 -5.62 19.15
C HIS D 94 -7.65 -5.66 17.82
N ASN D 95 -7.43 -6.85 17.24
CA ASN D 95 -6.88 -6.99 15.90
C ASN D 95 -7.95 -7.39 14.90
N LEU D 96 -9.21 -7.41 15.30
CA LEU D 96 -10.33 -7.81 14.46
C LEU D 96 -11.34 -6.69 14.26
N TYR D 97 -11.81 -6.09 15.36
CA TYR D 97 -12.67 -4.92 15.29
C TYR D 97 -11.84 -3.68 14.99
N GLN D 98 -12.45 -2.73 14.28
CA GLN D 98 -11.71 -1.53 13.88
C GLN D 98 -11.34 -0.70 15.10
N LYS D 99 -12.21 -0.65 16.11
CA LYS D 99 -11.86 0.04 17.34
C LYS D 99 -12.65 -0.56 18.51
N LEU D 100 -12.00 -0.60 19.67
CA LEU D 100 -12.59 -1.08 20.91
C LEU D 100 -12.53 0.03 21.94
N SER D 101 -13.41 -0.07 22.94
CA SER D 101 -13.39 0.84 24.09
C SER D 101 -12.31 0.47 25.10
N PHE D 102 -11.56 -0.60 24.87
CA PHE D 102 -10.59 -1.09 25.85
C PHE D 102 -9.46 -1.78 25.09
N ASP D 103 -8.28 -1.84 25.73
CA ASP D 103 -7.10 -2.45 25.12
C ASP D 103 -6.86 -3.77 25.82
N PRO D 104 -7.09 -4.92 25.16
CA PRO D 104 -6.80 -6.22 25.80
C PRO D 104 -5.38 -6.36 26.31
N THR D 105 -4.39 -5.74 25.65
CA THR D 105 -3.02 -5.86 26.16
C THR D 105 -2.84 -5.25 27.56
N ARG D 106 -3.79 -4.46 28.05
CA ARG D 106 -3.69 -3.91 29.41
C ARG D 106 -4.43 -4.73 30.48
N TRP D 107 -5.09 -5.81 30.10
CA TRP D 107 -5.63 -6.72 31.10
C TRP D 107 -4.54 -7.20 32.05
N VAL D 108 -4.89 -7.39 33.31
CA VAL D 108 -3.99 -8.01 34.29
C VAL D 108 -4.31 -9.51 34.32
N PRO D 109 -3.45 -10.38 33.80
CA PRO D 109 -3.79 -11.80 33.73
C PRO D 109 -3.84 -12.42 35.12
N VAL D 110 -4.76 -13.36 35.29
CA VAL D 110 -4.86 -14.15 36.49
C VAL D 110 -4.49 -15.61 36.22
N THR D 111 -5.25 -16.30 35.35
CA THR D 111 -4.97 -17.70 35.03
C THR D 111 -5.70 -18.10 33.76
N ILE D 112 -5.25 -19.22 33.22
CA ILE D 112 -5.98 -19.92 32.17
C ILE D 112 -6.75 -21.06 32.82
N LEU D 113 -8.07 -21.06 32.69
CA LEU D 113 -8.84 -22.13 33.34
C LEU D 113 -8.75 -23.47 32.60
N ALA D 114 -8.79 -23.46 31.28
CA ALA D 114 -8.88 -24.69 30.50
C ALA D 114 -8.73 -24.35 29.03
N THR D 115 -8.49 -25.38 28.25
CA THR D 115 -8.44 -25.32 26.81
C THR D 115 -9.37 -26.40 26.27
N VAL D 116 -10.05 -26.06 25.18
CA VAL D 116 -10.84 -26.99 24.40
C VAL D 116 -10.31 -26.94 22.97
N PRO D 117 -9.96 -28.08 22.37
CA PRO D 117 -9.32 -28.05 21.06
C PRO D 117 -10.32 -27.98 19.92
N ASN D 118 -9.89 -27.34 18.84
CA ASN D 118 -10.61 -27.40 17.57
C ASN D 118 -10.08 -28.54 16.71
N VAL D 119 -10.94 -29.03 15.81
CA VAL D 119 -10.69 -30.21 14.99
C VAL D 119 -11.07 -29.91 13.55
N LEU D 120 -10.52 -30.70 12.64
CA LEU D 120 -10.81 -30.64 11.21
C LEU D 120 -11.87 -31.68 10.90
N VAL D 121 -13.06 -31.21 10.53
CA VAL D 121 -14.22 -32.06 10.29
C VAL D 121 -14.60 -31.97 8.82
N ILE D 122 -14.89 -33.11 8.18
CA ILE D 122 -15.20 -33.14 6.75
C ILE D 122 -16.52 -33.85 6.52
N ASN D 123 -17.13 -33.54 5.40
CA ASN D 123 -18.20 -34.38 4.91
C ASN D 123 -17.66 -35.76 4.52
N PRO D 124 -18.34 -36.85 4.92
CA PRO D 124 -17.78 -38.20 4.67
C PRO D 124 -17.70 -38.57 3.20
N LYS D 125 -18.34 -37.84 2.29
CA LYS D 125 -18.26 -38.23 0.89
C LYS D 125 -16.97 -37.77 0.21
N LEU D 126 -16.21 -36.84 0.81
CA LEU D 126 -14.91 -36.47 0.25
C LEU D 126 -14.07 -37.73 0.07
N PRO D 127 -13.42 -37.91 -1.09
CA PRO D 127 -12.65 -39.12 -1.35
C PRO D 127 -11.29 -39.16 -0.65
N VAL D 128 -11.29 -38.89 0.66
CA VAL D 128 -10.07 -38.95 1.46
C VAL D 128 -10.37 -39.64 2.79
N LYS D 129 -9.36 -40.31 3.33
CA LYS D 129 -9.50 -40.99 4.61
C LYS D 129 -8.54 -40.52 5.69
N SER D 130 -7.65 -39.59 5.39
CA SER D 130 -6.69 -39.13 6.38
C SER D 130 -6.40 -37.65 6.16
N LEU D 131 -5.80 -37.04 7.19
CA LEU D 131 -5.35 -35.65 7.07
C LEU D 131 -4.44 -35.48 5.85
N GLY D 132 -3.50 -36.41 5.67
CA GLY D 132 -2.54 -36.27 4.58
C GLY D 132 -3.22 -36.30 3.23
N GLU D 133 -4.15 -37.23 3.05
CA GLU D 133 -4.87 -37.29 1.80
C GLU D 133 -5.71 -36.04 1.60
N PHE D 134 -6.27 -35.49 2.68
CA PHE D 134 -7.08 -34.29 2.55
C PHE D 134 -6.24 -33.11 2.08
N ILE D 135 -5.05 -32.96 2.67
CA ILE D 135 -4.16 -31.86 2.29
C ILE D 135 -3.77 -32.02 0.83
N ALA D 136 -3.39 -33.23 0.42
CA ALA D 136 -3.00 -33.43 -0.97
C ALA D 136 -4.16 -33.15 -1.91
N TYR D 137 -5.36 -33.58 -1.53
CA TYR D 137 -6.56 -33.33 -2.32
C TYR D 137 -6.83 -31.83 -2.48
N ALA D 138 -6.68 -31.07 -1.39
CA ALA D 138 -6.93 -29.64 -1.49
C ALA D 138 -5.89 -28.95 -2.35
N LYS D 139 -4.62 -29.30 -2.17
CA LYS D 139 -3.56 -28.70 -2.97
C LYS D 139 -3.71 -29.02 -4.45
N ALA D 140 -4.25 -30.20 -4.77
CA ALA D 140 -4.45 -30.57 -6.16
C ALA D 140 -5.74 -30.04 -6.75
N ASN D 141 -6.59 -29.39 -5.94
CA ASN D 141 -7.85 -28.80 -6.41
C ASN D 141 -8.08 -27.49 -5.67
N PRO D 142 -7.22 -26.50 -5.92
CA PRO D 142 -7.30 -25.26 -5.14
C PRO D 142 -8.65 -24.59 -5.31
N LYS D 143 -9.21 -24.12 -4.20
CA LYS D 143 -10.49 -23.44 -4.10
C LYS D 143 -11.71 -24.31 -4.39
N LYS D 144 -11.52 -25.58 -4.71
CA LYS D 144 -12.64 -26.46 -5.04
C LYS D 144 -13.27 -27.08 -3.79
N VAL D 145 -12.51 -27.18 -2.70
CA VAL D 145 -13.03 -27.66 -1.43
C VAL D 145 -13.53 -26.46 -0.64
N THR D 146 -14.78 -26.54 -0.18
CA THR D 146 -15.39 -25.43 0.53
C THR D 146 -15.29 -25.67 2.03
N VAL D 147 -15.26 -24.56 2.80
CA VAL D 147 -15.07 -24.61 4.25
C VAL D 147 -16.09 -23.72 4.91
N ALA D 148 -16.80 -24.25 5.90
CA ALA D 148 -17.80 -23.48 6.62
C ALA D 148 -17.13 -22.66 7.71
N THR D 149 -17.65 -21.45 7.92
CA THR D 149 -17.23 -20.61 9.05
C THR D 149 -18.46 -19.97 9.70
N GLN D 150 -18.22 -19.22 10.79
CA GLN D 150 -19.23 -18.39 11.43
C GLN D 150 -18.97 -16.91 11.19
N GLY D 151 -18.47 -16.57 10.02
CA GLY D 151 -18.14 -15.20 9.69
C GLY D 151 -16.67 -14.91 9.90
N ASP D 152 -16.21 -13.81 9.30
CA ASP D 152 -14.83 -13.38 9.48
C ASP D 152 -14.56 -13.09 10.96
N GLY D 153 -13.41 -13.56 11.43
CA GLY D 153 -13.06 -13.41 12.84
C GLY D 153 -13.49 -14.57 13.75
N SER D 154 -14.48 -15.34 13.33
CA SER D 154 -14.95 -16.45 14.16
C SER D 154 -13.83 -17.47 14.34
N THR D 155 -13.93 -18.20 15.44
CA THR D 155 -12.95 -19.23 15.73
C THR D 155 -12.79 -20.22 14.59
N SER D 156 -13.89 -20.61 13.95
CA SER D 156 -13.81 -21.56 12.85
C SER D 156 -13.16 -20.94 11.61
N HIS D 157 -13.36 -19.65 11.39
CA HIS D 157 -12.70 -18.98 10.28
C HIS D 157 -11.22 -18.82 10.54
N LEU D 158 -10.85 -18.32 11.72
CA LEU D 158 -9.44 -18.17 12.05
C LEU D 158 -8.70 -19.50 11.99
N THR D 159 -9.31 -20.58 12.48
CA THR D 159 -8.64 -21.89 12.43
C THR D 159 -8.54 -22.39 10.98
N ALA D 160 -9.56 -22.11 10.15
CA ALA D 160 -9.45 -22.44 8.72
C ALA D 160 -8.33 -21.66 8.06
N ALA D 161 -8.16 -20.38 8.40
CA ALA D 161 -7.14 -19.56 7.78
C ALA D 161 -5.74 -20.01 8.21
N MET D 162 -5.59 -20.36 9.49
CA MET D 162 -4.31 -20.90 9.93
C MET D 162 -3.97 -22.19 9.18
N PHE D 163 -4.94 -23.07 9.01
CA PHE D 163 -4.71 -24.32 8.30
C PHE D 163 -4.26 -24.07 6.85
N MET D 164 -4.89 -23.08 6.19
CA MET D 164 -4.53 -22.78 4.82
C MET D 164 -3.12 -22.20 4.76
N GLN D 165 -2.78 -21.29 5.69
CA GLN D 165 -1.47 -20.63 5.66
C GLN D 165 -0.33 -21.61 5.93
N LEU D 166 -0.52 -22.53 6.88
CA LEU D 166 0.51 -23.52 7.18
C LEU D 166 0.64 -24.53 6.06
N THR D 167 -0.48 -24.96 5.48
CA THR D 167 -0.42 -26.05 4.51
C THR D 167 -0.32 -25.54 3.07
N GLY D 168 -0.39 -24.23 2.86
CA GLY D 168 -0.45 -23.69 1.52
C GLY D 168 -1.59 -24.22 0.68
N THR D 169 -2.78 -24.35 1.27
CA THR D 169 -3.99 -24.76 0.56
C THR D 169 -4.96 -23.58 0.47
N GLU D 170 -5.92 -23.72 -0.45
CA GLU D 170 -6.90 -22.68 -0.72
C GLU D 170 -8.26 -23.33 -0.67
N LEU D 171 -9.10 -22.89 0.27
CA LEU D 171 -10.46 -23.37 0.44
C LEU D 171 -11.43 -22.23 0.20
N THR D 172 -12.58 -22.53 -0.38
CA THR D 172 -13.59 -21.52 -0.62
C THR D 172 -14.47 -21.37 0.63
N VAL D 173 -14.59 -20.15 1.14
CA VAL D 173 -15.21 -19.90 2.44
C VAL D 173 -16.72 -19.70 2.26
N ILE D 174 -17.50 -20.48 2.99
CA ILE D 174 -18.95 -20.32 3.06
C ILE D 174 -19.30 -19.94 4.50
N PRO D 175 -19.77 -18.73 4.75
CA PRO D 175 -20.11 -18.36 6.13
C PRO D 175 -21.53 -18.73 6.53
N TYR D 176 -21.72 -18.97 7.83
CA TYR D 176 -22.98 -19.38 8.41
C TYR D 176 -23.26 -18.55 9.67
N LYS D 177 -24.52 -18.47 10.03
CA LYS D 177 -24.92 -17.64 11.16
C LYS D 177 -24.63 -18.29 12.50
N GLY D 178 -24.41 -19.61 12.50
CA GLY D 178 -24.06 -20.28 13.73
C GLY D 178 -23.57 -21.68 13.43
N THR D 179 -23.16 -22.38 14.50
CA THR D 179 -22.67 -23.75 14.34
C THR D 179 -23.73 -24.67 13.77
N ALA D 180 -24.98 -24.54 14.23
CA ALA D 180 -26.03 -25.49 13.85
C ALA D 180 -26.29 -25.53 12.34
N PRO D 181 -26.51 -24.40 11.65
CA PRO D 181 -26.70 -24.49 10.18
C PRO D 181 -25.43 -24.96 9.45
N ALA D 182 -24.24 -24.70 10.00
CA ALA D 182 -23.02 -25.20 9.38
C ALA D 182 -22.99 -26.73 9.40
N LEU D 183 -23.36 -27.33 10.54
CA LEU D 183 -23.35 -28.79 10.62
C LEU D 183 -24.40 -29.40 9.72
N ILE D 184 -25.56 -28.78 9.62
CA ILE D 184 -26.61 -29.27 8.72
C ILE D 184 -26.07 -29.38 7.29
N ASP D 185 -25.41 -28.32 6.84
CA ASP D 185 -24.86 -28.33 5.49
C ASP D 185 -23.70 -29.30 5.37
N LEU D 186 -22.84 -29.36 6.38
CA LEU D 186 -21.73 -30.29 6.32
C LEU D 186 -22.22 -31.73 6.22
N ILE D 187 -23.18 -32.08 7.08
CA ILE D 187 -23.73 -33.41 7.04
C ILE D 187 -24.40 -33.66 5.71
N GLY D 188 -25.02 -32.63 5.15
CA GLY D 188 -25.79 -32.79 3.93
C GLY D 188 -25.01 -32.67 2.66
N GLY D 189 -23.70 -32.44 2.75
CA GLY D 189 -22.85 -32.37 1.57
C GLY D 189 -22.93 -31.08 0.81
N ASN D 190 -23.40 -30.02 1.42
CA ASN D 190 -23.44 -28.71 0.80
C ASN D 190 -22.22 -27.87 1.12
N VAL D 191 -21.45 -28.24 2.13
CA VAL D 191 -20.12 -27.69 2.37
C VAL D 191 -19.21 -28.87 2.75
N ASP D 192 -17.91 -28.71 2.50
CA ASP D 192 -17.01 -29.86 2.55
C ASP D 192 -16.27 -30.04 3.88
N VAL D 193 -15.90 -28.96 4.54
N VAL D 193 -15.92 -28.95 4.54
CA VAL D 193 -15.04 -29.03 5.71
CA VAL D 193 -15.05 -28.99 5.69
C VAL D 193 -15.47 -27.94 6.68
C VAL D 193 -15.53 -27.95 6.69
N PHE D 194 -15.15 -28.15 7.96
CA PHE D 194 -15.53 -27.24 9.03
C PHE D 194 -14.53 -27.45 10.16
N PHE D 195 -13.93 -26.37 10.67
CA PHE D 195 -13.00 -26.46 11.79
C PHE D 195 -13.81 -26.13 13.05
N ASP D 196 -14.39 -27.16 13.63
CA ASP D 196 -15.26 -27.06 14.80
C ASP D 196 -14.46 -27.35 16.09
N ASN D 197 -15.11 -27.15 17.22
CA ASN D 197 -14.55 -27.66 18.47
C ASN D 197 -14.97 -29.10 18.66
N ILE D 198 -14.13 -29.87 19.34
CA ILE D 198 -14.34 -31.31 19.51
C ILE D 198 -15.70 -31.62 20.12
N SER D 199 -16.13 -30.83 21.08
CA SER D 199 -17.33 -31.17 21.85
C SER D 199 -18.57 -31.10 20.97
N SER D 200 -18.55 -30.23 19.97
CA SER D 200 -19.69 -30.02 19.10
C SER D 200 -19.80 -31.13 18.06
N SER D 201 -18.70 -31.52 17.43
CA SER D 201 -18.79 -32.50 16.34
C SER D 201 -18.74 -33.97 16.79
N ALA D 202 -18.28 -34.25 18.01
CA ALA D 202 -18.01 -35.62 18.44
C ALA D 202 -19.19 -36.56 18.19
N THR D 203 -20.40 -36.18 18.63
CA THR D 203 -21.56 -37.06 18.43
C THR D 203 -21.80 -37.37 16.94
N TYR D 204 -21.65 -36.38 16.09
CA TYR D 204 -21.88 -36.59 14.67
C TYR D 204 -20.78 -37.43 14.05
N HIS D 205 -19.54 -37.27 14.50
CA HIS D 205 -18.47 -38.17 14.10
C HIS D 205 -18.77 -39.60 14.50
N GLN D 206 -19.21 -39.81 15.74
CA GLN D 206 -19.50 -41.15 16.21
C GLN D 206 -20.66 -41.78 15.46
N ALA D 207 -21.59 -40.96 14.96
CA ALA D 207 -22.69 -41.50 14.18
C ALA D 207 -22.37 -41.62 12.71
N GLY D 208 -21.15 -41.28 12.31
CA GLY D 208 -20.73 -41.36 10.92
C GLY D 208 -21.30 -40.28 10.02
N LYS D 209 -21.96 -39.27 10.58
CA LYS D 209 -22.48 -38.15 9.76
C LYS D 209 -21.38 -37.22 9.29
N VAL D 210 -20.24 -37.21 9.97
CA VAL D 210 -19.07 -36.44 9.57
C VAL D 210 -17.85 -37.26 9.95
N ARG D 211 -16.69 -36.82 9.47
CA ARG D 211 -15.42 -37.46 9.83
C ARG D 211 -14.45 -36.43 10.35
N ILE D 212 -14.09 -36.54 11.64
CA ILE D 212 -13.04 -35.73 12.23
C ILE D 212 -11.71 -36.38 11.86
N LEU D 213 -10.84 -35.64 11.20
CA LEU D 213 -9.57 -36.19 10.73
C LEU D 213 -8.41 -35.88 11.65
N ALA D 214 -8.42 -34.76 12.37
CA ALA D 214 -7.31 -34.42 13.23
C ALA D 214 -7.73 -33.39 14.26
N VAL D 215 -7.08 -33.43 15.42
CA VAL D 215 -7.27 -32.48 16.52
C VAL D 215 -6.09 -31.54 16.58
N ALA D 216 -6.38 -30.24 16.58
CA ALA D 216 -5.32 -29.23 16.53
C ALA D 216 -4.78 -28.92 17.92
N ASP D 217 -4.18 -29.93 18.57
CA ASP D 217 -3.77 -29.79 19.95
C ASP D 217 -2.54 -30.67 20.17
N GLU D 218 -1.95 -30.52 21.36
CA GLU D 218 -0.69 -31.22 21.63
C GLU D 218 -0.94 -32.69 21.92
N GLN D 219 -2.09 -33.04 22.45
CA GLN D 219 -2.41 -34.41 22.80
C GLN D 219 -3.83 -34.69 22.31
N ARG D 220 -4.14 -35.97 22.14
CA ARG D 220 -5.48 -36.37 21.73
C ARG D 220 -6.53 -35.94 22.78
N SER D 221 -7.75 -35.80 22.35
CA SER D 221 -8.86 -35.53 23.27
C SER D 221 -9.52 -36.82 23.73
N GLN D 222 -9.76 -36.94 25.02
CA GLN D 222 -10.38 -38.15 25.55
C GLN D 222 -11.83 -38.32 25.14
N ILE D 223 -12.45 -37.29 24.58
CA ILE D 223 -13.78 -37.47 24.02
C ILE D 223 -13.76 -38.53 22.92
N LEU D 224 -12.71 -38.48 22.07
CA LEU D 224 -12.52 -39.43 20.95
C LEU D 224 -11.05 -39.87 20.97
N PRO D 225 -10.73 -40.85 21.80
CA PRO D 225 -9.31 -41.21 21.98
C PRO D 225 -8.65 -41.72 20.70
N GLN D 226 -9.43 -42.15 19.71
CA GLN D 226 -8.87 -42.70 18.48
C GLN D 226 -8.55 -41.66 17.42
N VAL D 227 -8.96 -40.41 17.61
CA VAL D 227 -8.74 -39.36 16.62
C VAL D 227 -7.37 -38.76 16.84
N PRO D 228 -6.50 -38.73 15.83
CA PRO D 228 -5.13 -38.24 16.04
C PRO D 228 -5.01 -36.73 15.97
N THR D 229 -3.93 -36.24 16.55
CA THR D 229 -3.65 -34.82 16.48
C THR D 229 -2.99 -34.49 15.14
N PHE D 230 -3.05 -33.22 14.75
CA PHE D 230 -2.20 -32.71 13.68
C PHE D 230 -0.73 -33.00 13.99
N ALA D 231 -0.31 -32.78 15.25
CA ALA D 231 1.11 -32.90 15.59
C ALA D 231 1.65 -34.28 15.24
N GLU D 232 0.95 -35.35 15.63
CA GLU D 232 1.44 -36.70 15.38
C GLU D 232 1.30 -37.10 13.93
N GLN D 233 0.68 -36.27 13.10
CA GLN D 233 0.61 -36.46 11.65
C GLN D 233 1.48 -35.43 10.93
N GLN D 234 2.53 -34.96 11.62
CA GLN D 234 3.62 -34.16 11.05
C GLN D 234 3.25 -32.71 10.90
N TRP D 235 2.21 -32.24 11.60
CA TRP D 235 1.80 -30.83 11.55
C TRP D 235 1.67 -30.27 12.96
N PRO D 236 2.75 -30.32 13.75
CA PRO D 236 2.69 -29.76 15.11
C PRO D 236 2.42 -28.26 15.16
N ALA D 237 2.67 -27.52 14.09
CA ALA D 237 2.38 -26.09 14.14
C ALA D 237 0.87 -25.81 14.13
N MET D 238 0.06 -26.79 13.75
CA MET D 238 -1.40 -26.62 13.75
C MET D 238 -1.90 -26.80 15.18
N GLN D 239 -1.91 -25.70 15.93
CA GLN D 239 -2.23 -25.65 17.35
C GLN D 239 -3.29 -24.57 17.48
N ALA D 240 -4.55 -24.97 17.64
CA ALA D 240 -5.67 -24.02 17.66
C ALA D 240 -6.68 -24.52 18.69
N VAL D 241 -6.66 -23.92 19.87
CA VAL D 241 -7.57 -24.28 20.94
C VAL D 241 -8.32 -23.02 21.36
N THR D 242 -9.53 -23.23 21.85
CA THR D 242 -10.24 -22.20 22.59
C THR D 242 -9.76 -22.27 24.04
N PHE D 243 -9.14 -21.20 24.53
CA PHE D 243 -8.66 -21.14 25.90
C PHE D 243 -9.55 -20.16 26.68
N PHE D 244 -9.82 -20.51 27.94
CA PHE D 244 -10.71 -19.76 28.82
C PHE D 244 -9.89 -19.11 29.92
N SER D 245 -9.91 -17.78 29.97
CA SER D 245 -9.00 -17.01 30.82
C SER D 245 -9.77 -16.24 31.89
N VAL D 246 -9.08 -15.94 32.97
CA VAL D 246 -9.56 -14.98 33.96
C VAL D 246 -8.59 -13.81 33.95
N VAL D 247 -9.12 -12.57 33.79
CA VAL D 247 -8.32 -11.36 33.78
C VAL D 247 -8.98 -10.34 34.70
N ALA D 248 -8.14 -9.46 35.22
CA ALA D 248 -8.54 -8.40 36.13
C ALA D 248 -8.34 -7.02 35.51
N PRO D 249 -9.02 -5.98 36.01
CA PRO D 249 -8.94 -4.64 35.37
C PRO D 249 -7.52 -4.10 35.39
N PRO D 250 -7.16 -3.24 34.46
CA PRO D 250 -5.83 -2.60 34.52
C PRO D 250 -5.55 -1.99 35.89
N GLY D 251 -4.36 -2.25 36.40
CA GLY D 251 -3.93 -1.72 37.67
C GLY D 251 -4.08 -2.64 38.85
N THR D 252 -4.68 -3.80 38.65
CA THR D 252 -4.78 -4.77 39.73
C THR D 252 -3.39 -5.24 40.09
N SER D 253 -3.07 -5.21 41.37
CA SER D 253 -1.72 -5.58 41.79
C SER D 253 -1.40 -7.04 41.44
N ALA D 254 -0.14 -7.31 41.16
CA ALA D 254 0.31 -8.67 40.91
C ALA D 254 -0.02 -9.57 42.08
N GLU D 255 -0.02 -9.03 43.30
CA GLU D 255 -0.29 -9.85 44.46
C GLU D 255 -1.74 -10.31 44.47
N ILE D 256 -2.66 -9.39 44.26
CA ILE D 256 -4.08 -9.74 44.21
C ILE D 256 -4.35 -10.76 43.14
N ALA D 257 -3.73 -10.60 41.95
CA ALA D 257 -3.90 -11.57 40.88
C ALA D 257 -3.34 -12.93 41.26
N GLN D 258 -2.20 -12.97 41.98
CA GLN D 258 -1.64 -14.25 42.40
C GLN D 258 -2.57 -14.94 43.39
N LYS D 259 -3.11 -14.19 44.34
CA LYS D 259 -4.01 -14.78 45.33
C LYS D 259 -5.21 -15.44 44.66
N LEU D 260 -5.84 -14.75 43.72
CA LEU D 260 -6.97 -15.35 43.03
C LEU D 260 -6.57 -16.57 42.19
N GLN D 261 -5.46 -16.48 41.46
CA GLN D 261 -5.01 -17.61 40.65
C GLN D 261 -4.77 -18.83 41.53
N LYS D 262 -4.19 -18.61 42.71
CA LYS D 262 -3.92 -19.74 43.59
C LYS D 262 -5.23 -20.37 44.06
N GLN D 263 -6.20 -19.54 44.42
CA GLN D 263 -7.51 -20.06 44.80
C GLN D 263 -8.10 -20.89 43.67
N MET D 264 -8.00 -20.39 42.43
CA MET D 264 -8.60 -21.10 41.30
C MET D 264 -7.79 -22.34 40.94
N ALA D 265 -6.48 -22.32 41.10
CA ALA D 265 -5.69 -23.50 40.79
C ALA D 265 -6.01 -24.63 41.76
N LEU D 266 -6.27 -24.30 43.02
CA LEU D 266 -6.69 -25.31 43.97
C LEU D 266 -8.03 -25.94 43.57
N ALA D 267 -9.01 -25.11 43.20
CA ALA D 267 -10.28 -25.61 42.69
C ALA D 267 -10.09 -26.53 41.50
N LEU D 268 -9.23 -26.14 40.57
CA LEU D 268 -9.01 -26.92 39.36
C LEU D 268 -8.30 -28.24 39.63
N SER D 269 -7.74 -28.43 40.81
CA SER D 269 -7.10 -29.70 41.15
C SER D 269 -8.06 -30.75 41.70
N SER D 270 -9.25 -30.36 42.12
CA SER D 270 -10.21 -31.34 42.63
C SER D 270 -10.64 -32.32 41.54
N ASN D 271 -10.88 -33.56 41.95
CA ASN D 271 -11.20 -34.60 40.96
C ASN D 271 -12.56 -34.36 40.33
N ASP D 272 -13.52 -33.87 41.11
CA ASP D 272 -14.85 -33.65 40.56
C ASP D 272 -14.82 -32.60 39.46
N ILE D 273 -14.10 -31.50 39.69
CA ILE D 273 -14.03 -30.41 38.72
C ILE D 273 -13.32 -30.86 37.45
N ARG D 274 -12.23 -31.59 37.58
CA ARG D 274 -11.54 -32.05 36.38
C ARG D 274 -12.46 -32.91 35.51
N LYS D 275 -13.20 -33.80 36.15
CA LYS D 275 -14.12 -34.67 35.42
C LYS D 275 -15.16 -33.81 34.70
N HIS D 276 -15.74 -32.86 35.42
CA HIS D 276 -16.73 -31.98 34.80
C HIS D 276 -16.14 -31.16 33.67
N PHE D 277 -14.90 -30.70 33.81
CA PHE D 277 -14.20 -30.07 32.68
C PHE D 277 -14.06 -31.04 31.48
N GLN D 278 -13.57 -32.25 31.73
CA GLN D 278 -13.49 -33.20 30.61
C GLN D 278 -14.83 -33.40 29.90
N GLU D 279 -15.91 -33.35 30.65
CA GLU D 279 -17.23 -33.51 30.03
C GLU D 279 -17.57 -32.38 29.04
N GLN D 280 -16.97 -31.22 29.21
CA GLN D 280 -17.09 -30.11 28.25
C GLN D 280 -16.09 -30.23 27.10
N GLY D 281 -15.28 -31.28 27.11
CA GLY D 281 -14.12 -31.35 26.25
C GLY D 281 -12.97 -30.46 26.64
N ALA D 282 -12.91 -30.02 27.89
CA ALA D 282 -11.95 -29.04 28.36
C ALA D 282 -10.93 -29.72 29.27
N VAL D 283 -9.67 -29.33 29.09
CA VAL D 283 -8.56 -29.75 29.97
C VAL D 283 -8.24 -28.63 30.96
N PRO D 284 -8.28 -28.89 32.26
CA PRO D 284 -7.87 -27.86 33.22
C PRO D 284 -6.41 -27.40 33.08
N CYS D 285 -6.17 -26.10 33.30
CA CYS D 285 -4.81 -25.59 33.27
C CYS D 285 -4.42 -25.00 34.62
N GLY D 286 -4.90 -23.82 34.93
CA GLY D 286 -4.62 -23.25 36.23
C GLY D 286 -3.23 -22.69 36.37
N TRP D 287 -2.58 -22.32 35.27
CA TRP D 287 -1.22 -21.78 35.29
C TRP D 287 -1.12 -20.49 36.12
N ASP D 288 0.12 -20.19 36.56
CA ASP D 288 0.34 -19.01 37.34
C ASP D 288 0.26 -17.77 36.45
N PRO D 289 0.22 -16.58 37.06
CA PRO D 289 -0.05 -15.38 36.26
C PRO D 289 1.02 -15.08 35.25
N SER D 290 2.26 -15.50 35.50
CA SER D 290 3.35 -15.22 34.58
C SER D 290 3.26 -16.11 33.35
N LYS D 291 3.08 -17.42 33.55
CA LYS D 291 2.90 -18.31 32.41
C LYS D 291 1.64 -17.93 31.66
N THR D 292 0.59 -17.56 32.39
CA THR D 292 -0.64 -17.12 31.71
C THR D 292 -0.36 -15.92 30.77
N ALA D 293 0.36 -14.93 31.28
CA ALA D 293 0.59 -13.73 30.48
C ALA D 293 1.38 -14.07 29.24
N GLN D 294 2.33 -15.00 29.37
CA GLN D 294 3.12 -15.43 28.23
C GLN D 294 2.24 -16.09 27.18
N PHE D 295 1.44 -17.07 27.59
CA PHE D 295 0.53 -17.75 26.66
C PHE D 295 -0.39 -16.77 25.95
N ILE D 296 -0.95 -15.81 26.67
CA ILE D 296 -1.85 -14.85 26.04
C ILE D 296 -1.11 -14.02 24.99
N ARG D 297 0.12 -13.58 25.29
CA ARG D 297 0.91 -12.84 24.30
C ARG D 297 1.21 -13.69 23.07
N GLN D 298 1.67 -14.93 23.29
CA GLN D 298 1.91 -15.84 22.17
C GLN D 298 0.65 -16.04 21.34
N GLU D 299 -0.47 -16.37 21.98
CA GLU D 299 -1.72 -16.55 21.23
C GLU D 299 -2.15 -15.27 20.50
N THR D 300 -1.95 -14.12 21.14
CA THR D 300 -2.34 -12.86 20.50
C THR D 300 -1.53 -12.63 19.22
N GLU D 301 -0.21 -12.77 19.32
CA GLU D 301 0.62 -12.63 18.13
C GLU D 301 0.28 -13.69 17.09
N LYS D 302 -0.02 -14.90 17.53
CA LYS D 302 -0.35 -15.98 16.61
C LYS D 302 -1.54 -15.59 15.74
N TRP D 303 -2.63 -15.16 16.37
CA TRP D 303 -3.85 -14.87 15.62
C TRP D 303 -3.79 -13.53 14.92
N LYS D 304 -2.98 -12.60 15.43
CA LYS D 304 -2.76 -11.35 14.70
C LYS D 304 -2.15 -11.62 13.33
N LYS D 305 -1.20 -12.56 13.28
CA LYS D 305 -0.59 -12.91 12.00
C LYS D 305 -1.62 -13.57 11.09
N VAL D 306 -2.41 -14.52 11.61
CA VAL D 306 -3.40 -15.19 10.80
C VAL D 306 -4.39 -14.19 10.22
N LEU D 307 -4.81 -13.22 11.03
CA LEU D 307 -5.78 -12.23 10.58
C LEU D 307 -5.22 -11.37 9.46
N LYS D 308 -3.97 -10.92 9.60
CA LYS D 308 -3.34 -10.12 8.55
C LYS D 308 -3.19 -10.89 7.25
N ALA D 309 -2.60 -12.08 7.30
CA ALA D 309 -2.43 -12.86 6.07
C ALA D 309 -3.75 -13.28 5.45
N ALA D 310 -4.83 -13.27 6.19
CA ALA D 310 -6.13 -13.67 5.68
C ALA D 310 -6.85 -12.51 4.98
N ASN D 311 -6.93 -11.35 5.63
CA ASN D 311 -7.60 -10.18 5.07
C ASN D 311 -6.61 -9.39 4.23
N VAL D 312 -6.29 -9.94 3.05
CA VAL D 312 -5.31 -9.36 2.14
C VAL D 312 -3.92 -9.38 2.76
N ASN E 21 -28.92 32.78 -13.18
CA ASN E 21 -27.52 32.64 -13.56
C ASN E 21 -26.76 31.60 -12.73
N GLN E 22 -27.40 31.06 -11.74
CA GLN E 22 -26.80 30.03 -10.89
C GLN E 22 -26.81 28.69 -11.62
N PRO E 23 -25.70 27.98 -11.66
CA PRO E 23 -25.69 26.66 -12.34
C PRO E 23 -26.53 25.65 -11.58
N LEU E 24 -27.15 24.76 -12.34
CA LEU E 24 -27.68 23.51 -11.78
C LEU E 24 -26.55 22.66 -11.23
N LYS E 25 -26.76 22.05 -10.06
CA LYS E 25 -25.77 21.13 -9.50
C LYS E 25 -26.35 19.74 -9.36
N ILE E 26 -25.68 18.76 -9.96
CA ILE E 26 -26.07 17.35 -9.90
C ILE E 26 -25.01 16.65 -9.06
N VAL E 27 -25.41 16.07 -7.94
CA VAL E 27 -24.51 15.29 -7.10
C VAL E 27 -24.70 13.80 -7.40
N VAL E 28 -23.62 13.15 -7.78
CA VAL E 28 -23.59 11.70 -7.95
C VAL E 28 -22.88 11.14 -6.72
N PRO E 29 -23.55 10.36 -5.89
CA PRO E 29 -22.95 9.95 -4.60
C PRO E 29 -22.03 8.72 -4.73
N PHE E 30 -21.27 8.70 -5.82
CA PHE E 30 -20.41 7.59 -6.18
C PHE E 30 -19.25 8.20 -6.97
N SER E 31 -18.18 7.42 -7.07
CA SER E 31 -16.94 7.86 -7.71
C SER E 31 -17.16 8.05 -9.20
N ALA E 32 -16.29 8.85 -9.81
CA ALA E 32 -16.37 9.09 -11.24
C ALA E 32 -16.01 7.84 -12.02
N GLY E 33 -16.50 7.76 -13.25
CA GLY E 33 -16.13 6.71 -14.16
C GLY E 33 -17.16 5.63 -14.50
N GLY E 34 -17.92 5.18 -13.52
CA GLY E 34 -18.88 4.13 -13.75
C GLY E 34 -20.15 4.63 -14.39
N THR E 35 -21.09 3.72 -14.61
CA THR E 35 -22.34 4.09 -15.24
C THR E 35 -23.11 5.11 -14.43
N ALA E 36 -23.03 5.06 -13.11
CA ALA E 36 -23.70 6.06 -12.29
C ALA E 36 -23.21 7.48 -12.56
N ASP E 37 -21.94 7.63 -12.92
CA ASP E 37 -21.36 8.90 -13.28
C ASP E 37 -21.64 9.24 -14.74
N VAL E 38 -21.53 8.25 -15.65
CA VAL E 38 -21.62 8.53 -17.10
C VAL E 38 -23.00 9.08 -17.48
N LEU E 39 -24.06 8.41 -17.06
CA LEU E 39 -25.38 8.79 -17.56
C LEU E 39 -25.80 10.20 -17.17
N PRO E 40 -25.65 10.65 -15.94
CA PRO E 40 -26.01 12.05 -15.64
C PRO E 40 -25.09 13.05 -16.32
N ARG E 41 -23.85 12.69 -16.59
CA ARG E 41 -22.99 13.64 -17.30
C ARG E 41 -23.34 13.72 -18.79
N LEU E 42 -23.86 12.66 -19.37
CA LEU E 42 -24.36 12.74 -20.72
C LEU E 42 -25.59 13.64 -20.78
N VAL E 43 -26.49 13.50 -19.82
CA VAL E 43 -27.69 14.33 -19.81
C VAL E 43 -27.30 15.77 -19.55
N ALA E 44 -26.26 15.98 -18.72
CA ALA E 44 -25.87 17.35 -18.40
C ALA E 44 -25.46 18.15 -19.64
N GLU E 45 -24.73 17.50 -20.56
CA GLU E 45 -24.35 18.18 -21.79
C GLU E 45 -25.56 18.68 -22.55
N LYS E 46 -26.65 17.91 -22.55
CA LYS E 46 -27.85 18.34 -23.27
C LYS E 46 -28.61 19.47 -22.56
N ILE E 47 -28.70 19.46 -21.23
CA ILE E 47 -29.52 20.45 -20.57
C ILE E 47 -28.72 21.70 -20.17
N ARG E 48 -27.43 21.76 -20.50
CA ARG E 48 -26.72 23.01 -20.30
C ARG E 48 -27.38 24.16 -21.04
N ALA E 49 -28.14 23.87 -22.10
CA ALA E 49 -28.81 24.93 -22.85
C ALA E 49 -29.92 25.63 -22.06
N ASP E 50 -30.47 24.97 -21.05
CA ASP E 50 -31.51 25.57 -20.22
C ASP E 50 -31.00 26.27 -18.97
N TYR E 51 -29.68 26.34 -18.77
CA TYR E 51 -29.10 26.94 -17.58
C TYR E 51 -27.99 27.89 -17.98
N ALA E 52 -28.24 29.19 -17.80
CA ALA E 52 -27.27 30.19 -18.22
C ALA E 52 -25.98 30.05 -17.45
N GLY E 53 -26.05 29.57 -16.23
CA GLY E 53 -24.86 29.34 -15.44
C GLY E 53 -24.16 28.03 -15.60
N GLY E 54 -24.73 27.12 -16.37
CA GLY E 54 -24.17 25.81 -16.60
C GLY E 54 -24.76 24.72 -15.71
N VAL E 55 -24.08 23.57 -15.73
CA VAL E 55 -24.50 22.41 -14.95
C VAL E 55 -23.25 21.83 -14.30
N ILE E 56 -23.23 21.79 -12.98
CA ILE E 56 -22.14 21.18 -12.23
C ILE E 56 -22.49 19.74 -11.90
N ILE E 57 -21.55 18.83 -12.14
CA ILE E 57 -21.65 17.46 -11.66
C ILE E 57 -20.55 17.23 -10.64
N GLU E 58 -20.92 16.77 -9.45
CA GLU E 58 -19.96 16.47 -8.40
C GLU E 58 -20.11 15.02 -8.01
N ASN E 59 -19.00 14.33 -7.82
CA ASN E 59 -18.95 13.00 -7.25
C ASN E 59 -18.64 13.07 -5.75
N LYS E 60 -19.55 12.52 -4.95
CA LYS E 60 -19.44 12.49 -3.49
C LYS E 60 -19.64 11.05 -3.02
N PRO E 61 -18.64 10.19 -3.22
CA PRO E 61 -18.78 8.79 -2.83
C PRO E 61 -18.73 8.63 -1.33
N GLY E 62 -19.14 7.45 -0.86
CA GLY E 62 -19.09 7.16 0.56
C GLY E 62 -20.33 6.48 1.09
N ALA E 63 -20.13 5.37 1.81
CA ALA E 63 -21.20 4.71 2.56
C ALA E 63 -22.38 4.36 1.65
N GLY E 64 -22.06 3.70 0.53
CA GLY E 64 -23.08 3.22 -0.39
C GLY E 64 -24.01 4.30 -0.91
N GLY E 65 -23.49 5.50 -1.12
CA GLY E 65 -24.26 6.64 -1.58
C GLY E 65 -24.84 7.52 -0.50
N ASN E 66 -24.71 7.13 0.77
CA ASN E 66 -25.41 7.85 1.84
C ASN E 66 -24.79 9.21 2.11
N ILE E 67 -23.47 9.33 1.94
CA ILE E 67 -22.80 10.58 2.24
C ILE E 67 -23.27 11.65 1.29
N GLY E 68 -23.25 11.33 -0.01
CA GLY E 68 -23.72 12.27 -1.03
C GLY E 68 -25.20 12.53 -0.96
N ALA E 69 -25.99 11.49 -0.69
CA ALA E 69 -27.42 11.69 -0.49
C ALA E 69 -27.71 12.72 0.62
N ASP E 70 -27.06 12.55 1.77
CA ASP E 70 -27.28 13.50 2.87
C ASP E 70 -27.02 14.95 2.47
N LEU E 71 -25.99 15.19 1.66
CA LEU E 71 -25.68 16.54 1.21
C LEU E 71 -26.79 17.17 0.39
N VAL E 72 -27.47 16.41 -0.46
CA VAL E 72 -28.56 16.93 -1.26
C VAL E 72 -29.83 17.04 -0.44
N PHE E 73 -30.09 16.03 0.42
CA PHE E 73 -31.28 16.05 1.26
C PHE E 73 -31.35 17.31 2.11
N ARG E 74 -30.20 17.84 2.50
CA ARG E 74 -30.13 19.08 3.27
C ARG E 74 -30.05 20.34 2.42
N ALA E 75 -30.13 20.24 1.15
CA ALA E 75 -29.94 21.42 0.30
C ALA E 75 -31.25 22.17 0.14
N PRO E 76 -31.20 23.43 -0.28
CA PRO E 76 -32.43 24.20 -0.49
C PRO E 76 -33.31 23.52 -1.54
N PRO E 77 -34.62 23.41 -1.27
CA PRO E 77 -35.54 22.74 -2.19
C PRO E 77 -36.03 23.62 -3.35
N ASP E 78 -35.08 24.27 -4.03
CA ASP E 78 -35.39 25.17 -5.13
C ASP E 78 -35.16 24.56 -6.51
N GLY E 79 -34.80 23.28 -6.57
CA GLY E 79 -34.56 22.62 -7.84
C GLY E 79 -33.18 22.79 -8.42
N MET E 80 -32.29 23.51 -7.73
CA MET E 80 -30.97 23.80 -8.28
C MET E 80 -29.90 22.84 -7.73
N THR E 81 -30.28 21.93 -6.82
CA THR E 81 -29.42 20.88 -6.33
C THR E 81 -30.20 19.57 -6.38
N VAL E 82 -29.72 18.60 -7.15
CA VAL E 82 -30.40 17.33 -7.28
C VAL E 82 -29.39 16.22 -7.08
N LEU E 83 -29.89 15.03 -6.71
CA LEU E 83 -29.13 13.80 -6.61
C LEU E 83 -29.49 12.87 -7.78
N ALA E 84 -28.47 12.42 -8.50
CA ALA E 84 -28.61 11.42 -9.56
C ALA E 84 -27.90 10.18 -9.06
N SER E 85 -28.66 9.11 -8.79
CA SER E 85 -28.11 7.99 -8.04
C SER E 85 -28.77 6.67 -8.46
N PRO E 86 -28.01 5.57 -8.46
CA PRO E 86 -28.63 4.23 -8.48
C PRO E 86 -29.42 4.00 -7.20
N PRO E 87 -30.04 2.83 -7.04
CA PRO E 87 -31.17 2.70 -6.08
C PRO E 87 -30.82 2.83 -4.61
N GLY E 88 -29.56 2.57 -4.21
CA GLY E 88 -29.19 2.54 -2.82
C GLY E 88 -29.82 3.61 -1.95
N PRO E 89 -29.42 4.86 -2.15
CA PRO E 89 -29.98 5.93 -1.32
C PRO E 89 -31.38 6.36 -1.73
N ILE E 90 -31.96 5.76 -2.76
CA ILE E 90 -33.26 6.12 -3.28
C ILE E 90 -34.35 5.18 -2.79
N ALA E 91 -34.02 3.90 -2.71
CA ALA E 91 -35.06 2.91 -2.49
C ALA E 91 -34.68 1.75 -1.59
N ILE E 92 -33.41 1.60 -1.19
CA ILE E 92 -32.92 0.40 -0.52
C ILE E 92 -32.40 0.72 0.89
N ASN E 93 -31.56 1.76 1.03
CA ASN E 93 -30.67 1.84 2.18
C ASN E 93 -31.41 2.04 3.50
N HIS E 94 -32.58 2.66 3.49
CA HIS E 94 -33.30 2.85 4.74
C HIS E 94 -33.84 1.52 5.29
N ASN E 95 -33.92 0.48 4.45
CA ASN E 95 -34.27 -0.87 4.86
C ASN E 95 -33.05 -1.76 5.02
N LEU E 96 -31.86 -1.22 4.85
CA LEU E 96 -30.62 -1.99 4.88
C LEU E 96 -29.67 -1.51 5.98
N TYR E 97 -29.45 -0.20 6.08
CA TYR E 97 -28.64 0.36 7.16
C TYR E 97 -29.51 0.50 8.40
N GLN E 98 -28.84 0.40 9.56
CA GLN E 98 -29.58 0.48 10.83
C GLN E 98 -30.09 1.89 11.07
N LYS E 99 -29.33 2.91 10.62
CA LYS E 99 -29.80 4.28 10.74
C LYS E 99 -29.24 5.11 9.60
N LEU E 100 -30.06 6.01 9.07
CA LEU E 100 -29.63 6.96 8.04
C LEU E 100 -29.91 8.37 8.52
N SER E 101 -29.11 9.32 8.02
CA SER E 101 -29.33 10.73 8.35
C SER E 101 -30.42 11.38 7.52
N PHE E 102 -31.01 10.63 6.58
CA PHE E 102 -32.05 11.12 5.68
C PHE E 102 -33.11 10.03 5.54
N ASP E 103 -34.29 10.45 5.08
CA ASP E 103 -35.43 9.55 4.90
C ASP E 103 -35.78 9.46 3.42
N PRO E 104 -35.41 8.37 2.74
CA PRO E 104 -35.66 8.29 1.28
C PRO E 104 -37.12 8.44 0.88
N THR E 105 -38.07 8.25 1.82
CA THR E 105 -39.49 8.40 1.48
C THR E 105 -39.89 9.86 1.29
N ARG E 106 -39.03 10.80 1.68
CA ARG E 106 -39.31 12.23 1.49
C ARG E 106 -38.62 12.87 0.28
N TRP E 107 -37.74 12.14 -0.41
CA TRP E 107 -37.22 12.62 -1.68
C TRP E 107 -38.37 13.08 -2.57
N VAL E 108 -38.15 14.18 -3.30
CA VAL E 108 -39.11 14.66 -4.30
C VAL E 108 -38.69 14.09 -5.65
N PRO E 109 -39.43 13.14 -6.22
CA PRO E 109 -38.93 12.46 -7.43
C PRO E 109 -38.99 13.37 -8.65
N VAL E 110 -37.97 13.29 -9.49
CA VAL E 110 -37.94 14.02 -10.76
C VAL E 110 -38.14 13.06 -11.95
N THR E 111 -37.22 12.11 -12.11
CA THR E 111 -37.35 11.14 -13.20
C THR E 111 -36.46 9.93 -12.97
N ILE E 112 -36.68 8.94 -13.81
CA ILE E 112 -35.82 7.77 -13.94
C ILE E 112 -35.09 7.96 -15.24
N LEU E 113 -33.77 8.13 -15.17
CA LEU E 113 -32.96 8.33 -16.37
C LEU E 113 -32.88 7.06 -17.23
N ALA E 114 -32.67 5.91 -16.60
CA ALA E 114 -32.41 4.68 -17.34
C ALA E 114 -32.47 3.48 -16.39
N THR E 115 -32.49 2.31 -17.00
CA THR E 115 -32.35 1.03 -16.32
C THR E 115 -31.29 0.18 -17.02
N VAL E 116 -30.56 -0.59 -16.22
CA VAL E 116 -29.61 -1.59 -16.67
C VAL E 116 -30.02 -2.92 -16.04
N PRO E 117 -30.21 -3.97 -16.82
CA PRO E 117 -30.73 -5.23 -16.25
C PRO E 117 -29.67 -6.10 -15.61
N ASN E 118 -30.07 -6.81 -14.56
CA ASN E 118 -29.29 -7.91 -14.01
C ASN E 118 -29.61 -9.21 -14.73
N VAL E 119 -28.65 -10.14 -14.70
CA VAL E 119 -28.74 -11.37 -15.48
C VAL E 119 -28.32 -12.57 -14.61
N LEU E 120 -28.73 -13.76 -15.05
CA LEU E 120 -28.34 -15.00 -14.40
C LEU E 120 -27.15 -15.57 -15.15
N VAL E 121 -26.00 -15.63 -14.46
CA VAL E 121 -24.75 -16.08 -15.05
C VAL E 121 -24.31 -17.36 -14.34
N ILE E 122 -23.90 -18.37 -15.12
CA ILE E 122 -23.48 -19.65 -14.56
C ILE E 122 -22.08 -20.01 -15.05
N ASN E 123 -21.39 -20.80 -14.23
CA ASN E 123 -20.19 -21.47 -14.70
C ASN E 123 -20.58 -22.40 -15.83
N PRO E 124 -19.84 -22.43 -16.95
CA PRO E 124 -20.30 -23.22 -18.11
C PRO E 124 -20.31 -24.73 -17.89
N LYS E 125 -19.71 -25.22 -16.80
CA LYS E 125 -19.66 -26.66 -16.58
C LYS E 125 -20.89 -27.21 -15.89
N LEU E 126 -21.78 -26.36 -15.39
CA LEU E 126 -23.03 -26.86 -14.82
C LEU E 126 -23.76 -27.67 -15.89
N PRO E 127 -24.28 -28.85 -15.57
CA PRO E 127 -24.95 -29.68 -16.58
C PRO E 127 -26.33 -29.18 -16.97
N VAL E 128 -26.42 -27.89 -17.26
CA VAL E 128 -27.68 -27.22 -17.58
C VAL E 128 -27.40 -26.26 -18.73
N LYS E 129 -28.37 -26.14 -19.64
CA LYS E 129 -28.18 -25.33 -20.84
C LYS E 129 -29.31 -24.32 -21.06
N SER E 130 -30.23 -24.21 -20.11
CA SER E 130 -31.32 -23.28 -20.22
C SER E 130 -31.75 -22.89 -18.81
N LEU E 131 -32.49 -21.79 -18.74
CA LEU E 131 -33.07 -21.37 -17.46
C LEU E 131 -33.90 -22.48 -16.85
N GLY E 132 -34.77 -23.10 -17.67
CA GLY E 132 -35.63 -24.14 -17.19
C GLY E 132 -34.87 -25.29 -16.57
N GLU E 133 -33.83 -25.78 -17.25
CA GLU E 133 -33.04 -26.87 -16.71
C GLU E 133 -32.30 -26.46 -15.44
N PHE E 134 -31.83 -25.21 -15.38
CA PHE E 134 -31.14 -24.73 -14.19
C PHE E 134 -32.07 -24.72 -12.98
N ILE E 135 -33.29 -24.24 -13.17
CA ILE E 135 -34.24 -24.22 -12.07
C ILE E 135 -34.53 -25.65 -11.61
N ALA E 136 -34.77 -26.56 -12.57
CA ALA E 136 -35.02 -27.95 -12.25
C ALA E 136 -33.82 -28.57 -11.54
N TYR E 137 -32.62 -28.30 -12.06
CA TYR E 137 -31.40 -28.85 -11.47
C TYR E 137 -31.27 -28.43 -10.02
N ALA E 138 -31.48 -27.15 -9.71
CA ALA E 138 -31.39 -26.70 -8.34
C ALA E 138 -32.48 -27.35 -7.49
N LYS E 139 -33.68 -27.52 -8.07
CA LYS E 139 -34.77 -28.16 -7.34
C LYS E 139 -34.37 -29.56 -6.91
N ALA E 140 -33.79 -30.33 -7.82
CA ALA E 140 -33.38 -31.70 -7.55
C ALA E 140 -32.11 -31.80 -6.71
N ASN E 141 -31.42 -30.68 -6.44
CA ASN E 141 -30.18 -30.68 -5.65
C ASN E 141 -30.18 -29.45 -4.76
N PRO E 142 -31.15 -29.35 -3.86
CA PRO E 142 -31.25 -28.14 -3.04
C PRO E 142 -29.95 -27.94 -2.27
N LYS E 143 -29.50 -26.67 -2.26
CA LYS E 143 -28.30 -26.17 -1.61
C LYS E 143 -27.00 -26.65 -2.25
N LYS E 144 -27.05 -27.51 -3.27
CA LYS E 144 -25.83 -27.97 -3.90
C LYS E 144 -25.24 -26.93 -4.84
N VAL E 145 -26.05 -26.03 -5.37
CA VAL E 145 -25.57 -24.98 -6.27
C VAL E 145 -25.22 -23.75 -5.45
N THR E 146 -24.02 -23.21 -5.68
CA THR E 146 -23.54 -22.06 -4.94
C THR E 146 -23.71 -20.81 -5.79
N VAL E 147 -23.97 -19.70 -5.12
CA VAL E 147 -24.23 -18.43 -5.78
C VAL E 147 -23.32 -17.37 -5.18
N ALA E 148 -22.59 -16.67 -6.06
CA ALA E 148 -21.72 -15.59 -5.59
C ALA E 148 -22.53 -14.34 -5.36
N THR E 149 -22.18 -13.59 -4.31
CA THR E 149 -22.76 -12.30 -4.04
C THR E 149 -21.62 -11.33 -3.66
N GLN E 150 -21.97 -10.08 -3.45
CA GLN E 150 -21.04 -9.08 -2.94
C GLN E 150 -21.45 -8.59 -1.57
N GLY E 151 -21.92 -9.49 -0.71
CA GLY E 151 -22.34 -9.14 0.63
C GLY E 151 -23.85 -8.97 0.74
N ASP E 152 -24.32 -9.05 1.98
CA ASP E 152 -25.76 -8.91 2.20
C ASP E 152 -26.19 -7.51 1.84
N GLY E 153 -27.34 -7.41 1.16
CA GLY E 153 -27.86 -6.14 0.70
C GLY E 153 -27.32 -5.69 -0.65
N SER E 154 -26.22 -6.27 -1.14
CA SER E 154 -25.73 -5.93 -2.46
C SER E 154 -26.75 -6.35 -3.52
N THR E 155 -26.60 -5.77 -4.70
CA THR E 155 -27.52 -6.05 -5.79
C THR E 155 -27.50 -7.52 -6.17
N SER E 156 -26.31 -8.13 -6.27
CA SER E 156 -26.25 -9.53 -6.64
C SER E 156 -26.90 -10.44 -5.57
N HIS E 157 -26.76 -10.06 -4.29
CA HIS E 157 -27.43 -10.81 -3.22
C HIS E 157 -28.95 -10.65 -3.29
N LEU E 158 -29.45 -9.42 -3.35
CA LEU E 158 -30.89 -9.19 -3.44
C LEU E 158 -31.49 -9.90 -4.66
N THR E 159 -30.85 -9.75 -5.83
CA THR E 159 -31.35 -10.45 -7.02
C THR E 159 -31.32 -11.96 -6.83
N ALA E 160 -30.26 -12.50 -6.21
CA ALA E 160 -30.24 -13.93 -5.92
C ALA E 160 -31.37 -14.32 -4.99
N ALA E 161 -31.62 -13.51 -3.95
CA ALA E 161 -32.68 -13.83 -3.00
C ALA E 161 -34.06 -13.79 -3.67
N MET E 162 -34.30 -12.80 -4.53
CA MET E 162 -35.54 -12.74 -5.27
C MET E 162 -35.71 -13.99 -6.13
N PHE E 163 -34.66 -14.36 -6.85
CA PHE E 163 -34.74 -15.56 -7.68
C PHE E 163 -35.16 -16.75 -6.84
N MET E 164 -34.52 -16.94 -5.68
CA MET E 164 -34.82 -18.10 -4.86
C MET E 164 -36.27 -18.06 -4.39
N GLN E 165 -36.75 -16.89 -4.02
CA GLN E 165 -38.11 -16.79 -3.49
C GLN E 165 -39.16 -17.03 -4.56
N LEU E 166 -38.91 -16.61 -5.80
CA LEU E 166 -39.91 -16.79 -6.86
C LEU E 166 -39.90 -18.21 -7.37
N THR E 167 -38.73 -18.81 -7.51
CA THR E 167 -38.65 -20.17 -8.03
C THR E 167 -38.70 -21.21 -6.94
N GLY E 168 -38.72 -20.81 -5.67
CA GLY E 168 -38.59 -21.77 -4.57
C GLY E 168 -37.34 -22.62 -4.61
N THR E 169 -36.22 -22.08 -5.11
CA THR E 169 -34.96 -22.82 -5.18
C THR E 169 -34.10 -22.45 -3.97
N GLU E 170 -33.10 -23.28 -3.71
CA GLU E 170 -32.22 -23.13 -2.55
C GLU E 170 -30.78 -23.10 -3.06
N LEU E 171 -30.15 -21.94 -2.97
CA LEU E 171 -28.76 -21.75 -3.37
C LEU E 171 -27.89 -21.41 -2.17
N THR E 172 -26.66 -21.94 -2.16
CA THR E 172 -25.74 -21.68 -1.05
C THR E 172 -24.88 -20.48 -1.38
N VAL E 173 -24.92 -19.46 -0.52
CA VAL E 173 -24.38 -18.13 -0.80
C VAL E 173 -22.89 -18.09 -0.42
N ILE E 174 -22.07 -17.62 -1.36
CA ILE E 174 -20.66 -17.40 -1.12
C ILE E 174 -20.37 -15.91 -1.35
N PRO E 175 -20.02 -15.16 -0.30
CA PRO E 175 -19.78 -13.71 -0.46
C PRO E 175 -18.38 -13.37 -0.96
N TYR E 176 -18.33 -12.29 -1.73
CA TYR E 176 -17.08 -11.82 -2.31
C TYR E 176 -17.00 -10.32 -2.04
N LYS E 177 -15.75 -9.82 -2.01
CA LYS E 177 -15.50 -8.40 -1.75
C LYS E 177 -15.77 -7.50 -2.95
N GLY E 178 -15.94 -8.07 -4.14
CA GLY E 178 -16.22 -7.25 -5.31
C GLY E 178 -16.57 -8.15 -6.48
N THR E 179 -16.86 -7.51 -7.61
CA THR E 179 -17.27 -8.22 -8.81
C THR E 179 -16.11 -8.98 -9.43
N ALA E 180 -14.93 -8.39 -9.39
CA ALA E 180 -13.79 -9.04 -10.04
C ALA E 180 -13.47 -10.37 -9.40
N PRO E 181 -13.35 -10.49 -8.06
CA PRO E 181 -13.04 -11.82 -7.48
C PRO E 181 -14.18 -12.82 -7.66
N ALA E 182 -15.43 -12.35 -7.67
CA ALA E 182 -16.54 -13.25 -7.92
C ALA E 182 -16.45 -13.87 -9.31
N LEU E 183 -16.15 -13.04 -10.31
CA LEU E 183 -16.07 -13.55 -11.66
C LEU E 183 -14.92 -14.52 -11.83
N ILE E 184 -13.79 -14.26 -11.14
CA ILE E 184 -12.66 -15.17 -11.22
C ILE E 184 -13.08 -16.57 -10.78
N ASP E 185 -13.77 -16.64 -9.66
CA ASP E 185 -14.21 -17.95 -9.14
C ASP E 185 -15.32 -18.55 -10.00
N LEU E 186 -16.23 -17.72 -10.50
CA LEU E 186 -17.27 -18.23 -11.36
C LEU E 186 -16.64 -18.85 -12.60
N ILE E 187 -15.65 -18.18 -13.17
CA ILE E 187 -15.01 -18.69 -14.38
C ILE E 187 -14.21 -19.93 -14.06
N GLY E 188 -13.58 -19.94 -12.87
CA GLY E 188 -12.77 -21.08 -12.42
C GLY E 188 -13.57 -22.26 -11.85
N GLY E 189 -14.89 -22.16 -11.80
CA GLY E 189 -15.71 -23.24 -11.29
C GLY E 189 -15.68 -23.40 -9.79
N ASN E 190 -15.28 -22.38 -9.05
CA ASN E 190 -15.28 -22.42 -7.60
C ASN E 190 -16.58 -21.90 -6.98
N VAL E 191 -17.43 -21.23 -7.77
CA VAL E 191 -18.79 -20.88 -7.42
C VAL E 191 -19.61 -21.08 -8.70
N ASP E 192 -20.87 -21.43 -8.55
CA ASP E 192 -21.64 -21.90 -9.69
C ASP E 192 -22.47 -20.82 -10.41
N VAL E 193 -22.99 -19.82 -9.72
CA VAL E 193 -23.93 -18.88 -10.31
C VAL E 193 -23.65 -17.52 -9.69
N PHE E 194 -24.04 -16.50 -10.44
CA PHE E 194 -23.81 -15.12 -10.09
C PHE E 194 -24.87 -14.31 -10.81
N PHE E 195 -25.52 -13.41 -10.08
CA PHE E 195 -26.53 -12.52 -10.66
C PHE E 195 -25.86 -11.17 -10.85
N ASP E 196 -25.23 -10.99 -12.01
CA ASP E 196 -24.47 -9.82 -12.40
C ASP E 196 -25.36 -8.87 -13.21
N ASN E 197 -24.83 -7.70 -13.46
CA ASN E 197 -25.47 -6.82 -14.45
C ASN E 197 -24.92 -7.17 -15.84
N ILE E 198 -25.72 -6.88 -16.86
CA ILE E 198 -25.42 -7.35 -18.21
C ILE E 198 -24.11 -6.77 -18.72
N SER E 199 -23.83 -5.53 -18.43
CA SER E 199 -22.65 -4.91 -19.02
C SER E 199 -21.36 -5.51 -18.45
N SER E 200 -21.39 -6.00 -17.21
CA SER E 200 -20.20 -6.61 -16.62
C SER E 200 -19.91 -8.00 -17.19
N SER E 201 -20.92 -8.85 -17.34
CA SER E 201 -20.69 -10.23 -17.73
C SER E 201 -20.70 -10.48 -19.23
N ALA E 202 -21.14 -9.51 -20.04
CA ALA E 202 -21.33 -9.75 -21.47
C ALA E 202 -20.05 -10.25 -22.16
N THR E 203 -18.90 -9.60 -21.92
CA THR E 203 -17.66 -10.00 -22.62
C THR E 203 -17.24 -11.42 -22.24
N TYR E 204 -17.44 -11.79 -20.99
CA TYR E 204 -17.13 -13.15 -20.57
C TYR E 204 -18.10 -14.18 -21.14
N HIS E 205 -19.37 -13.82 -21.32
CA HIS E 205 -20.31 -14.68 -22.01
C HIS E 205 -19.89 -14.91 -23.46
N GLN E 206 -19.59 -13.82 -24.18
CA GLN E 206 -19.18 -13.96 -25.57
C GLN E 206 -17.92 -14.81 -25.69
N ALA E 207 -17.07 -14.77 -24.68
CA ALA E 207 -15.84 -15.54 -24.70
C ALA E 207 -16.04 -16.99 -24.31
N GLY E 208 -17.25 -17.37 -23.89
CA GLY E 208 -17.54 -18.69 -23.42
C GLY E 208 -16.99 -19.01 -22.04
N LYS E 209 -16.45 -18.03 -21.32
CA LYS E 209 -15.95 -18.28 -19.97
C LYS E 209 -17.07 -18.36 -18.94
N VAL E 210 -18.24 -17.84 -19.26
CA VAL E 210 -19.44 -17.99 -18.45
C VAL E 210 -20.61 -18.13 -19.41
N ARG E 211 -21.78 -18.46 -18.87
CA ARG E 211 -23.01 -18.48 -19.69
C ARG E 211 -24.12 -17.73 -18.98
N ILE E 212 -24.60 -16.66 -19.62
CA ILE E 212 -25.78 -15.96 -19.16
C ILE E 212 -26.99 -16.74 -19.67
N LEU E 213 -27.85 -17.15 -18.75
CA LEU E 213 -29.04 -17.92 -19.10
C LEU E 213 -30.29 -17.07 -19.28
N ALA E 214 -30.36 -15.89 -18.68
CA ALA E 214 -31.61 -15.11 -18.75
C ALA E 214 -31.39 -13.69 -18.24
N VAL E 215 -32.18 -12.77 -18.77
CA VAL E 215 -32.10 -11.35 -18.45
C VAL E 215 -33.34 -10.94 -17.69
N ALA E 216 -33.17 -10.37 -16.50
CA ALA E 216 -34.28 -10.09 -15.59
C ALA E 216 -34.89 -8.72 -15.90
N ASP E 217 -35.52 -8.65 -17.07
CA ASP E 217 -36.01 -7.38 -17.60
C ASP E 217 -37.18 -7.71 -18.52
N GLU E 218 -37.86 -6.65 -18.98
CA GLU E 218 -39.07 -6.81 -19.80
C GLU E 218 -38.74 -7.14 -21.24
N GLN E 219 -37.60 -6.68 -21.74
CA GLN E 219 -37.17 -6.94 -23.10
C GLN E 219 -35.72 -7.36 -23.06
N ARG E 220 -35.29 -8.01 -24.14
CA ARG E 220 -33.90 -8.40 -24.27
C ARG E 220 -32.97 -7.19 -24.35
N SER E 221 -31.71 -7.42 -23.98
CA SER E 221 -30.68 -6.41 -24.07
C SER E 221 -30.02 -6.47 -25.43
N GLN E 222 -29.83 -5.29 -26.05
N GLN E 222 -29.84 -5.32 -26.08
CA GLN E 222 -29.18 -5.19 -27.36
CA GLN E 222 -29.22 -5.34 -27.40
C GLN E 222 -27.77 -5.72 -27.33
C GLN E 222 -27.72 -5.58 -27.36
N ILE E 223 -27.13 -5.67 -26.17
CA ILE E 223 -25.75 -6.10 -26.08
C ILE E 223 -25.64 -7.58 -26.43
N LEU E 224 -26.60 -8.38 -25.97
CA LEU E 224 -26.63 -9.83 -26.20
C LEU E 224 -28.02 -10.15 -26.73
N PRO E 225 -28.28 -9.87 -28.02
CA PRO E 225 -29.66 -10.02 -28.56
C PRO E 225 -30.21 -11.43 -28.52
N GLN E 226 -29.37 -12.46 -28.40
CA GLN E 226 -29.85 -13.83 -28.41
C GLN E 226 -30.15 -14.38 -27.02
N VAL E 227 -29.86 -13.63 -25.96
CA VAL E 227 -30.07 -14.08 -24.59
C VAL E 227 -31.51 -13.73 -24.20
N PRO E 228 -32.33 -14.69 -23.81
CA PRO E 228 -33.74 -14.38 -23.51
C PRO E 228 -33.94 -13.78 -22.13
N THR E 229 -35.09 -13.14 -21.97
CA THR E 229 -35.52 -12.66 -20.67
C THR E 229 -36.10 -13.81 -19.84
N PHE E 230 -36.12 -13.63 -18.52
CA PHE E 230 -36.94 -14.47 -17.67
C PHE E 230 -38.40 -14.47 -18.13
N ALA E 231 -38.92 -13.31 -18.53
CA ALA E 231 -40.35 -13.19 -18.84
C ALA E 231 -40.75 -14.10 -20.00
N GLU E 232 -39.95 -14.16 -21.05
CA GLU E 232 -40.30 -14.98 -22.19
C GLU E 232 -40.07 -16.47 -21.90
N GLN E 233 -39.43 -16.79 -20.77
CA GLN E 233 -39.23 -18.16 -20.33
C GLN E 233 -40.12 -18.47 -19.13
N GLN E 234 -41.27 -17.76 -19.04
CA GLN E 234 -42.36 -18.03 -18.12
C GLN E 234 -42.10 -17.56 -16.71
N TRP E 235 -41.19 -16.59 -16.53
CA TRP E 235 -40.93 -15.97 -15.24
C TRP E 235 -40.96 -14.46 -15.37
N PRO E 236 -42.14 -13.88 -15.66
CA PRO E 236 -42.23 -12.41 -15.77
C PRO E 236 -41.97 -11.67 -14.46
N ALA E 237 -42.23 -12.30 -13.31
CA ALA E 237 -42.07 -11.60 -12.05
C ALA E 237 -40.59 -11.37 -11.70
N MET E 238 -39.68 -12.07 -12.36
CA MET E 238 -38.24 -11.87 -12.14
C MET E 238 -37.81 -10.63 -12.92
N GLN E 239 -37.99 -9.47 -12.27
CA GLN E 239 -37.67 -8.15 -12.83
C GLN E 239 -36.70 -7.49 -11.87
N ALA E 240 -35.41 -7.45 -12.24
CA ALA E 240 -34.37 -6.95 -11.33
C ALA E 240 -33.39 -6.12 -12.15
N VAL E 241 -33.58 -4.79 -12.13
CA VAL E 241 -32.76 -3.85 -12.86
C VAL E 241 -32.24 -2.82 -11.87
N THR E 242 -31.09 -2.28 -12.19
CA THR E 242 -30.55 -1.12 -11.49
C THR E 242 -31.12 0.11 -12.20
N PHE E 243 -31.93 0.90 -11.50
CA PHE E 243 -32.47 2.11 -12.09
C PHE E 243 -31.72 3.34 -11.59
N PHE E 244 -31.52 4.29 -12.48
CA PHE E 244 -30.79 5.53 -12.20
C PHE E 244 -31.77 6.68 -12.13
N SER E 245 -31.92 7.23 -10.92
CA SER E 245 -32.96 8.19 -10.61
C SER E 245 -32.36 9.58 -10.42
N VAL E 246 -33.22 10.59 -10.57
CA VAL E 246 -32.93 11.97 -10.20
C VAL E 246 -34.02 12.40 -9.24
N VAL E 247 -33.61 12.92 -8.08
CA VAL E 247 -34.50 13.35 -7.01
C VAL E 247 -34.05 14.71 -6.49
N ALA E 248 -34.99 15.44 -5.93
CA ALA E 248 -34.78 16.78 -5.38
C ALA E 248 -35.03 16.79 -3.88
N PRO E 249 -34.55 17.79 -3.17
CA PRO E 249 -34.66 17.79 -1.72
C PRO E 249 -36.11 17.78 -1.28
N PRO E 250 -36.39 17.38 -0.04
CA PRO E 250 -37.75 17.53 0.51
C PRO E 250 -38.27 18.95 0.42
N GLY E 251 -39.56 19.06 0.11
CA GLY E 251 -40.18 20.35 -0.07
C GLY E 251 -39.97 21.02 -1.41
N THR E 252 -39.28 20.37 -2.35
CA THR E 252 -39.22 20.92 -3.69
C THR E 252 -40.60 20.81 -4.33
N SER E 253 -41.11 21.93 -4.85
CA SER E 253 -42.46 21.94 -5.38
C SER E 253 -42.60 20.94 -6.52
N ALA E 254 -43.81 20.40 -6.69
CA ALA E 254 -44.06 19.52 -7.83
C ALA E 254 -43.78 20.23 -9.15
N GLU E 255 -44.08 21.53 -9.24
CA GLU E 255 -43.85 22.25 -10.49
C GLU E 255 -42.36 22.30 -10.82
N ILE E 256 -41.52 22.54 -9.81
CA ILE E 256 -40.08 22.59 -10.07
C ILE E 256 -39.54 21.25 -10.54
N ALA E 257 -40.04 20.16 -9.97
CA ALA E 257 -39.65 18.82 -10.40
C ALA E 257 -40.10 18.54 -11.83
N GLN E 258 -41.36 18.87 -12.15
CA GLN E 258 -41.86 18.67 -13.50
C GLN E 258 -40.99 19.37 -14.51
N LYS E 259 -40.65 20.64 -14.23
CA LYS E 259 -39.82 21.42 -15.15
C LYS E 259 -38.48 20.76 -15.39
N LEU E 260 -37.85 20.24 -14.34
CA LEU E 260 -36.58 19.56 -14.49
C LEU E 260 -36.75 18.25 -15.25
N GLN E 261 -37.82 17.50 -14.96
CA GLN E 261 -38.06 16.25 -15.69
C GLN E 261 -38.25 16.51 -17.19
N LYS E 262 -39.01 17.55 -17.54
CA LYS E 262 -39.20 17.86 -18.95
C LYS E 262 -37.88 18.14 -19.62
N GLN E 263 -37.00 18.89 -18.96
CA GLN E 263 -35.68 19.17 -19.54
C GLN E 263 -34.92 17.89 -19.78
N MET E 264 -34.92 16.99 -18.79
CA MET E 264 -34.18 15.75 -18.94
C MET E 264 -34.82 14.81 -19.94
N ALA E 265 -36.16 14.81 -20.05
CA ALA E 265 -36.79 13.94 -21.05
C ALA E 265 -36.45 14.40 -22.47
N LEU E 266 -36.37 15.71 -22.66
CA LEU E 266 -35.91 16.25 -23.93
C LEU E 266 -34.46 15.88 -24.20
N ALA E 267 -33.61 15.93 -23.16
CA ALA E 267 -32.22 15.51 -23.33
C ALA E 267 -32.11 14.06 -23.73
N LEU E 268 -33.00 13.20 -23.24
CA LEU E 268 -32.97 11.79 -23.53
C LEU E 268 -33.51 11.42 -24.91
N SER E 269 -34.08 12.37 -25.65
CA SER E 269 -34.73 12.03 -26.92
C SER E 269 -33.80 11.98 -28.13
N SER E 270 -32.62 12.60 -28.09
CA SER E 270 -31.73 12.60 -29.25
C SER E 270 -31.12 11.21 -29.46
N ASN E 271 -30.85 10.90 -30.72
CA ASN E 271 -30.30 9.59 -31.05
C ASN E 271 -28.94 9.38 -30.40
N ASP E 272 -28.09 10.41 -30.39
CA ASP E 272 -26.71 10.22 -29.95
C ASP E 272 -26.64 9.83 -28.48
N ILE E 273 -27.46 10.48 -27.64
CA ILE E 273 -27.42 10.18 -26.21
C ILE E 273 -28.02 8.79 -25.95
N ARG E 274 -29.08 8.44 -26.68
CA ARG E 274 -29.64 7.11 -26.49
C ARG E 274 -28.64 6.02 -26.87
N LYS E 275 -27.84 6.24 -27.92
CA LYS E 275 -26.83 5.25 -28.26
C LYS E 275 -25.76 5.16 -27.19
N HIS E 276 -25.31 6.30 -26.66
CA HIS E 276 -24.28 6.26 -25.61
C HIS E 276 -24.81 5.57 -24.36
N PHE E 277 -26.12 5.69 -24.10
CA PHE E 277 -26.72 4.95 -22.98
C PHE E 277 -26.66 3.44 -23.23
N GLN E 278 -27.07 3.01 -24.43
CA GLN E 278 -27.05 1.58 -24.71
C GLN E 278 -25.64 0.99 -24.63
N GLU E 279 -24.63 1.80 -24.94
CA GLU E 279 -23.25 1.36 -24.78
C GLU E 279 -22.89 1.01 -23.32
N GLN E 280 -23.58 1.64 -22.36
CA GLN E 280 -23.46 1.29 -20.96
C GLN E 280 -24.39 0.13 -20.55
N GLY E 281 -25.11 -0.46 -21.52
CA GLY E 281 -26.15 -1.42 -21.21
C GLY E 281 -27.42 -0.84 -20.66
N ALA E 282 -27.64 0.45 -20.85
CA ALA E 282 -28.75 1.15 -20.25
C ALA E 282 -29.74 1.59 -21.32
N VAL E 283 -31.02 1.42 -21.03
CA VAL E 283 -32.12 1.90 -21.85
C VAL E 283 -32.62 3.23 -21.27
N PRO E 284 -32.77 4.28 -22.09
CA PRO E 284 -33.29 5.55 -21.55
C PRO E 284 -34.77 5.46 -21.20
N CYS E 285 -35.15 6.16 -20.14
CA CYS E 285 -36.53 6.14 -19.68
C CYS E 285 -37.13 7.53 -19.75
N GLY E 286 -36.88 8.36 -18.73
CA GLY E 286 -37.33 9.73 -18.72
C GLY E 286 -38.75 9.92 -18.28
N TRP E 287 -39.27 8.98 -17.50
CA TRP E 287 -40.67 9.02 -17.07
C TRP E 287 -41.01 10.31 -16.32
N ASP E 288 -42.27 10.70 -16.39
CA ASP E 288 -42.71 11.86 -15.67
C ASP E 288 -42.63 11.64 -14.16
N PRO E 289 -42.74 12.69 -13.36
CA PRO E 289 -42.52 12.53 -11.90
C PRO E 289 -43.53 11.64 -11.25
N SER E 290 -44.76 11.62 -11.74
CA SER E 290 -45.79 10.76 -11.14
C SER E 290 -45.48 9.28 -11.39
N LYS E 291 -45.17 8.91 -12.64
CA LYS E 291 -44.79 7.53 -12.91
C LYS E 291 -43.48 7.18 -12.18
N THR E 292 -42.54 8.14 -12.09
CA THR E 292 -41.28 7.89 -11.38
C THR E 292 -41.54 7.59 -9.92
N ALA E 293 -42.43 8.38 -9.31
CA ALA E 293 -42.77 8.19 -7.90
C ALA E 293 -43.40 6.82 -7.65
N GLN E 294 -44.30 6.39 -8.52
CA GLN E 294 -44.91 5.07 -8.35
C GLN E 294 -43.87 3.96 -8.55
N PHE E 295 -43.00 4.11 -9.54
CA PHE E 295 -41.97 3.11 -9.74
C PHE E 295 -41.09 2.94 -8.50
N ILE E 296 -40.60 4.04 -7.94
CA ILE E 296 -39.72 3.93 -6.78
C ILE E 296 -40.44 3.28 -5.60
N ARG E 297 -41.72 3.63 -5.38
CA ARG E 297 -42.45 2.97 -4.30
C ARG E 297 -42.57 1.45 -4.53
N GLN E 298 -42.94 1.05 -5.75
CA GLN E 298 -42.99 -0.38 -6.06
C GLN E 298 -41.64 -1.05 -5.84
N GLU E 299 -40.55 -0.46 -6.35
CA GLU E 299 -39.23 -1.05 -6.15
C GLU E 299 -38.87 -1.11 -4.66
N THR E 300 -39.18 -0.03 -3.93
CA THR E 300 -38.89 0.00 -2.50
C THR E 300 -39.58 -1.16 -1.78
N GLU E 301 -40.86 -1.37 -2.04
CA GLU E 301 -41.58 -2.45 -1.37
C GLU E 301 -41.08 -3.80 -1.84
N LYS E 302 -40.74 -3.93 -3.12
CA LYS E 302 -40.20 -5.20 -3.60
C LYS E 302 -38.95 -5.61 -2.84
N TRP E 303 -37.99 -4.70 -2.69
CA TRP E 303 -36.70 -5.08 -2.10
C TRP E 303 -36.82 -5.21 -0.58
N LYS E 304 -37.74 -4.47 0.03
CA LYS E 304 -37.99 -4.66 1.46
C LYS E 304 -38.46 -6.09 1.73
N LYS E 305 -39.42 -6.54 0.93
CA LYS E 305 -39.88 -7.92 1.01
C LYS E 305 -38.73 -8.91 0.78
N VAL E 306 -37.89 -8.65 -0.23
CA VAL E 306 -36.82 -9.60 -0.52
C VAL E 306 -35.84 -9.64 0.65
N LEU E 307 -35.55 -8.49 1.25
CA LEU E 307 -34.65 -8.46 2.42
C LEU E 307 -35.22 -9.25 3.59
N LYS E 308 -36.44 -8.89 4.01
CA LYS E 308 -37.09 -9.60 5.10
C LYS E 308 -36.98 -11.12 4.92
N ALA E 309 -37.44 -11.63 3.78
CA ALA E 309 -37.44 -13.07 3.57
C ALA E 309 -36.03 -13.64 3.61
N ALA E 310 -35.08 -13.00 2.91
CA ALA E 310 -33.71 -13.51 2.91
C ALA E 310 -33.10 -13.48 4.31
N ASN E 311 -33.41 -12.47 5.10
CA ASN E 311 -32.91 -12.39 6.46
C ASN E 311 -33.59 -13.37 7.43
N VAL E 312 -34.43 -14.26 6.93
CA VAL E 312 -35.10 -15.25 7.77
C VAL E 312 -34.57 -16.64 7.40
N SER F 20 4.43 25.92 -39.22
CA SER F 20 5.05 24.63 -38.86
C SER F 20 3.97 23.57 -38.59
N ASN F 21 4.36 22.31 -38.74
CA ASN F 21 3.51 21.18 -38.38
C ASN F 21 3.82 20.64 -36.98
N GLN F 22 4.69 21.28 -36.25
CA GLN F 22 4.94 20.94 -34.86
C GLN F 22 3.73 21.34 -34.02
N PRO F 23 3.23 20.47 -33.15
CA PRO F 23 2.13 20.90 -32.28
C PRO F 23 2.57 21.89 -31.21
N LEU F 24 1.66 22.75 -30.81
CA LEU F 24 1.81 23.50 -29.58
C LEU F 24 1.78 22.53 -28.40
N LYS F 25 2.66 22.74 -27.43
CA LYS F 25 2.60 22.02 -26.18
C LYS F 25 2.26 22.95 -25.01
N ILE F 26 1.27 22.55 -24.22
CA ILE F 26 0.85 23.23 -23.00
C ILE F 26 1.18 22.30 -21.85
N VAL F 27 2.05 22.72 -20.95
CA VAL F 27 2.36 21.91 -19.77
C VAL F 27 1.57 22.52 -18.63
N VAL F 28 0.80 21.69 -17.94
CA VAL F 28 0.11 22.04 -16.70
C VAL F 28 0.93 21.37 -15.61
N PRO F 29 1.47 22.11 -14.62
CA PRO F 29 2.49 21.51 -13.73
C PRO F 29 1.82 20.95 -12.49
N PHE F 30 0.67 20.29 -12.71
CA PHE F 30 -0.16 19.66 -11.68
C PHE F 30 -0.84 18.44 -12.30
N SER F 31 -1.42 17.61 -11.42
CA SER F 31 -2.09 16.40 -11.83
C SER F 31 -3.33 16.69 -12.68
N ALA F 32 -3.71 15.70 -13.48
CA ALA F 32 -4.92 15.83 -14.27
C ALA F 32 -6.17 15.81 -13.39
N GLY F 33 -7.25 16.36 -13.91
CA GLY F 33 -8.57 16.24 -13.31
C GLY F 33 -9.06 17.43 -12.51
N GLY F 34 -8.17 18.32 -12.03
CA GLY F 34 -8.60 19.47 -11.26
C GLY F 34 -8.85 20.67 -12.16
N THR F 35 -9.26 21.78 -11.53
CA THR F 35 -9.47 23.03 -12.26
C THR F 35 -8.20 23.46 -13.00
N ALA F 36 -7.03 23.29 -12.37
CA ALA F 36 -5.79 23.67 -13.06
C ALA F 36 -5.64 22.94 -14.40
N ASP F 37 -6.18 21.73 -14.49
CA ASP F 37 -6.08 20.93 -15.71
C ASP F 37 -7.26 21.17 -16.65
N VAL F 38 -8.44 21.39 -16.09
CA VAL F 38 -9.65 21.48 -16.89
C VAL F 38 -9.62 22.74 -17.75
N LEU F 39 -9.32 23.89 -17.16
CA LEU F 39 -9.36 25.14 -17.93
C LEU F 39 -8.39 25.17 -19.13
N PRO F 40 -7.10 24.89 -18.98
CA PRO F 40 -6.26 24.81 -20.19
C PRO F 40 -6.73 23.82 -21.25
N ARG F 41 -7.29 22.69 -20.83
CA ARG F 41 -7.73 21.69 -21.79
C ARG F 41 -8.92 22.16 -22.62
N LEU F 42 -9.85 22.91 -21.98
CA LEU F 42 -10.95 23.54 -22.70
C LEU F 42 -10.46 24.55 -23.72
N VAL F 43 -9.50 25.41 -23.33
CA VAL F 43 -8.94 26.38 -24.25
C VAL F 43 -8.23 25.66 -25.39
N ALA F 44 -7.52 24.57 -25.06
CA ALA F 44 -6.71 23.85 -26.02
C ALA F 44 -7.56 23.37 -27.19
N GLU F 45 -8.73 22.81 -26.89
CA GLU F 45 -9.57 22.30 -27.96
C GLU F 45 -10.03 23.42 -28.87
N LYS F 46 -10.23 24.62 -28.33
CA LYS F 46 -10.66 25.76 -29.17
C LYS F 46 -9.54 26.31 -30.04
N ILE F 47 -8.28 26.23 -29.61
CA ILE F 47 -7.21 26.76 -30.46
C ILE F 47 -6.54 25.69 -31.33
N ARG F 48 -6.97 24.44 -31.24
CA ARG F 48 -6.41 23.43 -32.13
C ARG F 48 -6.56 23.84 -33.60
N ALA F 49 -7.66 24.54 -33.94
CA ALA F 49 -7.87 24.99 -35.32
C ALA F 49 -6.77 25.95 -35.78
N ASP F 50 -6.06 26.56 -34.85
CA ASP F 50 -5.01 27.49 -35.21
C ASP F 50 -3.66 26.84 -35.43
N TYR F 51 -3.54 25.55 -35.15
CA TYR F 51 -2.26 24.86 -35.20
C TYR F 51 -2.37 23.62 -36.07
N ALA F 52 -1.69 23.63 -37.21
CA ALA F 52 -1.76 22.51 -38.15
C ALA F 52 -1.28 21.22 -37.54
N GLY F 53 -0.44 21.28 -36.51
CA GLY F 53 0.01 20.10 -35.81
C GLY F 53 -0.76 19.70 -34.56
N GLY F 54 -1.76 20.49 -34.16
CA GLY F 54 -2.52 20.22 -32.97
C GLY F 54 -1.95 20.87 -31.73
N VAL F 55 -2.53 20.50 -30.60
CA VAL F 55 -2.14 20.99 -29.29
C VAL F 55 -2.01 19.83 -28.33
N ILE F 56 -0.88 19.73 -27.69
CA ILE F 56 -0.60 18.70 -26.68
C ILE F 56 -0.76 19.34 -25.30
N ILE F 57 -1.42 18.63 -24.40
CA ILE F 57 -1.49 19.01 -23.00
C ILE F 57 -0.81 17.91 -22.20
N GLU F 58 0.18 18.26 -21.38
CA GLU F 58 0.83 17.30 -20.49
C GLU F 58 0.65 17.75 -19.06
N ASN F 59 0.52 16.78 -18.15
CA ASN F 59 0.51 17.04 -16.71
C ASN F 59 1.85 16.63 -16.15
N LYS F 60 2.58 17.60 -15.61
CA LYS F 60 3.90 17.39 -15.03
C LYS F 60 3.86 17.86 -13.58
N PRO F 61 3.27 17.09 -12.68
CA PRO F 61 3.15 17.53 -11.28
C PRO F 61 4.46 17.41 -10.52
N GLY F 62 4.52 18.09 -9.38
CA GLY F 62 5.65 17.96 -8.48
C GLY F 62 6.15 19.27 -7.91
N ALA F 63 6.43 19.30 -6.60
CA ALA F 63 7.04 20.42 -5.92
C ALA F 63 6.33 21.74 -6.20
N GLY F 64 5.05 21.79 -5.83
CA GLY F 64 4.26 22.99 -5.95
C GLY F 64 4.21 23.61 -7.33
N GLY F 65 4.44 22.81 -8.36
CA GLY F 65 4.47 23.29 -9.72
C GLY F 65 5.86 23.54 -10.29
N ASN F 66 6.92 23.44 -9.46
CA ASN F 66 8.24 23.86 -9.91
C ASN F 66 8.86 22.86 -10.88
N ILE F 67 8.47 21.59 -10.78
CA ILE F 67 9.03 20.59 -11.70
C ILE F 67 8.57 20.88 -13.12
N GLY F 68 7.24 20.94 -13.30
CA GLY F 68 6.69 21.29 -14.59
C GLY F 68 7.10 22.66 -15.06
N ALA F 69 7.12 23.64 -14.15
CA ALA F 69 7.57 24.99 -14.51
C ALA F 69 8.97 24.97 -15.10
N ASP F 70 9.90 24.26 -14.44
CA ASP F 70 11.29 24.22 -14.91
C ASP F 70 11.38 23.66 -16.32
N LEU F 71 10.49 22.71 -16.67
CA LEU F 71 10.57 22.10 -17.98
C LEU F 71 10.16 23.05 -19.07
N VAL F 72 9.29 24.03 -18.78
CA VAL F 72 8.93 25.01 -19.79
C VAL F 72 9.93 26.17 -19.78
N PHE F 73 10.36 26.58 -18.60
CA PHE F 73 11.34 27.66 -18.48
C PHE F 73 12.59 27.40 -19.28
N ARG F 74 12.98 26.12 -19.41
CA ARG F 74 14.16 25.71 -20.20
C ARG F 74 13.89 25.38 -21.66
N ALA F 75 12.63 25.39 -22.11
CA ALA F 75 12.29 25.07 -23.48
C ALA F 75 12.58 26.24 -24.42
N PRO F 76 12.68 25.99 -25.73
CA PRO F 76 12.95 27.08 -26.68
C PRO F 76 11.90 28.18 -26.61
N PRO F 77 12.32 29.47 -26.68
CA PRO F 77 11.35 30.59 -26.63
C PRO F 77 10.73 30.90 -27.99
N ASP F 78 10.17 29.87 -28.63
CA ASP F 78 9.51 30.04 -29.92
C ASP F 78 7.99 30.10 -29.79
N GLY F 79 7.47 30.06 -28.58
CA GLY F 79 6.03 30.02 -28.41
C GLY F 79 5.37 28.68 -28.70
N MET F 80 6.16 27.62 -28.96
CA MET F 80 5.57 26.30 -29.16
C MET F 80 5.55 25.46 -27.90
N THR F 81 6.04 26.02 -26.79
CA THR F 81 5.95 25.40 -25.47
C THR F 81 5.59 26.48 -24.46
N VAL F 82 4.47 26.31 -23.72
CA VAL F 82 4.03 27.28 -22.74
C VAL F 82 3.58 26.56 -21.49
N LEU F 83 3.50 27.29 -20.40
CA LEU F 83 3.10 26.74 -19.10
C LEU F 83 1.74 27.35 -18.78
N ALA F 84 0.77 26.52 -18.43
CA ALA F 84 -0.53 26.95 -17.92
C ALA F 84 -0.66 26.51 -16.47
N SER F 85 -0.70 27.47 -15.55
CA SER F 85 -0.55 27.12 -14.13
C SER F 85 -1.29 28.08 -13.22
N PRO F 86 -1.77 27.61 -12.06
CA PRO F 86 -2.13 28.54 -10.98
C PRO F 86 -0.91 29.29 -10.45
N PRO F 87 -1.08 30.14 -9.43
CA PRO F 87 -0.04 31.16 -9.16
C PRO F 87 1.31 30.65 -8.66
N GLY F 88 1.37 29.47 -8.03
CA GLY F 88 2.59 28.96 -7.44
C GLY F 88 3.87 29.33 -8.17
N PRO F 89 4.13 28.71 -9.31
CA PRO F 89 5.37 28.99 -10.03
C PRO F 89 5.34 30.24 -10.90
N ILE F 90 4.27 31.03 -10.81
CA ILE F 90 4.12 32.25 -11.55
C ILE F 90 4.42 33.47 -10.69
N ALA F 91 3.94 33.47 -9.46
CA ALA F 91 4.01 34.68 -8.63
C ALA F 91 4.35 34.49 -7.16
N ILE F 92 4.54 33.26 -6.70
CA ILE F 92 4.59 32.94 -5.29
C ILE F 92 5.92 32.30 -4.91
N ASN F 93 6.31 31.25 -5.63
CA ASN F 93 7.23 30.25 -5.09
C ASN F 93 8.65 30.78 -4.93
N HIS F 94 9.04 31.81 -5.69
CA HIS F 94 10.37 32.37 -5.48
C HIS F 94 10.44 33.19 -4.20
N ASN F 95 9.32 33.55 -3.59
CA ASN F 95 9.29 34.21 -2.29
C ASN F 95 8.89 33.25 -1.18
N LEU F 96 8.63 31.99 -1.50
CA LEU F 96 8.28 30.98 -0.52
C LEU F 96 9.36 29.94 -0.37
N TYR F 97 9.90 29.42 -1.48
CA TYR F 97 11.00 28.48 -1.47
C TYR F 97 12.31 29.24 -1.32
N GLN F 98 13.31 28.55 -0.75
CA GLN F 98 14.62 29.16 -0.57
C GLN F 98 15.33 29.33 -1.90
N LYS F 99 15.43 28.25 -2.68
CA LYS F 99 16.12 28.28 -3.96
C LYS F 99 15.25 27.63 -5.02
N LEU F 100 15.10 28.31 -6.16
CA LEU F 100 14.41 27.78 -7.32
C LEU F 100 15.40 27.70 -8.45
N SER F 101 15.15 26.78 -9.38
CA SER F 101 15.96 26.65 -10.58
C SER F 101 15.59 27.66 -11.66
N PHE F 102 14.65 28.57 -11.37
CA PHE F 102 14.13 29.51 -12.37
C PHE F 102 13.63 30.75 -11.65
N ASP F 103 13.61 31.84 -12.38
CA ASP F 103 13.16 33.11 -11.82
C ASP F 103 11.81 33.46 -12.43
N PRO F 104 10.70 33.34 -11.68
CA PRO F 104 9.37 33.61 -12.29
C PRO F 104 9.23 35.02 -12.81
N THR F 105 10.09 35.96 -12.38
CA THR F 105 10.03 37.32 -12.92
C THR F 105 10.51 37.41 -14.37
N ARG F 106 11.18 36.37 -14.88
CA ARG F 106 11.60 36.33 -16.28
C ARG F 106 10.63 35.60 -17.21
N TRP F 107 9.54 35.05 -16.70
CA TRP F 107 8.50 34.52 -17.59
C TRP F 107 8.07 35.59 -18.58
N VAL F 108 7.72 35.18 -19.80
CA VAL F 108 7.06 36.05 -20.76
C VAL F 108 5.54 35.83 -20.64
N PRO F 109 4.80 36.78 -20.07
CA PRO F 109 3.36 36.54 -19.89
C PRO F 109 2.61 36.51 -21.20
N VAL F 110 1.62 35.64 -21.25
CA VAL F 110 0.77 35.53 -22.43
C VAL F 110 -0.61 36.08 -22.06
N THR F 111 -1.32 35.39 -21.17
CA THR F 111 -2.61 35.89 -20.74
C THR F 111 -3.00 35.29 -19.39
N ILE F 112 -4.11 35.77 -18.87
CA ILE F 112 -4.75 35.19 -17.71
C ILE F 112 -6.00 34.49 -18.23
N LEU F 113 -6.07 33.17 -18.04
CA LEU F 113 -7.24 32.44 -18.50
C LEU F 113 -8.46 32.77 -17.64
N ALA F 114 -8.33 32.73 -16.33
CA ALA F 114 -9.49 32.83 -15.45
C ALA F 114 -9.03 33.06 -14.02
N THR F 115 -10.01 33.36 -13.17
CA THR F 115 -9.84 33.51 -11.74
C THR F 115 -10.93 32.70 -11.06
N VAL F 116 -10.57 32.12 -9.92
CA VAL F 116 -11.52 31.46 -9.02
C VAL F 116 -11.34 32.08 -7.64
N PRO F 117 -12.40 32.57 -7.00
CA PRO F 117 -12.20 33.27 -5.72
C PRO F 117 -12.15 32.34 -4.51
N ASN F 118 -11.42 32.78 -3.50
CA ASN F 118 -11.42 32.17 -2.17
C ASN F 118 -12.40 32.89 -1.27
N VAL F 119 -12.84 32.18 -0.23
CA VAL F 119 -13.95 32.61 0.59
C VAL F 119 -13.67 32.30 2.06
N LEU F 120 -14.34 33.05 2.94
CA LEU F 120 -14.29 32.78 4.37
C LEU F 120 -15.38 31.77 4.76
N VAL F 121 -14.95 30.59 5.23
CA VAL F 121 -15.86 29.50 5.59
C VAL F 121 -15.67 29.27 7.08
N ILE F 122 -16.77 29.12 7.82
CA ILE F 122 -16.71 28.88 9.25
C ILE F 122 -17.52 27.65 9.63
N ASN F 123 -17.16 27.07 10.76
CA ASN F 123 -18.04 26.10 11.41
C ASN F 123 -19.34 26.77 11.86
N PRO F 124 -20.52 26.17 11.61
CA PRO F 124 -21.78 26.88 11.89
C PRO F 124 -22.04 27.15 13.36
N LYS F 125 -21.39 26.44 14.27
CA LYS F 125 -21.64 26.70 15.69
C LYS F 125 -20.95 27.94 16.21
N LEU F 126 -20.06 28.55 15.44
CA LEU F 126 -19.49 29.83 15.86
C LEU F 126 -20.63 30.82 16.08
N PRO F 127 -20.64 31.55 17.22
CA PRO F 127 -21.73 32.48 17.54
C PRO F 127 -21.66 33.80 16.78
N VAL F 128 -21.46 33.71 15.47
CA VAL F 128 -21.39 34.87 14.59
C VAL F 128 -22.23 34.60 13.36
N LYS F 129 -22.92 35.64 12.88
CA LYS F 129 -23.86 35.52 11.79
C LYS F 129 -23.35 36.15 10.51
N SER F 130 -22.39 37.07 10.58
CA SER F 130 -21.92 37.81 9.43
C SER F 130 -20.41 37.98 9.52
N LEU F 131 -19.81 38.47 8.42
CA LEU F 131 -18.39 38.79 8.43
C LEU F 131 -18.07 39.80 9.52
N GLY F 132 -18.88 40.87 9.62
CA GLY F 132 -18.64 41.87 10.63
C GLY F 132 -18.59 41.28 12.02
N GLU F 133 -19.59 40.47 12.35
CA GLU F 133 -19.63 39.83 13.66
C GLU F 133 -18.46 38.87 13.86
N PHE F 134 -18.04 38.19 12.79
CA PHE F 134 -16.88 37.32 12.91
C PHE F 134 -15.62 38.11 13.22
N ILE F 135 -15.37 39.19 12.45
CA ILE F 135 -14.18 39.99 12.71
C ILE F 135 -14.18 40.52 14.13
N ALA F 136 -15.32 41.04 14.60
CA ALA F 136 -15.41 41.50 15.98
C ALA F 136 -15.13 40.38 16.98
N TYR F 137 -15.65 39.18 16.70
CA TYR F 137 -15.46 38.04 17.61
C TYR F 137 -14.00 37.65 17.73
N ALA F 138 -13.29 37.60 16.59
CA ALA F 138 -11.87 37.30 16.61
C ALA F 138 -11.08 38.40 17.35
N LYS F 139 -11.46 39.65 17.16
CA LYS F 139 -10.82 40.75 17.87
C LYS F 139 -11.00 40.61 19.37
N ALA F 140 -12.20 40.24 19.82
CA ALA F 140 -12.48 40.17 21.24
C ALA F 140 -11.85 38.97 21.90
N ASN F 141 -11.42 37.97 21.11
CA ASN F 141 -10.81 36.75 21.64
C ASN F 141 -9.60 36.40 20.80
N PRO F 142 -8.54 37.22 20.89
CA PRO F 142 -7.35 36.98 20.08
C PRO F 142 -6.82 35.56 20.26
N LYS F 143 -6.52 34.91 19.13
CA LYS F 143 -5.92 33.57 19.02
C LYS F 143 -6.82 32.44 19.46
N LYS F 144 -8.05 32.73 19.91
CA LYS F 144 -8.99 31.70 20.31
C LYS F 144 -9.71 31.05 19.14
N VAL F 145 -9.85 31.75 18.02
CA VAL F 145 -10.44 31.19 16.81
C VAL F 145 -9.35 30.51 16.00
N THR F 146 -9.53 29.23 15.69
CA THR F 146 -8.55 28.47 14.94
C THR F 146 -8.88 28.43 13.45
N VAL F 147 -7.84 28.43 12.60
CA VAL F 147 -8.03 28.48 11.16
C VAL F 147 -7.25 27.34 10.52
N ALA F 148 -7.90 26.62 9.61
CA ALA F 148 -7.27 25.51 8.91
C ALA F 148 -6.50 25.98 7.68
N THR F 149 -5.39 25.31 7.40
CA THR F 149 -4.59 25.60 6.22
C THR F 149 -4.14 24.27 5.64
N GLN F 150 -3.52 24.34 4.47
CA GLN F 150 -2.80 23.23 3.87
C GLN F 150 -1.29 23.41 3.97
N GLY F 151 -0.83 24.08 5.03
CA GLY F 151 0.58 24.27 5.24
C GLY F 151 1.01 25.67 4.88
N ASP F 152 2.15 26.08 5.45
CA ASP F 152 2.70 27.38 5.13
C ASP F 152 2.92 27.50 3.63
N GLY F 153 2.50 28.61 3.06
CA GLY F 153 2.64 28.86 1.64
C GLY F 153 1.44 28.48 0.80
N SER F 154 0.54 27.65 1.35
CA SER F 154 -0.65 27.26 0.63
C SER F 154 -1.57 28.45 0.48
N THR F 155 -2.48 28.34 -0.51
CA THR F 155 -3.42 29.42 -0.78
C THR F 155 -4.29 29.70 0.43
N SER F 156 -4.75 28.64 1.11
CA SER F 156 -5.58 28.83 2.29
C SER F 156 -4.77 29.49 3.41
N HIS F 157 -3.47 29.25 3.47
CA HIS F 157 -2.64 29.90 4.47
C HIS F 157 -2.41 31.36 4.15
N LEU F 158 -2.00 31.66 2.91
CA LEU F 158 -1.73 33.03 2.49
C LEU F 158 -2.98 33.88 2.57
N THR F 159 -4.11 33.33 2.12
CA THR F 159 -5.39 34.06 2.25
C THR F 159 -5.74 34.33 3.71
N ALA F 160 -5.51 33.36 4.59
CA ALA F 160 -5.80 33.58 6.00
C ALA F 160 -4.85 34.63 6.59
N ALA F 161 -3.60 34.63 6.14
CA ALA F 161 -2.63 35.61 6.63
C ALA F 161 -3.00 37.00 6.16
N MET F 162 -3.37 37.16 4.89
CA MET F 162 -3.87 38.44 4.39
C MET F 162 -5.02 38.94 5.23
N PHE F 163 -5.98 38.06 5.50
CA PHE F 163 -7.14 38.42 6.33
C PHE F 163 -6.67 38.92 7.68
N MET F 164 -5.77 38.18 8.32
CA MET F 164 -5.29 38.61 9.62
C MET F 164 -4.64 39.98 9.53
N GLN F 165 -3.73 40.19 8.55
CA GLN F 165 -2.99 41.44 8.46
C GLN F 165 -3.93 42.60 8.16
N LEU F 166 -4.98 42.36 7.36
CA LEU F 166 -5.90 43.44 7.01
C LEU F 166 -6.80 43.82 8.17
N THR F 167 -7.38 42.83 8.86
CA THR F 167 -8.37 43.10 9.89
C THR F 167 -7.75 43.23 11.28
N GLY F 168 -6.42 43.16 11.39
CA GLY F 168 -5.77 43.09 12.67
C GLY F 168 -6.36 42.06 13.61
N THR F 169 -6.57 40.82 13.13
CA THR F 169 -6.99 39.72 13.97
C THR F 169 -5.89 38.67 14.06
N GLU F 170 -6.03 37.77 15.03
CA GLU F 170 -5.03 36.73 15.28
C GLU F 170 -5.78 35.41 15.37
N LEU F 171 -5.47 34.51 14.45
CA LEU F 171 -6.06 33.18 14.40
C LEU F 171 -4.97 32.15 14.65
N THR F 172 -5.30 31.08 15.36
CA THR F 172 -4.35 30.00 15.63
C THR F 172 -4.42 29.00 14.47
N VAL F 173 -3.28 28.74 13.86
CA VAL F 173 -3.19 28.04 12.59
C VAL F 173 -3.03 26.55 12.83
N ILE F 174 -3.93 25.76 12.25
CA ILE F 174 -3.90 24.29 12.31
C ILE F 174 -3.70 23.80 10.89
N PRO F 175 -2.54 23.21 10.54
CA PRO F 175 -2.31 22.74 9.17
C PRO F 175 -2.85 21.35 8.90
N TYR F 176 -3.22 21.15 7.63
CA TYR F 176 -3.78 19.89 7.17
C TYR F 176 -3.07 19.44 5.89
N LYS F 177 -3.17 18.13 5.63
CA LYS F 177 -2.48 17.54 4.48
C LYS F 177 -3.19 17.83 3.17
N GLY F 178 -4.47 18.21 3.24
CA GLY F 178 -5.22 18.51 2.04
C GLY F 178 -6.55 19.14 2.40
N THR F 179 -7.36 19.40 1.38
CA THR F 179 -8.68 19.99 1.59
C THR F 179 -9.64 19.04 2.31
N ALA F 180 -9.63 17.76 1.94
CA ALA F 180 -10.64 16.86 2.48
C ALA F 180 -10.56 16.77 4.00
N PRO F 181 -9.39 16.56 4.62
CA PRO F 181 -9.37 16.48 6.09
C PRO F 181 -9.62 17.83 6.77
N ALA F 182 -9.21 18.92 6.15
CA ALA F 182 -9.57 20.23 6.68
C ALA F 182 -11.08 20.39 6.77
N LEU F 183 -11.80 20.02 5.70
CA LEU F 183 -13.25 20.18 5.67
C LEU F 183 -13.92 19.26 6.66
N ILE F 184 -13.40 18.04 6.81
CA ILE F 184 -13.89 17.12 7.84
C ILE F 184 -13.85 17.80 9.21
N ASP F 185 -12.71 18.40 9.54
CA ASP F 185 -12.54 19.02 10.86
C ASP F 185 -13.33 20.30 10.97
N LEU F 186 -13.45 21.05 9.87
CA LEU F 186 -14.30 22.24 9.91
C LEU F 186 -15.75 21.87 10.15
N ILE F 187 -16.25 20.85 9.47
CA ILE F 187 -17.63 20.41 9.66
C ILE F 187 -17.81 19.83 11.04
N GLY F 188 -16.80 19.15 11.57
CA GLY F 188 -16.91 18.52 12.87
C GLY F 188 -16.62 19.41 14.06
N GLY F 189 -16.29 20.68 13.83
CA GLY F 189 -16.07 21.61 14.92
C GLY F 189 -14.73 21.52 15.58
N ASN F 190 -13.77 20.81 14.96
CA ASN F 190 -12.41 20.71 15.45
C ASN F 190 -11.51 21.84 14.98
N VAL F 191 -11.95 22.61 13.98
CA VAL F 191 -11.31 23.84 13.57
C VAL F 191 -12.45 24.80 13.22
N ASP F 192 -12.22 26.09 13.41
CA ASP F 192 -13.28 27.08 13.39
C ASP F 192 -13.50 27.74 12.04
N VAL F 193 -12.44 27.97 11.25
CA VAL F 193 -12.49 28.80 10.05
C VAL F 193 -11.57 28.15 9.02
N PHE F 194 -11.86 28.44 7.73
CA PHE F 194 -11.09 27.91 6.62
C PHE F 194 -11.30 28.80 5.41
N PHE F 195 -10.22 29.26 4.81
CA PHE F 195 -10.30 30.11 3.63
C PHE F 195 -10.14 29.23 2.39
N ASP F 196 -11.26 28.67 1.96
CA ASP F 196 -11.32 27.72 0.86
C ASP F 196 -11.61 28.45 -0.44
N ASN F 197 -11.55 27.71 -1.55
CA ASN F 197 -12.05 28.25 -2.82
C ASN F 197 -13.53 27.93 -2.93
N ILE F 198 -14.26 28.78 -3.66
CA ILE F 198 -15.73 28.70 -3.61
C ILE F 198 -16.23 27.35 -4.14
N SER F 199 -15.55 26.80 -5.13
CA SER F 199 -16.03 25.56 -5.73
C SER F 199 -16.01 24.42 -4.74
N SER F 200 -14.99 24.39 -3.86
CA SER F 200 -14.81 23.29 -2.93
C SER F 200 -15.86 23.30 -1.82
N SER F 201 -16.17 24.47 -1.28
CA SER F 201 -17.05 24.55 -0.11
C SER F 201 -18.54 24.72 -0.46
N ALA F 202 -18.90 25.00 -1.71
CA ALA F 202 -20.25 25.45 -1.99
C ALA F 202 -21.27 24.41 -1.54
N THR F 203 -21.01 23.13 -1.85
CA THR F 203 -21.98 22.08 -1.55
C THR F 203 -22.17 21.94 -0.05
N TYR F 204 -21.11 22.15 0.74
CA TYR F 204 -21.25 22.02 2.18
C TYR F 204 -21.99 23.21 2.78
N HIS F 205 -21.80 24.41 2.22
CA HIS F 205 -22.61 25.56 2.59
C HIS F 205 -24.08 25.31 2.29
N GLN F 206 -24.37 24.77 1.10
CA GLN F 206 -25.76 24.54 0.74
C GLN F 206 -26.41 23.51 1.67
N ALA F 207 -25.62 22.59 2.20
CA ALA F 207 -26.13 21.57 3.10
C ALA F 207 -26.16 22.02 4.54
N GLY F 208 -25.79 23.26 4.82
CA GLY F 208 -25.73 23.72 6.19
C GLY F 208 -24.54 23.20 7.00
N LYS F 209 -23.59 22.49 6.39
CA LYS F 209 -22.51 21.87 7.15
C LYS F 209 -21.46 22.89 7.54
N VAL F 210 -21.36 23.97 6.78
CA VAL F 210 -20.49 25.11 7.01
C VAL F 210 -21.28 26.35 6.61
N ARG F 211 -20.70 27.52 6.90
CA ARG F 211 -21.27 28.79 6.45
C ARG F 211 -20.18 29.66 5.83
N ILE F 212 -20.36 30.02 4.58
CA ILE F 212 -19.46 30.91 3.88
C ILE F 212 -19.94 32.33 4.13
N LEU F 213 -19.06 33.16 4.70
CA LEU F 213 -19.47 34.47 5.16
C LEU F 213 -19.20 35.55 4.12
N ALA F 214 -18.19 35.36 3.27
CA ALA F 214 -17.80 36.43 2.35
C ALA F 214 -16.89 35.88 1.26
N VAL F 215 -17.03 36.40 0.06
CA VAL F 215 -16.20 36.01 -1.07
C VAL F 215 -15.17 37.09 -1.28
N ALA F 216 -13.90 36.70 -1.41
CA ALA F 216 -12.80 37.66 -1.51
C ALA F 216 -12.54 38.00 -2.98
N ASP F 217 -13.51 38.66 -3.58
CA ASP F 217 -13.44 38.98 -5.01
C ASP F 217 -14.15 40.30 -5.26
N GLU F 218 -14.01 40.78 -6.52
CA GLU F 218 -14.66 42.06 -6.88
C GLU F 218 -16.17 41.93 -7.03
N GLN F 219 -16.65 40.74 -7.39
CA GLN F 219 -18.08 40.50 -7.59
C GLN F 219 -18.47 39.18 -6.95
N ARG F 220 -19.78 39.00 -6.75
CA ARG F 220 -20.26 37.74 -6.20
C ARG F 220 -20.05 36.57 -7.17
N SER F 221 -20.02 35.37 -6.63
CA SER F 221 -19.87 34.18 -7.46
C SER F 221 -21.27 33.64 -7.79
N GLN F 222 -21.50 33.32 -9.06
CA GLN F 222 -22.83 32.82 -9.43
C GLN F 222 -23.11 31.41 -8.94
N ILE F 223 -22.11 30.69 -8.41
CA ILE F 223 -22.42 29.43 -7.75
C ILE F 223 -23.29 29.68 -6.51
N LEU F 224 -23.06 30.79 -5.81
CA LEU F 224 -23.81 31.11 -4.59
C LEU F 224 -24.14 32.58 -4.70
N PRO F 225 -25.15 32.93 -5.50
CA PRO F 225 -25.45 34.36 -5.76
C PRO F 225 -25.78 35.18 -4.51
N GLN F 226 -26.21 34.54 -3.43
CA GLN F 226 -26.61 35.26 -2.22
C GLN F 226 -25.47 35.51 -1.24
N VAL F 227 -24.27 34.99 -1.51
CA VAL F 227 -23.13 35.17 -0.60
C VAL F 227 -22.42 36.48 -0.95
N PRO F 228 -22.34 37.45 -0.05
CA PRO F 228 -21.72 38.74 -0.40
C PRO F 228 -20.19 38.66 -0.47
N THR F 229 -19.62 39.64 -1.16
CA THR F 229 -18.19 39.80 -1.19
C THR F 229 -17.68 40.51 0.06
N PHE F 230 -16.38 40.35 0.35
CA PHE F 230 -15.73 41.24 1.30
C PHE F 230 -15.95 42.72 0.94
N ALA F 231 -15.80 43.07 -0.34
CA ALA F 231 -16.00 44.45 -0.78
C ALA F 231 -17.35 44.99 -0.36
N GLU F 232 -18.42 44.24 -0.60
CA GLU F 232 -19.76 44.72 -0.26
C GLU F 232 -19.87 45.09 1.21
N GLN F 233 -19.07 44.46 2.07
CA GLN F 233 -19.14 44.60 3.52
C GLN F 233 -18.00 45.42 4.07
N GLN F 234 -17.50 46.38 3.27
CA GLN F 234 -16.51 47.39 3.65
C GLN F 234 -15.10 46.87 3.82
N TRP F 235 -14.74 45.81 3.08
CA TRP F 235 -13.37 45.30 3.07
C TRP F 235 -12.91 45.04 1.63
N PRO F 236 -12.86 46.09 0.80
CA PRO F 236 -12.46 45.89 -0.60
C PRO F 236 -11.04 45.43 -0.76
N ALA F 237 -10.17 45.71 0.19
CA ALA F 237 -8.79 45.27 0.08
C ALA F 237 -8.66 43.75 0.14
N MET F 238 -9.67 43.04 0.65
CA MET F 238 -9.60 41.57 0.76
C MET F 238 -9.94 41.00 -0.63
N GLN F 239 -8.91 40.95 -1.47
N GLN F 239 -8.91 40.92 -1.46
CA GLN F 239 -9.00 40.42 -2.82
CA GLN F 239 -9.00 40.42 -2.83
C GLN F 239 -8.02 39.25 -2.90
C GLN F 239 -8.03 39.26 -2.93
N ALA F 240 -8.56 38.03 -2.98
CA ALA F 240 -7.75 36.81 -2.91
C ALA F 240 -8.33 35.75 -3.84
N VAL F 241 -7.81 35.67 -5.06
CA VAL F 241 -8.31 34.72 -6.04
C VAL F 241 -7.13 33.86 -6.50
N THR F 242 -7.47 32.65 -6.93
CA THR F 242 -6.55 31.78 -7.63
C THR F 242 -6.68 32.11 -9.09
N PHE F 243 -5.64 32.70 -9.68
CA PHE F 243 -5.67 33.06 -11.09
C PHE F 243 -4.85 32.03 -11.86
N PHE F 244 -5.29 31.72 -13.06
CA PHE F 244 -4.66 30.72 -13.91
C PHE F 244 -4.04 31.42 -15.12
N SER F 245 -2.72 31.29 -15.27
CA SER F 245 -1.89 32.03 -16.21
C SER F 245 -1.33 31.13 -17.30
N VAL F 246 -1.06 31.74 -18.44
CA VAL F 246 -0.25 31.14 -19.48
C VAL F 246 1.01 32.00 -19.63
N VAL F 247 2.18 31.39 -19.45
CA VAL F 247 3.47 32.06 -19.63
C VAL F 247 4.34 31.25 -20.58
N ALA F 248 5.26 31.96 -21.24
CA ALA F 248 6.19 31.39 -22.20
C ALA F 248 7.64 31.59 -21.75
N PRO F 249 8.58 30.79 -22.28
CA PRO F 249 9.95 30.83 -21.79
C PRO F 249 10.59 32.19 -21.94
N PRO F 250 11.57 32.53 -21.09
CA PRO F 250 12.33 33.78 -21.28
C PRO F 250 12.90 33.91 -22.68
N GLY F 251 12.78 35.09 -23.26
CA GLY F 251 13.19 35.30 -24.62
C GLY F 251 12.11 35.17 -25.65
N THR F 252 10.88 34.82 -25.26
CA THR F 252 9.80 34.72 -26.23
C THR F 252 9.39 36.12 -26.67
N SER F 253 9.35 36.35 -27.97
CA SER F 253 9.07 37.69 -28.48
C SER F 253 7.70 38.17 -28.05
N ALA F 254 7.58 39.49 -27.93
CA ALA F 254 6.29 40.11 -27.64
C ALA F 254 5.27 39.75 -28.71
N GLU F 255 5.71 39.67 -29.96
CA GLU F 255 4.82 39.36 -31.06
C GLU F 255 4.26 37.94 -30.95
N ILE F 256 5.13 36.99 -30.60
CA ILE F 256 4.70 35.60 -30.47
C ILE F 256 3.73 35.45 -29.30
N ALA F 257 4.05 36.08 -28.15
CA ALA F 257 3.15 36.04 -27.00
C ALA F 257 1.80 36.67 -27.33
N GLN F 258 1.82 37.79 -28.06
CA GLN F 258 0.59 38.47 -28.46
C GLN F 258 -0.24 37.57 -29.37
N LYS F 259 0.40 36.92 -30.32
CA LYS F 259 -0.38 36.06 -31.23
C LYS F 259 -1.14 34.96 -30.49
N LEU F 260 -0.50 34.34 -29.49
CA LEU F 260 -1.13 33.25 -28.76
C LEU F 260 -2.21 33.77 -27.83
N GLN F 261 -2.01 34.96 -27.24
CA GLN F 261 -3.02 35.54 -26.37
C GLN F 261 -4.30 35.85 -27.12
N LYS F 262 -4.18 36.37 -28.35
CA LYS F 262 -5.35 36.66 -29.18
C LYS F 262 -6.12 35.40 -29.56
N GLN F 263 -5.41 34.32 -29.86
CA GLN F 263 -6.07 33.02 -30.09
C GLN F 263 -6.83 32.59 -28.85
N MET F 264 -6.18 32.64 -27.67
CA MET F 264 -6.84 32.21 -26.46
C MET F 264 -7.96 33.19 -26.04
N ALA F 265 -7.79 34.48 -26.36
CA ALA F 265 -8.88 35.42 -26.07
C ALA F 265 -10.14 35.06 -26.88
N LEU F 266 -9.97 34.76 -28.15
CA LEU F 266 -11.11 34.35 -28.95
C LEU F 266 -11.77 33.10 -28.36
N ALA F 267 -10.96 32.11 -27.99
CA ALA F 267 -11.50 30.90 -27.38
C ALA F 267 -12.26 31.20 -26.12
N LEU F 268 -11.74 32.13 -25.32
CA LEU F 268 -12.33 32.47 -24.03
C LEU F 268 -13.62 33.27 -24.14
N SER F 269 -13.95 33.80 -25.32
CA SER F 269 -15.14 34.62 -25.52
C SER F 269 -16.38 33.81 -25.86
N SER F 270 -16.22 32.54 -26.18
CA SER F 270 -17.36 31.71 -26.51
C SER F 270 -18.22 31.45 -25.29
N ASN F 271 -19.50 31.14 -25.56
CA ASN F 271 -20.46 31.01 -24.47
C ASN F 271 -20.39 29.66 -23.77
N ASP F 272 -20.01 28.60 -24.49
CA ASP F 272 -19.85 27.31 -23.84
C ASP F 272 -18.62 27.30 -22.92
N ILE F 273 -17.53 27.93 -23.34
CA ILE F 273 -16.36 28.11 -22.49
C ILE F 273 -16.74 28.85 -21.23
N ARG F 274 -17.54 29.91 -21.36
CA ARG F 274 -17.99 30.65 -20.17
C ARG F 274 -18.66 29.71 -19.18
N LYS F 275 -19.60 28.88 -19.66
CA LYS F 275 -20.37 28.02 -18.76
C LYS F 275 -19.48 26.96 -18.12
N HIS F 276 -18.62 26.30 -18.91
CA HIS F 276 -17.73 25.30 -18.36
C HIS F 276 -16.79 25.91 -17.32
N PHE F 277 -16.31 27.15 -17.56
CA PHE F 277 -15.47 27.81 -16.57
C PHE F 277 -16.27 28.06 -15.29
N GLN F 278 -17.50 28.55 -15.44
CA GLN F 278 -18.33 28.81 -14.26
C GLN F 278 -18.58 27.54 -13.48
N GLU F 279 -18.71 26.40 -14.14
CA GLU F 279 -18.93 25.14 -13.42
C GLU F 279 -17.77 24.77 -12.51
N GLN F 280 -16.59 25.27 -12.80
CA GLN F 280 -15.40 25.16 -11.98
C GLN F 280 -15.28 26.31 -10.98
N GLY F 281 -16.24 27.26 -10.96
CA GLY F 281 -16.12 28.43 -10.13
C GLY F 281 -15.29 29.52 -10.72
N ALA F 282 -14.92 29.39 -11.99
CA ALA F 282 -13.98 30.29 -12.65
C ALA F 282 -14.73 31.23 -13.57
N VAL F 283 -14.17 32.44 -13.68
CA VAL F 283 -14.62 33.46 -14.62
C VAL F 283 -13.53 33.69 -15.63
N PRO F 284 -13.82 33.67 -16.93
CA PRO F 284 -12.75 33.87 -17.91
C PRO F 284 -12.24 35.31 -17.92
N CYS F 285 -10.94 35.47 -18.25
CA CYS F 285 -10.34 36.79 -18.38
C CYS F 285 -9.84 37.05 -19.79
N GLY F 286 -8.70 36.51 -20.15
CA GLY F 286 -8.20 36.66 -21.50
C GLY F 286 -7.53 37.99 -21.78
N TRP F 287 -7.07 38.68 -20.73
CA TRP F 287 -6.41 39.97 -20.87
C TRP F 287 -5.18 39.89 -21.80
N ASP F 288 -4.86 41.04 -22.39
CA ASP F 288 -3.71 41.12 -23.29
C ASP F 288 -2.43 40.97 -22.49
N PRO F 289 -1.30 40.74 -23.14
CA PRO F 289 -0.08 40.42 -22.39
C PRO F 289 0.41 41.55 -21.51
N SER F 290 0.13 42.81 -21.87
CA SER F 290 0.58 43.94 -21.06
C SER F 290 -0.25 44.07 -19.79
N LYS F 291 -1.56 43.91 -19.88
CA LYS F 291 -2.37 43.89 -18.68
C LYS F 291 -2.08 42.66 -17.86
N THR F 292 -1.80 41.52 -18.53
CA THR F 292 -1.47 40.29 -17.81
C THR F 292 -0.19 40.47 -16.97
N ALA F 293 0.85 41.05 -17.57
CA ALA F 293 2.10 41.29 -16.84
C ALA F 293 1.90 42.21 -15.64
N GLN F 294 1.11 43.26 -15.82
CA GLN F 294 0.86 44.16 -14.70
C GLN F 294 0.12 43.44 -13.58
N PHE F 295 -0.85 42.60 -13.94
CA PHE F 295 -1.61 41.88 -12.91
C PHE F 295 -0.70 40.94 -12.13
N ILE F 296 0.21 40.26 -12.84
CA ILE F 296 1.08 39.31 -12.16
C ILE F 296 2.07 40.04 -11.25
N ARG F 297 2.56 41.22 -11.70
CA ARG F 297 3.48 41.98 -10.86
C ARG F 297 2.79 42.42 -9.59
N GLN F 298 1.53 42.87 -9.71
CA GLN F 298 0.80 43.32 -8.53
C GLN F 298 0.52 42.17 -7.57
N GLU F 299 0.09 41.02 -8.10
CA GLU F 299 -0.15 39.88 -7.21
C GLU F 299 1.14 39.37 -6.58
N THR F 300 2.22 39.36 -7.35
CA THR F 300 3.51 38.94 -6.80
C THR F 300 3.91 39.81 -5.60
N GLU F 301 3.76 41.14 -5.73
CA GLU F 301 4.06 42.04 -4.62
C GLU F 301 3.10 41.85 -3.44
N LYS F 302 1.80 41.73 -3.74
CA LYS F 302 0.82 41.50 -2.69
C LYS F 302 1.20 40.30 -1.83
N TRP F 303 1.42 39.14 -2.47
CA TRP F 303 1.66 37.91 -1.72
C TRP F 303 3.06 37.87 -1.12
N LYS F 304 4.02 38.53 -1.76
CA LYS F 304 5.33 38.67 -1.14
C LYS F 304 5.24 39.48 0.16
N LYS F 305 4.46 40.56 0.14
CA LYS F 305 4.23 41.32 1.36
C LYS F 305 3.57 40.47 2.44
N VAL F 306 2.57 39.65 2.06
CA VAL F 306 1.86 38.84 3.05
C VAL F 306 2.78 37.77 3.62
N LEU F 307 3.63 37.17 2.79
CA LEU F 307 4.60 36.20 3.28
C LEU F 307 5.58 36.83 4.27
N LYS F 308 6.02 38.07 4.00
N LYS F 308 6.05 38.06 3.97
CA LYS F 308 6.95 38.75 4.91
CA LYS F 308 6.92 38.78 4.89
C LYS F 308 6.34 38.91 6.30
C LYS F 308 6.30 38.86 6.28
N ALA F 309 5.18 39.58 6.38
CA ALA F 309 4.54 39.82 7.67
C ALA F 309 4.19 38.52 8.37
N ALA F 310 3.78 37.50 7.61
CA ALA F 310 3.41 36.23 8.22
C ALA F 310 4.60 35.54 8.88
N ASN F 311 5.74 35.50 8.21
CA ASN F 311 6.90 34.79 8.74
C ASN F 311 7.50 35.45 9.98
N VAL F 312 7.00 36.63 10.36
CA VAL F 312 7.47 37.31 11.58
C VAL F 312 6.43 37.15 12.69
#